data_3ITA
#
_entry.id   3ITA
#
_cell.length_a   56.938
_cell.length_b   185.980
_cell.length_c   83.036
_cell.angle_alpha   90.000
_cell.angle_beta   101.370
_cell.angle_gamma   90.000
#
_symmetry.space_group_name_H-M   'P 1 21 1'
#
loop_
_entity.id
_entity.type
_entity.pdbx_description
1 polymer 'D-alanyl-D-alanine carboxypeptidase dacC'
2 non-polymer '(2R,4S)-2-[(1R)-1-{[(2R)-2-amino-2-phenylacetyl]amino}-2-oxoethyl]-5,5-dimethyl-1,3-thiazolidine-4-carboxylic acid'
3 non-polymer 'SULFATE ION'
4 non-polymer '(2S,5R,6R)-6-{[(2R)-2-AMINO-2-PHENYLETHANOYL]AMINO}-3,3-DIMETHYL-7-OXO-4-THIA-1-AZABICYCLO[3.2.0]HEPTANE-2-CARBOXYLIC ACID'
5 water water
#
_entity_poly.entity_id   1
_entity_poly.type   'polypeptide(L)'
_entity_poly.pdbx_seq_one_letter_code
;MAEQTVEAPSVDARAWILMDYASGKVLAEGNADEKLDPASLTKIMTSYVVGQALKADKIKLTDMVTVGKDAWATGNPALR
GSSVMFLKPGDQVSVADLNKGVIIQSGNDACIALADYVAGSQESFIGLMNGYAKKLGLTNTTFQTVHGLDAPGQFSTARD
MALLGKALIHDVPEEYAIHKEKEFTFNKIRQPNRNRLLWSSNLNVDGMKTGTTAGAGYNLVASATQGDMRLISVVLGAKT
DRIRFNESEKLLTWGFRFFETVTPIKPDATFVTQRVWFGDKSEVNLGAGEAGSVTIPRGQLKNLKASYTLTEPQLTAPLK
KGQVVGTIDFQLNGKSIEQRPLIVMENVEEGG
;
_entity_poly.pdbx_strand_id   A,B,C,D
#
loop_
_chem_comp.id
_chem_comp.type
_chem_comp.name
_chem_comp.formula
AIC non-polymer '(2S,5R,6R)-6-{[(2R)-2-AMINO-2-PHENYLETHANOYL]AMINO}-3,3-DIMETHYL-7-OXO-4-THIA-1-AZABICYCLO[3.2.0]HEPTANE-2-CARBOXYLIC ACID' 'C16 H19 N3 O4 S'
AIX non-polymer '(2R,4S)-2-[(1R)-1-{[(2R)-2-amino-2-phenylacetyl]amino}-2-oxoethyl]-5,5-dimethyl-1,3-thiazolidine-4-carboxylic acid' 'C16 H21 N3 O4 S'
SO4 non-polymer 'SULFATE ION' 'O4 S -2'
#
# COMPACT_ATOMS: atom_id res chain seq x y z
N THR A 5 0.55 29.08 -38.21
CA THR A 5 1.52 29.03 -37.07
C THR A 5 0.78 28.94 -35.73
N VAL A 6 0.07 27.84 -35.50
CA VAL A 6 -0.44 27.50 -34.18
C VAL A 6 0.69 27.07 -33.24
N GLU A 7 0.72 27.60 -32.02
CA GLU A 7 1.84 27.32 -31.11
C GLU A 7 1.83 25.81 -30.79
N ALA A 8 2.96 25.15 -31.00
CA ALA A 8 3.09 23.71 -30.68
C ALA A 8 2.99 23.49 -29.19
N PRO A 9 2.39 22.36 -28.79
CA PRO A 9 2.30 22.07 -27.37
C PRO A 9 3.64 21.70 -26.75
N SER A 10 3.74 21.90 -25.43
CA SER A 10 4.85 21.39 -24.62
C SER A 10 4.64 19.89 -24.42
N VAL A 11 5.71 19.13 -24.54
CA VAL A 11 5.65 17.68 -24.38
C VAL A 11 6.64 17.24 -23.32
N ASP A 12 6.11 16.51 -22.33
CA ASP A 12 6.90 16.08 -21.18
C ASP A 12 7.57 14.73 -21.50
N ALA A 13 8.52 14.74 -22.44
CA ALA A 13 9.30 13.58 -22.86
C ALA A 13 10.63 13.96 -23.48
N ARG A 14 11.49 12.97 -23.69
CA ARG A 14 12.79 13.21 -24.30
C ARG A 14 12.70 13.65 -25.76
N ALA A 15 11.87 12.96 -26.54
CA ALA A 15 11.77 13.26 -27.99
C ALA A 15 10.35 12.95 -28.46
N TRP A 16 9.86 13.64 -29.49
CA TRP A 16 8.54 13.33 -30.02
C TRP A 16 8.40 13.84 -31.44
N ILE A 17 7.39 13.32 -32.11
CA ILE A 17 6.96 13.90 -33.37
C ILE A 17 5.49 13.63 -33.64
N LEU A 18 4.83 14.57 -34.29
CA LEU A 18 3.45 14.39 -34.71
C LEU A 18 3.43 14.67 -36.22
N MET A 19 2.94 13.70 -36.98
CA MET A 19 3.04 13.71 -38.44
C MET A 19 1.72 13.34 -39.08
N ASP A 20 1.31 14.12 -40.09
CA ASP A 20 0.13 13.75 -40.88
C ASP A 20 0.44 12.63 -41.84
N TYR A 21 -0.42 11.63 -41.84
CA TYR A 21 -0.22 10.44 -42.65
C TYR A 21 -0.27 10.78 -44.14
N ALA A 22 -1.23 11.61 -44.56
CA ALA A 22 -1.41 11.81 -46.02
C ALA A 22 -0.42 12.82 -46.61
N SER A 23 -0.15 13.89 -45.88
CA SER A 23 0.76 14.91 -46.39
C SER A 23 2.21 14.75 -45.93
N GLY A 24 2.43 13.98 -44.86
CA GLY A 24 3.76 13.90 -44.26
C GLY A 24 4.14 15.13 -43.44
N LYS A 25 3.22 16.07 -43.30
CA LYS A 25 3.57 17.32 -42.60
C LYS A 25 3.95 17.01 -41.15
N VAL A 26 5.04 17.58 -40.66
CA VAL A 26 5.41 17.43 -39.25
C VAL A 26 4.85 18.57 -38.43
N LEU A 27 3.76 18.31 -37.70
CA LEU A 27 3.00 19.36 -37.05
C LEU A 27 3.68 19.83 -35.78
N ALA A 28 4.43 18.93 -35.15
CA ALA A 28 5.09 19.21 -33.87
C ALA A 28 6.24 18.26 -33.74
N GLU A 29 7.31 18.70 -33.09
CA GLU A 29 8.49 17.86 -32.95
C GLU A 29 9.39 18.36 -31.86
N GLY A 30 10.15 17.41 -31.30
CA GLY A 30 11.12 17.72 -30.29
C GLY A 30 12.20 16.68 -30.34
N ASN A 31 13.45 17.11 -30.54
CA ASN A 31 14.56 16.16 -30.61
C ASN A 31 14.29 14.97 -31.52
N ALA A 32 13.63 15.21 -32.65
CA ALA A 32 13.07 14.12 -33.43
C ALA A 32 14.13 13.35 -34.19
N ASP A 33 15.35 13.87 -34.20
CA ASP A 33 16.42 13.17 -34.88
C ASP A 33 17.46 12.59 -33.95
N GLU A 34 17.23 12.71 -32.64
CA GLU A 34 18.16 12.12 -31.67
C GLU A 34 18.11 10.59 -31.66
N LYS A 35 19.27 9.97 -31.76
CA LYS A 35 19.31 8.52 -31.88
C LYS A 35 19.15 7.84 -30.53
N LEU A 36 18.28 6.83 -30.49
CA LEU A 36 18.03 6.05 -29.28
C LEU A 36 17.89 4.59 -29.70
N ASP A 37 18.15 3.66 -28.81
CA ASP A 37 17.87 2.24 -29.16
C ASP A 37 16.33 2.09 -29.21
N PRO A 38 15.79 1.60 -30.33
CA PRO A 38 14.34 1.49 -30.44
C PRO A 38 13.76 0.36 -29.59
N ALA A 39 14.62 -0.58 -29.18
CA ALA A 39 14.21 -1.70 -28.33
C ALA A 39 12.89 -2.30 -28.86
N SER A 40 11.83 -2.35 -28.07
CA SER A 40 10.62 -3.10 -28.55
C SER A 40 9.99 -2.55 -29.82
N LEU A 41 10.25 -1.29 -30.12
CA LEU A 41 9.66 -0.66 -31.32
C LEU A 41 10.21 -1.28 -32.60
N THR A 42 11.36 -1.97 -32.49
CA THR A 42 11.83 -2.80 -33.57
C THR A 42 10.81 -3.73 -34.18
N LYS A 43 9.89 -4.21 -33.36
CA LYS A 43 8.92 -5.19 -33.82
C LYS A 43 7.89 -4.55 -34.79
N ILE A 44 7.86 -3.22 -34.86
CA ILE A 44 7.15 -2.59 -35.99
C ILE A 44 7.74 -3.03 -37.34
N MET A 45 9.08 -3.01 -37.41
CA MET A 45 9.74 -3.43 -38.64
C MET A 45 9.69 -4.94 -38.82
N THR A 46 9.76 -5.70 -37.73
CA THR A 46 9.55 -7.15 -37.87
C THR A 46 8.23 -7.44 -38.56
N SER A 47 7.18 -6.74 -38.11
CA SER A 47 5.86 -6.97 -38.65
C SER A 47 5.74 -6.44 -40.10
N TYR A 48 6.42 -5.33 -40.39
CA TYR A 48 6.53 -4.85 -41.78
C TYR A 48 7.07 -5.93 -42.72
N VAL A 49 8.18 -6.54 -42.32
CA VAL A 49 8.79 -7.58 -43.14
C VAL A 49 7.85 -8.78 -43.33
N VAL A 50 7.24 -9.25 -42.24
CA VAL A 50 6.35 -10.41 -42.32
C VAL A 50 5.15 -10.04 -43.22
N GLY A 51 4.67 -8.82 -43.02
CA GLY A 51 3.54 -8.31 -43.83
C GLY A 51 3.87 -8.33 -45.31
N GLN A 52 5.11 -7.94 -45.66
CA GLN A 52 5.53 -7.98 -47.06
C GLN A 52 5.61 -9.41 -47.55
N ALA A 53 6.10 -10.32 -46.71
CA ALA A 53 6.14 -11.72 -47.15
C ALA A 53 4.73 -12.25 -47.40
N LEU A 54 3.78 -11.88 -46.54
CA LEU A 54 2.39 -12.31 -46.70
C LEU A 54 1.79 -11.67 -47.97
N LYS A 55 2.05 -10.38 -48.15
CA LYS A 55 1.45 -9.66 -49.29
C LYS A 55 2.00 -10.21 -50.61
N ALA A 56 3.28 -10.59 -50.61
CA ALA A 56 3.85 -11.25 -51.79
C ALA A 56 3.54 -12.75 -51.99
N ASP A 57 2.76 -13.33 -51.09
CA ASP A 57 2.42 -14.77 -51.09
C ASP A 57 3.63 -15.69 -51.09
N LYS A 58 4.65 -15.28 -50.34
CA LYS A 58 5.80 -16.15 -50.10
C LYS A 58 5.55 -17.01 -48.87
N ILE A 59 4.72 -16.49 -47.96
CA ILE A 59 4.17 -17.27 -46.84
C ILE A 59 2.67 -17.03 -46.79
N LYS A 60 1.94 -17.91 -46.11
CA LYS A 60 0.47 -17.82 -45.96
C LYS A 60 0.13 -17.90 -44.50
N LEU A 61 -0.98 -17.28 -44.09
CA LEU A 61 -1.42 -17.29 -42.71
C LEU A 61 -1.59 -18.69 -42.12
N THR A 62 -1.91 -19.63 -43.00
CA THR A 62 -2.30 -20.97 -42.57
C THR A 62 -1.07 -21.91 -42.53
N ASP A 63 0.08 -21.40 -42.95
CA ASP A 63 1.32 -22.20 -43.01
C ASP A 63 1.69 -22.58 -41.59
N MET A 64 2.13 -23.82 -41.37
CA MET A 64 2.55 -24.25 -40.05
C MET A 64 4.07 -24.16 -39.93
N VAL A 65 4.51 -23.51 -38.88
CA VAL A 65 5.92 -23.22 -38.71
C VAL A 65 6.39 -24.15 -37.59
N THR A 66 7.54 -24.78 -37.80
CA THR A 66 8.26 -25.55 -36.76
C THR A 66 9.14 -24.64 -35.94
N VAL A 67 8.86 -24.55 -34.64
CA VAL A 67 9.67 -23.79 -33.69
C VAL A 67 11.05 -24.45 -33.46
N GLY A 68 12.13 -23.66 -33.56
CA GLY A 68 13.48 -24.17 -33.39
C GLY A 68 13.99 -23.92 -32.00
N LYS A 69 15.16 -24.44 -31.67
CA LYS A 69 15.72 -24.22 -30.37
C LYS A 69 16.14 -22.77 -30.14
N ASP A 70 16.32 -22.02 -31.23
CA ASP A 70 16.61 -20.60 -31.07
C ASP A 70 15.38 -19.84 -30.57
N ALA A 71 14.22 -20.50 -30.56
CA ALA A 71 12.98 -19.82 -30.15
C ALA A 71 12.45 -20.15 -28.75
N TRP A 72 13.36 -20.53 -27.84
CA TRP A 72 13.03 -21.26 -26.61
C TRP A 72 13.69 -20.59 -25.38
N ALA A 73 13.00 -20.64 -24.24
CA ALA A 73 13.65 -20.56 -22.91
C ALA A 73 15.12 -21.04 -22.86
N THR A 74 15.30 -22.35 -22.85
CA THR A 74 16.62 -22.99 -22.75
C THR A 74 17.60 -22.52 -23.84
N GLY A 75 17.24 -22.73 -25.10
CA GLY A 75 18.22 -22.78 -26.18
C GLY A 75 18.62 -21.40 -26.70
N ASN A 76 17.95 -20.37 -26.19
CA ASN A 76 18.38 -18.98 -26.40
C ASN A 76 18.34 -18.24 -25.07
N PRO A 77 19.50 -18.10 -24.41
CA PRO A 77 19.63 -17.34 -23.16
C PRO A 77 19.15 -15.88 -23.27
N ALA A 78 19.12 -15.35 -24.49
CA ALA A 78 18.78 -13.94 -24.69
C ALA A 78 17.28 -13.65 -24.53
N LEU A 79 16.45 -14.69 -24.64
CA LEU A 79 15.01 -14.56 -24.38
C LEU A 79 14.67 -14.51 -22.89
N ARG A 80 15.70 -14.64 -22.05
CA ARG A 80 15.52 -14.88 -20.62
C ARG A 80 14.71 -13.75 -19.95
N GLY A 81 13.46 -14.05 -19.62
CA GLY A 81 12.58 -13.08 -18.96
C GLY A 81 12.33 -11.85 -19.81
N SER A 82 12.16 -12.06 -21.11
CA SER A 82 11.49 -11.08 -21.97
C SER A 82 10.07 -11.55 -22.26
N SER A 83 9.26 -10.66 -22.86
CA SER A 83 7.93 -11.06 -23.33
C SER A 83 7.96 -12.21 -24.35
N VAL A 84 7.18 -13.26 -24.06
CA VAL A 84 7.33 -14.55 -24.72
C VAL A 84 5.99 -15.30 -24.83
N MET A 85 5.78 -16.07 -25.91
CA MET A 85 4.60 -16.94 -26.11
C MET A 85 4.76 -18.28 -25.36
N PHE A 86 5.98 -18.57 -24.93
CA PHE A 86 6.33 -19.86 -24.36
C PHE A 86 6.20 -20.98 -25.39
N LEU A 87 6.88 -20.78 -26.51
CA LEU A 87 7.04 -21.79 -27.54
C LEU A 87 8.08 -22.80 -27.07
N LYS A 88 7.92 -24.04 -27.50
CA LYS A 88 8.96 -25.04 -27.28
C LYS A 88 9.38 -25.69 -28.56
N PRO A 89 10.67 -26.06 -28.67
CA PRO A 89 11.14 -26.73 -29.85
C PRO A 89 10.22 -27.86 -30.30
N GLY A 90 10.08 -28.00 -31.62
CA GLY A 90 9.18 -28.97 -32.22
C GLY A 90 7.71 -28.58 -32.26
N ASP A 91 7.33 -27.55 -31.51
CA ASP A 91 5.95 -27.04 -31.59
C ASP A 91 5.67 -26.72 -33.07
N GLN A 92 4.41 -26.92 -33.47
CA GLN A 92 3.94 -26.49 -34.80
C GLN A 92 2.94 -25.36 -34.58
N VAL A 93 3.21 -24.16 -35.11
CA VAL A 93 2.32 -23.02 -34.81
C VAL A 93 2.05 -22.27 -36.12
N SER A 94 0.83 -21.81 -36.33
CA SER A 94 0.54 -21.19 -37.63
C SER A 94 1.24 -19.84 -37.74
N VAL A 95 1.50 -19.43 -38.98
CA VAL A 95 1.99 -18.07 -39.25
C VAL A 95 1.03 -17.07 -38.61
N ALA A 96 -0.26 -17.31 -38.77
CA ALA A 96 -1.27 -16.40 -38.20
C ALA A 96 -1.11 -16.16 -36.71
N ASP A 97 -0.90 -17.24 -35.95
CA ASP A 97 -0.69 -17.14 -34.50
C ASP A 97 0.62 -16.47 -34.15
N LEU A 98 1.72 -16.85 -34.83
CA LEU A 98 3.02 -16.25 -34.52
C LEU A 98 2.96 -14.73 -34.85
N ASN A 99 2.24 -14.42 -35.92
CA ASN A 99 2.08 -12.99 -36.38
C ASN A 99 1.36 -12.19 -35.31
N LYS A 100 0.23 -12.72 -34.81
CA LYS A 100 -0.46 -12.05 -33.73
C LYS A 100 0.38 -11.95 -32.47
N GLY A 101 1.20 -12.97 -32.22
CA GLY A 101 2.17 -12.95 -31.10
C GLY A 101 3.19 -11.84 -31.17
N VAL A 102 3.70 -11.58 -32.38
CA VAL A 102 4.57 -10.43 -32.60
C VAL A 102 3.79 -9.12 -32.37
N ILE A 103 2.60 -9.02 -32.93
CA ILE A 103 1.94 -7.72 -33.08
C ILE A 103 1.21 -7.34 -31.79
N ILE A 104 0.42 -8.27 -31.25
CA ILE A 104 -0.50 -7.98 -30.17
C ILE A 104 0.23 -8.17 -28.85
N GLN A 105 0.93 -9.30 -28.74
CA GLN A 105 1.61 -9.64 -27.49
C GLN A 105 3.07 -9.12 -27.47
N SER A 106 3.62 -8.80 -28.64
CA SER A 106 5.04 -8.45 -28.73
C SER A 106 5.95 -9.54 -28.16
N GLY A 107 5.66 -10.79 -28.45
CA GLY A 107 6.52 -11.90 -27.99
C GLY A 107 7.81 -12.11 -28.76
N ASN A 108 8.93 -12.18 -28.04
CA ASN A 108 10.24 -12.18 -28.66
C ASN A 108 10.51 -13.54 -29.31
N ASP A 109 10.00 -14.61 -28.72
CA ASP A 109 10.18 -15.93 -29.32
C ASP A 109 9.43 -16.06 -30.64
N ALA A 110 8.22 -15.50 -30.71
CA ALA A 110 7.46 -15.48 -31.97
C ALA A 110 8.20 -14.75 -33.09
N CYS A 111 8.87 -13.66 -32.76
CA CYS A 111 9.71 -12.96 -33.74
C CYS A 111 10.76 -13.87 -34.30
N ILE A 112 11.40 -14.62 -33.41
CA ILE A 112 12.45 -15.49 -33.90
C ILE A 112 11.91 -16.62 -34.77
N ALA A 113 10.84 -17.26 -34.31
CA ALA A 113 10.25 -18.36 -35.07
C ALA A 113 9.79 -17.90 -36.46
N LEU A 114 9.22 -16.70 -36.51
CA LEU A 114 8.79 -16.12 -37.79
C LEU A 114 9.95 -15.73 -38.69
N ALA A 115 10.96 -15.08 -38.09
CA ALA A 115 12.15 -14.66 -38.83
C ALA A 115 12.82 -15.84 -39.47
N ASP A 116 12.96 -16.94 -38.73
CA ASP A 116 13.54 -18.14 -39.33
C ASP A 116 12.66 -18.67 -40.45
N TYR A 117 11.35 -18.59 -40.29
CA TYR A 117 10.47 -19.18 -41.30
C TYR A 117 10.53 -18.32 -42.56
N VAL A 118 10.44 -17.01 -42.38
CA VAL A 118 10.51 -16.10 -43.52
C VAL A 118 11.84 -16.06 -44.26
N ALA A 119 12.94 -15.98 -43.52
CA ALA A 119 14.20 -15.63 -44.13
C ALA A 119 15.30 -16.70 -43.95
N GLY A 120 15.01 -17.76 -43.19
CA GLY A 120 15.99 -18.82 -42.99
C GLY A 120 16.79 -18.69 -41.71
N SER A 121 17.03 -17.45 -41.27
CA SER A 121 17.80 -17.17 -40.06
C SER A 121 17.45 -15.77 -39.56
N GLN A 122 17.75 -15.51 -38.29
CA GLN A 122 17.64 -14.16 -37.76
C GLN A 122 18.52 -13.19 -38.51
N GLU A 123 19.74 -13.63 -38.82
CA GLU A 123 20.69 -12.76 -39.51
C GLU A 123 20.18 -12.30 -40.88
N SER A 124 19.58 -13.21 -41.64
CA SER A 124 19.10 -12.88 -42.99
C SER A 124 17.83 -12.03 -42.90
N PHE A 125 17.01 -12.34 -41.93
CA PHE A 125 15.85 -11.46 -41.61
C PHE A 125 16.24 -10.02 -41.24
N ILE A 126 17.25 -9.85 -40.38
CA ILE A 126 17.74 -8.52 -40.02
C ILE A 126 18.24 -7.75 -41.26
N GLY A 127 18.86 -8.49 -42.16
CA GLY A 127 19.20 -7.98 -43.50
C GLY A 127 18.00 -7.35 -44.20
N LEU A 128 16.86 -8.05 -44.19
CA LEU A 128 15.62 -7.56 -44.84
C LEU A 128 15.11 -6.33 -44.10
N MET A 129 15.14 -6.36 -42.77
CA MET A 129 14.74 -5.20 -41.98
C MET A 129 15.53 -3.96 -42.38
N ASN A 130 16.85 -4.11 -42.44
CA ASN A 130 17.70 -2.96 -42.79
C ASN A 130 17.58 -2.54 -44.25
N GLY A 131 17.28 -3.48 -45.13
CA GLY A 131 17.03 -3.19 -46.52
C GLY A 131 15.82 -2.28 -46.64
N TYR A 132 14.77 -2.63 -45.92
CA TYR A 132 13.57 -1.80 -45.96
C TYR A 132 13.79 -0.47 -45.28
N ALA A 133 14.60 -0.47 -44.20
CA ALA A 133 14.92 0.75 -43.50
C ALA A 133 15.55 1.73 -44.49
N LYS A 134 16.47 1.23 -45.30
CA LYS A 134 17.09 2.10 -46.33
C LYS A 134 16.08 2.56 -47.39
N LYS A 135 15.28 1.62 -47.86
CA LYS A 135 14.30 1.89 -48.92
C LYS A 135 13.33 2.96 -48.45
N LEU A 136 13.00 2.95 -47.15
CA LEU A 136 11.93 3.84 -46.64
C LEU A 136 12.51 5.18 -46.18
N GLY A 137 13.81 5.38 -46.38
CA GLY A 137 14.48 6.61 -45.98
C GLY A 137 14.60 6.79 -44.49
N LEU A 138 14.75 5.69 -43.77
CA LEU A 138 14.98 5.78 -42.33
C LEU A 138 16.49 5.99 -42.13
N THR A 139 16.95 7.23 -42.29
CA THR A 139 18.37 7.49 -42.50
C THR A 139 19.17 7.34 -41.21
N ASN A 140 18.49 7.38 -40.06
CA ASN A 140 19.13 7.25 -38.78
C ASN A 140 18.79 5.93 -38.07
N THR A 141 18.36 4.94 -38.84
CA THR A 141 17.92 3.66 -38.28
C THR A 141 18.79 2.46 -38.71
N THR A 142 19.14 1.64 -37.72
CA THR A 142 19.82 0.36 -37.96
C THR A 142 19.27 -0.65 -36.97
N PHE A 143 18.79 -1.77 -37.48
CA PHE A 143 18.31 -2.79 -36.60
C PHE A 143 19.38 -3.87 -36.44
N GLN A 144 19.48 -4.43 -35.25
CA GLN A 144 20.46 -5.51 -35.03
C GLN A 144 19.84 -6.80 -34.52
N THR A 145 18.51 -6.80 -34.37
CA THR A 145 17.79 -7.96 -33.82
C THR A 145 16.43 -8.06 -34.47
N VAL A 146 15.81 -9.25 -34.37
CA VAL A 146 14.45 -9.44 -34.89
C VAL A 146 13.36 -9.10 -33.87
N HIS A 147 13.75 -8.88 -32.62
CA HIS A 147 12.81 -8.70 -31.50
C HIS A 147 12.99 -7.39 -30.72
N GLY A 148 14.07 -6.65 -30.99
CA GLY A 148 14.26 -5.35 -30.35
C GLY A 148 14.78 -5.46 -28.92
N LEU A 149 15.41 -6.58 -28.59
CA LEU A 149 16.13 -6.67 -27.34
C LEU A 149 17.26 -5.65 -27.47
N ASP A 150 17.40 -4.75 -26.49
CA ASP A 150 18.47 -3.75 -26.53
C ASP A 150 19.75 -4.45 -27.00
N ALA A 151 20.53 -3.77 -27.85
CA ALA A 151 21.67 -4.40 -28.52
C ALA A 151 22.65 -3.35 -29.06
N PRO A 152 23.94 -3.71 -29.20
CA PRO A 152 24.92 -2.71 -29.63
C PRO A 152 24.69 -2.28 -31.08
N GLY A 153 24.71 -0.98 -31.32
CA GLY A 153 24.65 -0.45 -32.69
C GLY A 153 23.23 -0.50 -33.26
N GLN A 154 22.25 -0.60 -32.36
CA GLN A 154 20.82 -0.60 -32.74
C GLN A 154 20.20 0.75 -32.37
N PHE A 155 19.72 1.49 -33.37
CA PHE A 155 19.33 2.90 -33.18
C PHE A 155 18.11 3.22 -34.08
N SER A 156 17.33 4.21 -33.66
CA SER A 156 16.36 4.86 -34.56
C SER A 156 16.04 6.21 -33.94
N THR A 157 15.06 6.92 -34.50
CA THR A 157 14.74 8.25 -34.00
C THR A 157 13.23 8.33 -34.01
N ALA A 158 12.68 9.34 -33.34
CA ALA A 158 11.25 9.61 -33.42
C ALA A 158 10.78 9.81 -34.86
N ARG A 159 11.49 10.65 -35.62
CA ARG A 159 11.20 10.84 -37.04
C ARG A 159 11.15 9.56 -37.82
N ASP A 160 12.16 8.70 -37.68
CA ASP A 160 12.21 7.49 -38.47
C ASP A 160 11.08 6.54 -38.03
N MET A 161 10.74 6.55 -36.76
CA MET A 161 9.63 5.69 -36.32
C MET A 161 8.30 6.15 -36.92
N ALA A 162 8.11 7.45 -37.05
CA ALA A 162 6.84 7.91 -37.65
C ALA A 162 6.85 7.58 -39.12
N LEU A 163 7.99 7.73 -39.79
CA LEU A 163 8.03 7.29 -41.19
C LEU A 163 7.79 5.79 -41.33
N LEU A 164 8.35 5.00 -40.42
CA LEU A 164 8.13 3.55 -40.50
C LEU A 164 6.66 3.21 -40.21
N GLY A 165 6.08 3.85 -39.22
CA GLY A 165 4.64 3.69 -38.95
C GLY A 165 3.80 4.00 -40.18
N LYS A 166 4.12 5.13 -40.83
CA LYS A 166 3.39 5.53 -42.04
C LYS A 166 3.47 4.45 -43.12
N ALA A 167 4.66 3.87 -43.28
CA ALA A 167 4.87 2.83 -44.29
C ALA A 167 4.10 1.55 -43.96
N LEU A 168 4.08 1.17 -42.68
CA LEU A 168 3.37 -0.06 -42.29
C LEU A 168 1.90 0.12 -42.64
N ILE A 169 1.37 1.27 -42.25
CA ILE A 169 -0.04 1.58 -42.55
C ILE A 169 -0.34 1.54 -44.04
N HIS A 170 0.53 2.18 -44.82
CA HIS A 170 0.28 2.34 -46.27
C HIS A 170 0.57 1.08 -47.07
N ASP A 171 1.69 0.42 -46.78
CA ASP A 171 2.24 -0.62 -47.67
C ASP A 171 1.69 -2.02 -47.37
N VAL A 172 1.47 -2.30 -46.10
CA VAL A 172 0.91 -3.60 -45.68
C VAL A 172 -0.29 -3.44 -44.77
N PRO A 173 -1.39 -2.91 -45.33
CA PRO A 173 -2.49 -2.59 -44.45
C PRO A 173 -3.11 -3.79 -43.69
N GLU A 174 -3.08 -4.98 -44.28
CA GLU A 174 -3.61 -6.17 -43.57
C GLU A 174 -2.81 -6.47 -42.31
N GLU A 175 -1.50 -6.20 -42.39
CA GLU A 175 -0.62 -6.33 -41.23
C GLU A 175 -0.88 -5.20 -40.24
N TYR A 176 -1.11 -3.99 -40.73
CA TYR A 176 -1.38 -2.89 -39.82
C TYR A 176 -2.68 -3.16 -39.04
N ALA A 177 -3.68 -3.71 -39.73
CA ALA A 177 -5.00 -3.93 -39.14
C ALA A 177 -4.96 -4.76 -37.85
N ILE A 178 -3.97 -5.63 -37.73
CA ILE A 178 -3.87 -6.49 -36.56
C ILE A 178 -3.44 -5.69 -35.35
N HIS A 179 -2.80 -4.53 -35.57
CA HIS A 179 -2.32 -3.75 -34.44
C HIS A 179 -3.43 -3.12 -33.57
N LYS A 180 -4.67 -3.04 -34.04
CA LYS A 180 -5.70 -2.51 -33.15
C LYS A 180 -6.36 -3.60 -32.27
N GLU A 181 -6.00 -4.87 -32.47
CA GLU A 181 -6.65 -5.97 -31.74
C GLU A 181 -6.31 -5.95 -30.26
N LYS A 182 -7.34 -5.93 -29.42
CA LYS A 182 -7.14 -5.73 -27.98
C LYS A 182 -6.66 -6.98 -27.29
N GLU A 183 -6.88 -8.14 -27.88
CA GLU A 183 -6.43 -9.38 -27.25
C GLU A 183 -6.22 -10.41 -28.32
N PHE A 184 -5.46 -11.45 -28.02
CA PHE A 184 -5.70 -12.69 -28.73
C PHE A 184 -5.39 -13.87 -27.87
N THR A 185 -5.90 -15.01 -28.26
CA THR A 185 -5.87 -16.16 -27.36
C THR A 185 -4.94 -17.18 -27.97
N PHE A 186 -3.99 -17.62 -27.18
CA PHE A 186 -3.09 -18.65 -27.61
C PHE A 186 -2.97 -19.62 -26.44
N ASN A 187 -3.00 -20.92 -26.76
CA ASN A 187 -2.97 -21.98 -25.75
C ASN A 187 -4.01 -21.72 -24.66
N LYS A 188 -5.18 -21.27 -25.09
CA LYS A 188 -6.32 -21.03 -24.23
C LYS A 188 -6.12 -19.98 -23.15
N ILE A 189 -5.09 -19.14 -23.31
CA ILE A 189 -4.98 -17.98 -22.43
C ILE A 189 -5.06 -16.67 -23.25
N ARG A 190 -5.85 -15.72 -22.76
CA ARG A 190 -6.00 -14.42 -23.41
C ARG A 190 -4.72 -13.65 -23.18
N GLN A 191 -4.20 -13.04 -24.24
CA GLN A 191 -3.00 -12.19 -24.15
C GLN A 191 -3.42 -10.80 -24.60
N PRO A 192 -3.35 -9.80 -23.69
CA PRO A 192 -3.84 -8.46 -23.99
C PRO A 192 -2.84 -7.58 -24.76
N ASN A 193 -3.38 -6.65 -25.53
CA ASN A 193 -2.56 -5.60 -26.13
C ASN A 193 -2.20 -4.54 -25.07
N ARG A 194 -0.92 -4.23 -24.94
CA ARG A 194 -0.48 -3.20 -23.94
C ARG A 194 -0.69 -1.76 -24.37
N ASN A 195 -1.16 -1.54 -25.60
CA ASN A 195 -1.44 -0.18 -26.06
C ASN A 195 -2.75 0.36 -25.46
N ARG A 196 -2.63 0.95 -24.27
CA ARG A 196 -3.79 1.47 -23.56
C ARG A 196 -4.67 2.44 -24.34
N LEU A 197 -4.12 3.11 -25.36
CA LEU A 197 -4.93 4.07 -26.11
C LEU A 197 -5.97 3.38 -27.00
N LEU A 198 -5.82 2.08 -27.24
CA LEU A 198 -6.90 1.34 -27.93
C LEU A 198 -8.24 1.46 -27.17
N TRP A 199 -8.14 1.68 -25.86
CA TRP A 199 -9.31 1.84 -24.98
C TRP A 199 -9.72 3.30 -24.79
N SER A 200 -9.08 4.24 -25.50
CA SER A 200 -9.33 5.67 -25.22
C SER A 200 -10.72 6.05 -25.69
N SER A 201 -11.41 6.85 -24.88
CA SER A 201 -12.70 7.35 -25.25
C SER A 201 -12.57 8.58 -26.15
N ASN A 202 -11.47 9.29 -26.00
CA ASN A 202 -11.29 10.62 -26.57
C ASN A 202 -10.66 10.58 -27.97
N LEU A 203 -10.20 9.40 -28.38
CA LEU A 203 -9.56 9.22 -29.68
C LEU A 203 -9.86 7.85 -30.26
N ASN A 204 -9.90 7.79 -31.58
CA ASN A 204 -9.90 6.53 -32.29
C ASN A 204 -8.49 6.10 -32.67
N VAL A 205 -7.82 5.39 -31.76
CA VAL A 205 -6.43 5.00 -31.96
C VAL A 205 -6.43 3.56 -32.42
N ASP A 206 -5.68 3.24 -33.48
CA ASP A 206 -5.68 1.87 -33.97
C ASP A 206 -4.30 1.27 -34.08
N GLY A 207 -3.34 1.89 -33.39
CA GLY A 207 -1.96 1.36 -33.39
C GLY A 207 -1.08 2.23 -32.51
N MET A 208 0.18 1.84 -32.34
CA MET A 208 0.67 0.61 -32.94
C MET A 208 1.67 -0.19 -32.08
N LYS A 209 2.45 0.47 -31.23
CA LYS A 209 3.47 -0.29 -30.47
C LYS A 209 4.03 0.47 -29.28
N THR A 210 4.16 -0.22 -28.14
CA THR A 210 4.80 0.36 -26.96
C THR A 210 6.22 -0.20 -26.78
N GLY A 211 7.04 0.50 -26.01
CA GLY A 211 8.37 0.01 -25.67
C GLY A 211 9.02 0.80 -24.56
N THR A 212 10.22 0.38 -24.18
CA THR A 212 11.05 1.20 -23.31
C THR A 212 12.43 1.27 -23.95
N THR A 213 13.20 2.27 -23.54
CA THR A 213 14.61 2.35 -23.89
C THR A 213 15.43 2.50 -22.61
N ALA A 214 16.41 1.62 -22.43
CA ALA A 214 17.26 1.67 -21.25
C ALA A 214 17.83 3.08 -21.11
N GLY A 215 17.52 3.75 -20.00
CA GLY A 215 18.13 5.04 -19.69
C GLY A 215 17.37 6.26 -20.18
N ALA A 216 16.31 6.03 -20.97
CA ALA A 216 15.52 7.13 -21.49
C ALA A 216 14.05 7.16 -21.03
N GLY A 217 13.39 6.01 -20.97
CA GLY A 217 12.10 5.90 -20.28
C GLY A 217 11.10 5.12 -21.13
N TYR A 218 9.84 5.58 -21.21
CA TYR A 218 8.75 4.80 -21.83
C TYR A 218 8.35 5.40 -23.19
N ASN A 219 8.15 4.55 -24.19
CA ASN A 219 7.92 4.99 -25.59
C ASN A 219 6.56 4.53 -26.13
N LEU A 220 5.99 5.29 -27.09
CA LEU A 220 4.79 4.85 -27.81
C LEU A 220 4.85 5.36 -29.24
N VAL A 221 4.62 4.48 -30.20
CA VAL A 221 4.29 4.92 -31.57
C VAL A 221 2.79 4.67 -31.71
N ALA A 222 2.02 5.72 -31.99
CA ALA A 222 0.57 5.62 -32.06
C ALA A 222 0.01 6.21 -33.37
N SER A 223 -1.17 5.79 -33.79
CA SER A 223 -1.81 6.50 -34.87
C SER A 223 -3.28 6.50 -34.62
N ALA A 224 -3.93 7.55 -35.06
CA ALA A 224 -5.34 7.77 -34.76
C ALA A 224 -5.99 8.38 -35.99
N THR A 225 -7.31 8.21 -36.11
CA THR A 225 -8.07 8.81 -37.20
C THR A 225 -9.22 9.65 -36.67
N GLN A 226 -9.57 10.70 -37.40
CA GLN A 226 -10.74 11.53 -37.04
C GLN A 226 -11.25 12.08 -38.35
N GLY A 227 -12.46 11.70 -38.73
CA GLY A 227 -12.93 11.94 -40.09
C GLY A 227 -11.96 11.43 -41.15
N ASP A 228 -11.56 12.32 -42.07
CA ASP A 228 -10.73 11.94 -43.23
C ASP A 228 -9.24 11.85 -42.84
N MET A 229 -8.93 12.24 -41.61
CA MET A 229 -7.57 12.59 -41.26
C MET A 229 -6.92 11.43 -40.49
N ARG A 230 -5.62 11.18 -40.70
CA ARG A 230 -4.90 10.25 -39.84
C ARG A 230 -3.62 10.90 -39.39
N LEU A 231 -3.34 10.82 -38.08
CA LEU A 231 -2.11 11.34 -37.53
C LEU A 231 -1.28 10.20 -36.96
N ILE A 232 0.03 10.40 -36.95
CA ILE A 232 0.93 9.45 -36.33
C ILE A 232 1.71 10.20 -35.29
N SER A 233 1.78 9.69 -34.05
CA SER A 233 2.58 10.35 -33.02
C SER A 233 3.66 9.39 -32.56
N VAL A 234 4.81 9.93 -32.19
CA VAL A 234 5.82 9.13 -31.51
C VAL A 234 6.23 9.91 -30.27
N VAL A 235 6.28 9.23 -29.11
CA VAL A 235 6.73 9.82 -27.85
C VAL A 235 7.82 8.89 -27.31
N LEU A 236 9.02 9.42 -27.12
CA LEU A 236 10.13 8.60 -26.65
C LEU A 236 10.62 9.14 -25.30
N GLY A 237 10.89 8.23 -24.38
CA GLY A 237 11.50 8.61 -23.10
C GLY A 237 10.59 9.41 -22.20
N ALA A 238 9.29 9.06 -22.14
CA ALA A 238 8.43 9.57 -21.09
C ALA A 238 8.86 8.95 -19.72
N LYS A 239 8.64 9.65 -18.62
CA LYS A 239 9.17 9.20 -17.31
C LYS A 239 8.35 8.05 -16.75
N THR A 240 7.06 8.04 -17.04
CA THR A 240 6.16 6.98 -16.56
C THR A 240 5.29 6.42 -17.67
N ASP A 241 4.73 5.23 -17.42
CA ASP A 241 3.67 4.66 -18.24
C ASP A 241 2.54 5.65 -18.46
N ARG A 242 2.13 6.35 -17.41
CA ARG A 242 1.03 7.30 -17.54
C ARG A 242 1.38 8.44 -18.50
N ILE A 243 2.59 8.95 -18.38
CA ILE A 243 2.99 10.09 -19.19
C ILE A 243 3.17 9.67 -20.64
N ARG A 244 3.72 8.47 -20.85
CA ARG A 244 3.86 7.89 -22.17
C ARG A 244 2.53 7.94 -22.95
N PHE A 245 1.44 7.52 -22.32
CA PHE A 245 0.14 7.57 -22.97
C PHE A 245 -0.46 8.95 -23.02
N ASN A 246 -0.30 9.71 -21.95
CA ASN A 246 -0.98 10.97 -21.86
C ASN A 246 -0.40 11.99 -22.86
N GLU A 247 0.91 11.99 -23.03
CA GLU A 247 1.56 13.00 -23.89
C GLU A 247 1.22 12.64 -25.32
N SER A 248 1.09 11.34 -25.59
CA SER A 248 0.67 10.90 -26.93
C SER A 248 -0.74 11.38 -27.23
N GLU A 249 -1.65 11.19 -26.29
CA GLU A 249 -3.02 11.60 -26.51
C GLU A 249 -3.07 13.11 -26.69
N LYS A 250 -2.27 13.83 -25.91
CA LYS A 250 -2.26 15.30 -26.00
C LYS A 250 -1.92 15.80 -27.43
N LEU A 251 -0.89 15.19 -28.00
CA LEU A 251 -0.38 15.56 -29.32
C LEU A 251 -1.38 15.24 -30.39
N LEU A 252 -1.91 14.03 -30.36
CA LEU A 252 -2.95 13.65 -31.32
C LEU A 252 -4.15 14.57 -31.22
N THR A 253 -4.57 14.90 -30.00
CA THR A 253 -5.79 15.68 -29.86
C THR A 253 -5.53 17.07 -30.43
N TRP A 254 -4.35 17.59 -30.16
CA TRP A 254 -3.92 18.91 -30.64
C TRP A 254 -3.92 18.99 -32.16
N GLY A 255 -3.34 17.99 -32.83
CA GLY A 255 -3.34 17.89 -34.30
C GLY A 255 -4.72 17.95 -34.92
N PHE A 256 -5.65 17.13 -34.42
CA PHE A 256 -6.99 17.09 -35.01
C PHE A 256 -7.77 18.37 -34.67
N ARG A 257 -7.46 18.98 -33.53
CA ARG A 257 -8.24 20.12 -33.08
C ARG A 257 -7.96 21.36 -33.98
N PHE A 258 -6.72 21.53 -34.37
CA PHE A 258 -6.31 22.79 -35.01
C PHE A 258 -5.98 22.71 -36.51
N PHE A 259 -5.91 21.51 -37.04
CA PHE A 259 -5.40 21.31 -38.41
C PHE A 259 -6.34 20.46 -39.25
N GLU A 260 -6.24 20.57 -40.57
CA GLU A 260 -7.04 19.71 -41.44
C GLU A 260 -6.13 19.36 -42.60
N THR A 261 -6.39 18.22 -43.21
CA THR A 261 -5.59 17.79 -44.35
C THR A 261 -6.47 17.74 -45.57
N VAL A 262 -5.98 18.32 -46.65
CA VAL A 262 -6.77 18.45 -47.86
C VAL A 262 -5.87 17.96 -48.99
N THR A 263 -6.50 17.57 -50.09
CA THR A 263 -5.79 16.99 -51.22
C THR A 263 -6.23 17.69 -52.50
N PRO A 264 -5.66 18.89 -52.75
CA PRO A 264 -5.88 19.79 -53.90
C PRO A 264 -5.43 19.10 -55.19
N ILE A 265 -4.41 18.26 -55.11
CA ILE A 265 -4.03 17.50 -56.30
C ILE A 265 -4.05 16.02 -56.02
N LYS A 266 -5.05 15.33 -56.58
CA LYS A 266 -5.17 13.92 -56.32
C LYS A 266 -4.08 13.09 -57.01
N PRO A 267 -3.83 11.89 -56.50
CA PRO A 267 -2.89 10.97 -57.16
C PRO A 267 -3.49 10.57 -58.51
N ASP A 268 -2.67 10.43 -59.53
CA ASP A 268 -3.21 10.21 -60.88
C ASP A 268 -3.80 11.43 -61.56
N ALA A 269 -4.13 12.49 -60.81
CA ALA A 269 -4.69 13.68 -61.44
C ALA A 269 -3.65 14.52 -62.20
N THR A 270 -4.11 15.10 -63.30
CA THR A 270 -3.31 16.02 -64.08
C THR A 270 -3.46 17.44 -63.54
N PHE A 271 -2.35 18.03 -63.13
CA PHE A 271 -2.35 19.41 -62.67
C PHE A 271 -2.24 20.38 -63.85
N VAL A 272 -1.42 20.00 -64.82
CA VAL A 272 -1.22 20.86 -65.99
C VAL A 272 -0.68 20.01 -67.12
N THR A 273 -1.00 20.41 -68.35
CA THR A 273 -0.57 19.65 -69.53
C THR A 273 0.43 20.58 -70.23
N GLN A 274 1.55 20.03 -70.71
CA GLN A 274 2.59 20.89 -71.28
C GLN A 274 3.03 20.29 -72.61
N ARG A 275 3.37 21.16 -73.57
CA ARG A 275 3.83 20.71 -74.88
C ARG A 275 5.15 19.92 -74.68
N VAL A 276 5.37 18.89 -75.46
CA VAL A 276 6.70 18.30 -75.46
C VAL A 276 7.30 18.31 -76.85
N TRP A 277 8.61 18.52 -76.90
CA TRP A 277 9.36 18.64 -78.13
C TRP A 277 10.02 17.32 -78.41
N PHE A 278 9.99 16.90 -79.68
CA PHE A 278 10.77 15.78 -80.20
C PHE A 278 10.32 14.42 -79.68
N GLY A 279 9.04 14.32 -79.35
CA GLY A 279 8.51 13.11 -78.72
C GLY A 279 7.52 12.37 -79.59
N ASP A 280 7.12 11.20 -79.10
CA ASP A 280 6.12 10.36 -79.74
C ASP A 280 4.71 10.91 -79.52
N LYS A 281 4.62 11.94 -78.69
CA LYS A 281 3.36 12.58 -78.34
C LYS A 281 3.69 14.05 -78.24
N SER A 282 2.76 14.94 -78.57
CA SER A 282 3.08 16.35 -78.53
C SER A 282 2.79 17.09 -77.24
N GLU A 283 2.20 16.40 -76.27
CA GLU A 283 1.86 17.00 -74.97
C GLU A 283 2.07 15.95 -73.89
N VAL A 284 2.23 16.40 -72.64
CA VAL A 284 2.38 15.44 -71.53
C VAL A 284 1.62 15.98 -70.30
N ASN A 285 1.01 15.06 -69.57
CA ASN A 285 0.31 15.40 -68.33
C ASN A 285 1.29 15.43 -67.17
N LEU A 286 1.24 16.50 -66.36
CA LEU A 286 2.12 16.63 -65.19
C LEU A 286 1.23 16.72 -63.96
N GLY A 287 1.74 16.27 -62.83
CA GLY A 287 0.91 16.32 -61.63
C GLY A 287 1.78 16.18 -60.40
N ALA A 288 1.16 15.72 -59.30
CA ALA A 288 1.85 15.68 -58.00
C ALA A 288 2.10 14.23 -57.59
N GLY A 289 1.44 13.29 -58.25
CA GLY A 289 1.47 11.89 -57.81
C GLY A 289 0.95 11.81 -56.38
N GLU A 290 1.62 11.03 -55.53
CA GLU A 290 1.11 10.81 -54.16
C GLU A 290 1.35 12.01 -53.25
N ALA A 291 2.04 13.02 -53.75
CA ALA A 291 2.53 14.09 -52.88
C ALA A 291 1.63 15.32 -52.94
N GLY A 292 0.35 15.12 -53.24
CA GLY A 292 -0.56 16.24 -53.47
C GLY A 292 -1.40 16.66 -52.27
N SER A 293 -1.15 16.09 -51.08
CA SER A 293 -1.96 16.48 -49.91
C SER A 293 -1.19 17.48 -49.08
N VAL A 294 -1.89 18.40 -48.44
CA VAL A 294 -1.22 19.36 -47.58
C VAL A 294 -2.02 19.46 -46.27
N THR A 295 -1.33 19.77 -45.18
CA THR A 295 -2.01 19.96 -43.90
C THR A 295 -1.87 21.40 -43.50
N ILE A 296 -3.01 22.03 -43.21
CA ILE A 296 -3.07 23.47 -42.98
C ILE A 296 -3.94 23.75 -41.76
N PRO A 297 -3.78 24.92 -41.17
CA PRO A 297 -4.71 25.27 -40.08
C PRO A 297 -6.17 25.27 -40.52
N ARG A 298 -7.08 24.92 -39.61
CA ARG A 298 -8.48 24.80 -39.97
C ARG A 298 -9.02 26.12 -40.50
N GLY A 299 -10.00 26.01 -41.41
CA GLY A 299 -10.63 27.16 -42.07
C GLY A 299 -9.79 27.82 -43.15
N GLN A 300 -8.62 27.26 -43.46
CA GLN A 300 -7.75 27.91 -44.41
C GLN A 300 -7.93 27.49 -45.86
N LEU A 301 -8.82 26.53 -46.13
CA LEU A 301 -8.82 25.91 -47.44
C LEU A 301 -9.14 26.99 -48.47
N LYS A 302 -10.07 27.88 -48.12
CA LYS A 302 -10.52 28.94 -49.02
C LYS A 302 -9.36 29.80 -49.52
N ASN A 303 -8.28 29.83 -48.75
CA ASN A 303 -7.16 30.72 -49.04
C ASN A 303 -5.96 29.96 -49.58
N LEU A 304 -6.13 28.67 -49.81
CA LEU A 304 -5.05 27.83 -50.32
C LEU A 304 -4.95 27.99 -51.82
N LYS A 305 -3.75 28.33 -52.28
CA LYS A 305 -3.51 28.54 -53.72
C LYS A 305 -2.40 27.64 -54.22
N ALA A 306 -2.67 26.93 -55.31
CA ALA A 306 -1.67 26.08 -55.94
C ALA A 306 -1.18 26.72 -57.24
N SER A 307 0.13 26.81 -57.42
CA SER A 307 0.72 27.30 -58.67
C SER A 307 1.90 26.42 -59.08
N TYR A 308 2.42 26.59 -60.30
CA TYR A 308 3.62 25.86 -60.69
C TYR A 308 4.69 26.69 -61.43
N THR A 309 5.95 26.29 -61.26
CA THR A 309 7.01 26.67 -62.18
C THR A 309 7.66 25.47 -62.85
N LEU A 310 8.22 25.67 -64.03
CA LEU A 310 8.95 24.59 -64.69
C LEU A 310 10.42 24.88 -64.60
N THR A 311 11.23 23.84 -64.43
CA THR A 311 12.65 24.09 -64.33
C THR A 311 13.26 24.56 -65.66
N GLU A 312 12.91 23.89 -66.75
CA GLU A 312 13.41 24.33 -68.07
C GLU A 312 12.28 24.89 -68.91
N PRO A 313 12.61 25.80 -69.84
CA PRO A 313 11.61 26.59 -70.55
C PRO A 313 10.74 25.73 -71.46
N GLN A 314 11.21 24.52 -71.79
CA GLN A 314 10.51 23.64 -72.71
C GLN A 314 10.87 22.18 -72.43
N LEU A 315 9.86 21.33 -72.37
CA LEU A 315 10.08 19.91 -72.12
C LEU A 315 10.53 19.23 -73.42
N THR A 316 11.61 18.46 -73.38
CA THR A 316 12.03 17.65 -74.52
C THR A 316 12.02 16.19 -74.12
N ALA A 317 11.56 15.34 -75.03
CA ALA A 317 11.52 13.92 -74.78
C ALA A 317 12.96 13.41 -74.80
N PRO A 318 13.20 12.20 -74.25
CA PRO A 318 12.20 11.31 -73.63
C PRO A 318 11.81 11.74 -72.23
N LEU A 319 10.57 11.45 -71.87
CA LEU A 319 10.08 11.74 -70.53
C LEU A 319 9.59 10.46 -69.93
N LYS A 320 9.86 10.25 -68.65
CA LYS A 320 9.45 9.02 -67.99
C LYS A 320 8.47 9.35 -66.86
N LYS A 321 7.44 8.52 -66.70
CA LYS A 321 6.60 8.55 -65.48
C LYS A 321 7.45 8.79 -64.21
N GLY A 322 7.13 9.83 -63.45
CA GLY A 322 7.80 10.10 -62.18
C GLY A 322 8.95 11.09 -62.27
N GLN A 323 9.31 11.46 -63.50
CA GLN A 323 10.40 12.38 -63.69
C GLN A 323 10.04 13.79 -63.21
N VAL A 324 10.93 14.44 -62.46
CA VAL A 324 10.67 15.81 -62.01
C VAL A 324 11.00 16.87 -63.06
N VAL A 325 10.08 17.80 -63.30
CA VAL A 325 10.25 18.81 -64.37
C VAL A 325 9.86 20.18 -63.88
N GLY A 326 9.53 20.28 -62.60
CA GLY A 326 9.40 21.58 -61.97
C GLY A 326 8.95 21.40 -60.53
N THR A 327 8.27 22.42 -60.03
CA THR A 327 7.86 22.51 -58.64
C THR A 327 6.45 23.06 -58.57
N ILE A 328 5.63 22.45 -57.72
CA ILE A 328 4.30 22.95 -57.46
C ILE A 328 4.42 23.69 -56.12
N ASP A 329 3.87 24.89 -56.08
CA ASP A 329 3.94 25.73 -54.88
C ASP A 329 2.53 25.90 -54.32
N PHE A 330 2.40 25.66 -53.01
CA PHE A 330 1.14 25.90 -52.33
C PHE A 330 1.30 27.11 -51.43
N GLN A 331 0.41 28.07 -51.57
CA GLN A 331 0.52 29.28 -50.81
C GLN A 331 -0.74 29.50 -50.01
N LEU A 332 -0.56 29.96 -48.78
CA LEU A 332 -1.67 30.39 -47.95
C LEU A 332 -1.55 31.90 -47.79
N ASN A 333 -2.59 32.62 -48.20
CA ASN A 333 -2.58 34.08 -48.16
C ASN A 333 -1.29 34.66 -48.75
N GLY A 334 -1.09 34.43 -50.05
CA GLY A 334 0.05 35.03 -50.77
C GLY A 334 1.41 34.48 -50.34
N LYS A 335 1.40 33.62 -49.32
CA LYS A 335 2.65 33.13 -48.76
C LYS A 335 2.84 31.63 -48.94
N SER A 336 4.02 31.23 -49.38
CA SER A 336 4.26 29.83 -49.73
C SER A 336 4.45 28.98 -48.47
N ILE A 337 3.66 27.90 -48.38
CA ILE A 337 3.71 27.03 -47.20
C ILE A 337 4.27 25.64 -47.53
N GLU A 338 4.15 25.24 -48.79
CA GLU A 338 4.58 23.91 -49.20
C GLU A 338 5.01 23.95 -50.67
N GLN A 339 6.11 23.28 -50.97
CA GLN A 339 6.45 22.98 -52.36
C GLN A 339 6.54 21.48 -52.56
N ARG A 340 6.15 21.03 -53.75
CA ARG A 340 6.26 19.63 -54.14
C ARG A 340 6.84 19.46 -55.57
N PRO A 341 7.43 18.30 -55.85
CA PRO A 341 7.87 18.05 -57.23
C PRO A 341 6.71 18.05 -58.19
N LEU A 342 6.88 18.71 -59.34
CA LEU A 342 5.97 18.56 -60.45
C LEU A 342 6.45 17.38 -61.31
N ILE A 343 5.68 16.30 -61.38
CA ILE A 343 6.15 15.10 -62.03
C ILE A 343 5.40 14.71 -63.30
N VAL A 344 6.10 14.01 -64.17
CA VAL A 344 5.52 13.45 -65.39
C VAL A 344 4.57 12.31 -65.08
N MET A 345 3.35 12.39 -65.60
CA MET A 345 2.32 11.39 -65.27
C MET A 345 2.25 10.25 -66.28
N GLU A 346 3.02 10.35 -67.37
CA GLU A 346 2.88 9.39 -68.46
C GLU A 346 4.16 9.36 -69.26
N ASN A 347 4.48 8.22 -69.85
CA ASN A 347 5.75 8.12 -70.61
C ASN A 347 5.57 8.76 -71.98
N VAL A 348 6.57 9.51 -72.41
CA VAL A 348 6.62 9.97 -73.82
C VAL A 348 8.04 9.71 -74.33
N GLU A 349 8.19 8.70 -75.17
CA GLU A 349 9.47 8.35 -75.73
C GLU A 349 9.88 9.37 -76.80
N GLU A 350 11.17 9.37 -77.15
CA GLU A 350 11.67 10.16 -78.30
C GLU A 350 10.93 9.81 -79.57
N GLY A 351 10.64 10.81 -80.41
CA GLY A 351 10.02 10.55 -81.69
C GLY A 351 10.94 9.68 -82.52
N GLY A 352 10.42 9.12 -83.60
CA GLY A 352 11.26 8.47 -84.61
C GLY A 352 11.52 6.99 -84.32
N VAL B 6 -42.91 -6.77 -12.56
CA VAL B 6 -42.01 -5.98 -13.43
C VAL B 6 -41.08 -6.89 -14.25
N GLU B 7 -40.85 -6.51 -15.50
CA GLU B 7 -40.36 -7.44 -16.52
C GLU B 7 -38.87 -7.72 -16.34
N ALA B 8 -38.53 -8.99 -16.13
CA ALA B 8 -37.12 -9.39 -15.95
C ALA B 8 -36.28 -9.09 -17.19
N PRO B 9 -35.11 -8.47 -16.98
CA PRO B 9 -34.24 -8.09 -18.08
C PRO B 9 -33.67 -9.33 -18.78
N SER B 10 -33.40 -9.21 -20.08
CA SER B 10 -32.85 -10.31 -20.84
C SER B 10 -31.36 -10.11 -20.85
N VAL B 11 -30.59 -11.18 -20.68
CA VAL B 11 -29.14 -11.04 -20.74
C VAL B 11 -28.41 -12.12 -21.52
N ASP B 12 -27.40 -11.69 -22.26
CA ASP B 12 -26.74 -12.56 -23.23
C ASP B 12 -25.47 -13.19 -22.61
N ALA B 13 -25.65 -14.27 -21.86
CA ALA B 13 -24.56 -14.93 -21.16
C ALA B 13 -25.06 -16.29 -20.72
N ARG B 14 -24.15 -17.19 -20.36
CA ARG B 14 -24.56 -18.51 -19.88
C ARG B 14 -25.33 -18.42 -18.57
N ALA B 15 -24.92 -17.53 -17.66
CA ALA B 15 -25.61 -17.46 -16.38
C ALA B 15 -25.42 -16.07 -15.81
N TRP B 16 -26.36 -15.63 -14.96
CA TRP B 16 -26.26 -14.33 -14.32
C TRP B 16 -27.10 -14.24 -13.06
N ILE B 17 -26.85 -13.18 -12.28
CA ILE B 17 -27.70 -12.87 -11.12
C ILE B 17 -27.46 -11.42 -10.75
N LEU B 18 -28.47 -10.80 -10.16
CA LEU B 18 -28.37 -9.44 -9.65
C LEU B 18 -28.98 -9.49 -8.27
N MET B 19 -28.24 -8.97 -7.28
CA MET B 19 -28.60 -9.18 -5.86
C MET B 19 -28.39 -7.89 -5.10
N ASP B 20 -29.30 -7.56 -4.18
CA ASP B 20 -29.08 -6.40 -3.34
C ASP B 20 -28.15 -6.81 -2.18
N TYR B 21 -27.16 -5.98 -1.91
CA TYR B 21 -26.14 -6.26 -0.90
C TYR B 21 -26.73 -6.30 0.51
N ALA B 22 -27.55 -5.30 0.84
CA ALA B 22 -28.08 -5.23 2.20
C ALA B 22 -29.14 -6.28 2.53
N SER B 23 -30.01 -6.59 1.57
CA SER B 23 -31.15 -7.47 1.83
C SER B 23 -30.90 -8.89 1.34
N GLY B 24 -29.95 -9.04 0.41
CA GLY B 24 -29.76 -10.32 -0.27
C GLY B 24 -30.84 -10.63 -1.30
N LYS B 25 -31.75 -9.72 -1.53
CA LYS B 25 -32.82 -10.04 -2.47
C LYS B 25 -32.25 -10.22 -3.87
N VAL B 26 -32.65 -11.31 -4.53
CA VAL B 26 -32.28 -11.56 -5.92
C VAL B 26 -33.30 -10.88 -6.80
N LEU B 27 -32.85 -9.88 -7.55
CA LEU B 27 -33.72 -9.06 -8.40
C LEU B 27 -33.91 -9.67 -9.81
N ALA B 28 -32.93 -10.46 -10.25
CA ALA B 28 -32.93 -11.00 -11.60
C ALA B 28 -31.91 -12.14 -11.65
N GLU B 29 -32.12 -13.11 -12.53
CA GLU B 29 -31.29 -14.30 -12.52
C GLU B 29 -31.54 -15.14 -13.75
N GLY B 30 -30.51 -15.87 -14.19
CA GLY B 30 -30.65 -16.88 -15.23
C GLY B 30 -29.63 -17.97 -15.02
N ASN B 31 -30.08 -19.22 -14.93
CA ASN B 31 -29.18 -20.35 -14.70
C ASN B 31 -28.22 -20.13 -13.52
N ALA B 32 -28.71 -19.52 -12.45
CA ALA B 32 -27.78 -18.99 -11.46
C ALA B 32 -27.27 -20.09 -10.55
N ASP B 33 -27.74 -21.33 -10.75
CA ASP B 33 -27.25 -22.44 -9.95
C ASP B 33 -26.49 -23.47 -10.78
N GLU B 34 -26.24 -23.11 -12.01
CA GLU B 34 -25.52 -23.99 -12.93
C GLU B 34 -24.02 -23.85 -12.71
N LYS B 35 -23.36 -25.00 -12.55
CA LYS B 35 -21.94 -25.07 -12.24
C LYS B 35 -21.08 -24.77 -13.46
N LEU B 36 -20.31 -23.68 -13.37
CA LEU B 36 -19.50 -23.20 -14.49
C LEU B 36 -18.13 -22.82 -13.99
N ASP B 37 -17.20 -22.59 -14.92
CA ASP B 37 -15.80 -22.37 -14.53
C ASP B 37 -15.64 -20.93 -14.07
N PRO B 38 -15.13 -20.71 -12.83
CA PRO B 38 -15.06 -19.35 -12.32
C PRO B 38 -13.86 -18.60 -12.92
N ALA B 39 -12.88 -19.34 -13.41
CA ALA B 39 -11.60 -18.73 -13.83
C ALA B 39 -11.10 -17.76 -12.74
N SER B 40 -10.72 -16.54 -13.12
CA SER B 40 -10.16 -15.61 -12.14
C SER B 40 -11.11 -15.10 -11.06
N LEU B 41 -12.41 -15.34 -11.22
CA LEU B 41 -13.34 -15.09 -10.10
C LEU B 41 -12.93 -15.86 -8.82
N THR B 42 -12.20 -16.95 -8.99
CA THR B 42 -11.56 -17.64 -7.86
C THR B 42 -10.77 -16.75 -6.94
N LYS B 43 -10.10 -15.73 -7.49
CA LYS B 43 -9.26 -14.83 -6.69
C LYS B 43 -10.11 -13.96 -5.81
N ILE B 44 -11.42 -13.93 -5.99
CA ILE B 44 -12.24 -13.29 -4.97
C ILE B 44 -12.11 -14.03 -3.64
N MET B 45 -12.12 -15.35 -3.71
CA MET B 45 -11.94 -16.15 -2.50
C MET B 45 -10.51 -16.08 -2.01
N THR B 46 -9.56 -16.09 -2.94
CA THR B 46 -8.16 -15.93 -2.54
C THR B 46 -8.02 -14.68 -1.71
N SER B 47 -8.62 -13.59 -2.18
CA SER B 47 -8.58 -12.36 -1.40
C SER B 47 -9.36 -12.40 -0.13
N TYR B 48 -10.47 -13.13 -0.12
CA TYR B 48 -11.27 -13.27 1.09
C TYR B 48 -10.42 -13.91 2.20
N VAL B 49 -9.68 -14.96 1.84
CA VAL B 49 -8.80 -15.62 2.82
C VAL B 49 -7.63 -14.72 3.29
N VAL B 50 -6.94 -14.11 2.35
CA VAL B 50 -5.87 -13.18 2.71
C VAL B 50 -6.43 -12.06 3.59
N GLY B 51 -7.60 -11.53 3.23
CA GLY B 51 -8.20 -10.46 4.01
C GLY B 51 -8.54 -10.88 5.44
N GLN B 52 -8.90 -12.17 5.61
CA GLN B 52 -9.22 -12.67 6.95
C GLN B 52 -7.91 -12.79 7.74
N ALA B 53 -6.86 -13.27 7.07
CA ALA B 53 -5.54 -13.39 7.71
C ALA B 53 -5.05 -12.04 8.17
N LEU B 54 -5.26 -11.01 7.33
CA LEU B 54 -4.92 -9.63 7.73
C LEU B 54 -5.80 -9.13 8.87
N LYS B 55 -7.11 -9.35 8.77
CA LYS B 55 -8.05 -8.82 9.76
C LYS B 55 -7.78 -9.45 11.14
N ALA B 56 -7.38 -10.73 11.14
CA ALA B 56 -7.05 -11.47 12.38
C ALA B 56 -5.66 -11.21 12.92
N ASP B 57 -4.92 -10.32 12.25
CA ASP B 57 -3.54 -10.01 12.60
C ASP B 57 -2.59 -11.20 12.59
N LYS B 58 -2.83 -12.15 11.69
CA LYS B 58 -1.91 -13.28 11.48
C LYS B 58 -0.82 -12.99 10.44
N ILE B 59 -1.09 -12.04 9.55
CA ILE B 59 -0.08 -11.47 8.66
C ILE B 59 -0.30 -9.96 8.68
N LYS B 60 0.70 -9.20 8.24
CA LYS B 60 0.54 -7.76 8.05
C LYS B 60 0.95 -7.36 6.64
N LEU B 61 0.42 -6.24 6.17
CA LEU B 61 0.76 -5.69 4.83
C LEU B 61 2.27 -5.46 4.69
N THR B 62 2.92 -5.21 5.82
CA THR B 62 4.37 -4.93 5.83
C THR B 62 5.23 -6.18 5.88
N ASP B 63 4.66 -7.36 6.10
CA ASP B 63 5.48 -8.60 6.10
C ASP B 63 6.12 -8.81 4.75
N MET B 64 7.39 -9.23 4.74
CA MET B 64 8.07 -9.59 3.49
C MET B 64 7.99 -11.07 3.26
N VAL B 65 7.51 -11.43 2.07
CA VAL B 65 7.31 -12.80 1.64
C VAL B 65 8.42 -13.21 0.69
N THR B 66 8.99 -14.39 0.93
CA THR B 66 9.94 -14.99 0.00
C THR B 66 9.27 -15.79 -1.14
N VAL B 67 9.61 -15.43 -2.37
CA VAL B 67 9.03 -16.07 -3.54
C VAL B 67 9.70 -17.43 -3.73
N GLY B 68 8.91 -18.49 -3.92
CA GLY B 68 9.42 -19.85 -4.11
C GLY B 68 9.38 -20.24 -5.59
N LYS B 69 9.93 -21.41 -5.91
CA LYS B 69 9.96 -21.86 -7.29
C LYS B 69 8.56 -22.05 -7.91
N ASP B 70 7.57 -22.30 -7.05
CA ASP B 70 6.19 -22.49 -7.52
C ASP B 70 5.55 -21.21 -8.04
N ALA B 71 6.15 -20.06 -7.75
CA ALA B 71 5.52 -18.76 -8.09
C ALA B 71 6.09 -18.12 -9.35
N TRP B 72 6.53 -18.97 -10.27
CA TRP B 72 7.49 -18.61 -11.30
C TRP B 72 7.09 -19.39 -12.53
N ALA B 73 6.82 -18.70 -13.65
CA ALA B 73 6.31 -19.36 -14.87
C ALA B 73 7.29 -20.43 -15.38
N THR B 74 8.57 -20.11 -15.33
CA THR B 74 9.62 -21.10 -15.53
C THR B 74 9.52 -22.32 -14.60
N GLY B 75 9.21 -22.10 -13.34
CA GLY B 75 9.18 -23.17 -12.34
C GLY B 75 7.82 -23.79 -12.13
N ASN B 76 6.83 -23.34 -12.91
CA ASN B 76 5.45 -23.77 -12.71
C ASN B 76 4.73 -23.75 -14.05
N PRO B 77 4.66 -24.90 -14.73
CA PRO B 77 4.15 -24.95 -16.09
C PRO B 77 2.73 -24.39 -16.20
N ALA B 78 1.91 -24.57 -15.16
CA ALA B 78 0.58 -23.98 -15.11
C ALA B 78 0.52 -22.45 -15.27
N LEU B 79 1.58 -21.75 -14.89
CA LEU B 79 1.64 -20.29 -14.94
C LEU B 79 2.02 -19.73 -16.33
N ARG B 80 2.60 -20.55 -17.18
CA ARG B 80 3.13 -20.05 -18.46
C ARG B 80 2.03 -19.46 -19.34
N GLY B 81 2.20 -18.20 -19.74
CA GLY B 81 1.16 -17.47 -20.48
C GLY B 81 0.19 -16.69 -19.59
N SER B 82 0.12 -17.08 -18.32
CA SER B 82 -0.77 -16.48 -17.30
C SER B 82 -0.44 -15.01 -17.07
N SER B 83 -1.42 -14.21 -16.67
CA SER B 83 -1.08 -12.93 -16.01
C SER B 83 -0.24 -13.15 -14.77
N VAL B 84 0.85 -12.39 -14.69
CA VAL B 84 1.82 -12.54 -13.63
C VAL B 84 2.45 -11.20 -13.30
N MET B 85 3.01 -11.11 -12.09
CA MET B 85 3.92 -10.03 -11.69
C MET B 85 5.36 -10.24 -12.15
N PHE B 86 5.66 -11.40 -12.73
CA PHE B 86 7.04 -11.76 -13.06
C PHE B 86 7.90 -11.77 -11.80
N LEU B 87 7.50 -12.60 -10.85
CA LEU B 87 8.27 -12.82 -9.61
C LEU B 87 9.32 -13.89 -9.88
N LYS B 88 10.47 -13.79 -9.20
CA LYS B 88 11.51 -14.81 -9.29
C LYS B 88 11.84 -15.41 -7.93
N PRO B 89 12.26 -16.68 -7.92
CA PRO B 89 12.54 -17.37 -6.67
C PRO B 89 13.65 -16.65 -5.90
N GLY B 90 13.48 -16.50 -4.60
CA GLY B 90 14.36 -15.65 -3.79
C GLY B 90 13.94 -14.20 -3.66
N ASP B 91 13.18 -13.70 -4.61
CA ASP B 91 12.65 -12.33 -4.52
C ASP B 91 11.97 -12.24 -3.17
N GLN B 92 12.09 -11.09 -2.51
CA GLN B 92 11.22 -10.78 -1.40
C GLN B 92 10.26 -9.68 -1.79
N VAL B 93 8.98 -9.89 -1.50
CA VAL B 93 7.92 -8.95 -1.85
C VAL B 93 6.99 -8.75 -0.65
N SER B 94 6.52 -7.52 -0.45
CA SER B 94 5.65 -7.28 0.69
C SER B 94 4.30 -7.99 0.46
N VAL B 95 3.64 -8.37 1.54
CA VAL B 95 2.27 -8.83 1.44
C VAL B 95 1.41 -7.77 0.71
N ALA B 96 1.57 -6.49 1.06
CA ALA B 96 0.81 -5.42 0.39
C ALA B 96 0.94 -5.52 -1.14
N ASP B 97 2.15 -5.71 -1.66
CA ASP B 97 2.32 -5.74 -3.13
C ASP B 97 1.75 -7.03 -3.74
N LEU B 98 2.03 -8.18 -3.13
CA LEU B 98 1.44 -9.43 -3.60
C LEU B 98 -0.10 -9.34 -3.61
N ASN B 99 -0.62 -8.73 -2.57
CA ASN B 99 -2.07 -8.58 -2.37
C ASN B 99 -2.65 -7.66 -3.46
N LYS B 100 -2.01 -6.53 -3.73
CA LYS B 100 -2.37 -5.76 -4.93
C LYS B 100 -2.21 -6.54 -6.24
N GLY B 101 -1.16 -7.34 -6.34
CA GLY B 101 -0.99 -8.17 -7.50
C GLY B 101 -2.16 -9.09 -7.76
N VAL B 102 -2.71 -9.68 -6.70
CA VAL B 102 -3.83 -10.61 -6.82
C VAL B 102 -5.06 -9.84 -7.26
N ILE B 103 -5.29 -8.73 -6.57
CA ILE B 103 -6.58 -8.04 -6.67
C ILE B 103 -6.68 -7.24 -7.96
N ILE B 104 -5.61 -6.50 -8.29
CA ILE B 104 -5.69 -5.50 -9.35
C ILE B 104 -5.27 -6.15 -10.66
N GLN B 105 -4.16 -6.89 -10.64
CA GLN B 105 -3.55 -7.45 -11.85
C GLN B 105 -4.01 -8.88 -12.11
N SER B 106 -4.67 -9.49 -11.13
CA SER B 106 -4.97 -10.91 -11.16
C SER B 106 -3.72 -11.73 -11.42
N GLY B 107 -2.65 -11.43 -10.70
CA GLY B 107 -1.40 -12.20 -10.84
C GLY B 107 -1.44 -13.60 -10.26
N ASN B 108 -1.28 -14.61 -11.12
CA ASN B 108 -1.43 -15.98 -10.70
C ASN B 108 -0.22 -16.40 -9.86
N ASP B 109 0.92 -15.81 -10.18
CA ASP B 109 2.08 -15.98 -9.33
C ASP B 109 1.94 -15.37 -7.93
N ALA B 110 1.34 -14.20 -7.83
CA ALA B 110 1.16 -13.57 -6.52
C ALA B 110 0.23 -14.44 -5.65
N CYS B 111 -0.75 -15.10 -6.28
CA CYS B 111 -1.71 -15.94 -5.50
C CYS B 111 -0.89 -17.04 -4.85
N ILE B 112 0.06 -17.58 -5.60
CA ILE B 112 0.75 -18.73 -5.07
C ILE B 112 1.70 -18.31 -3.95
N ALA B 113 2.38 -17.19 -4.11
CA ALA B 113 3.37 -16.73 -3.14
C ALA B 113 2.65 -16.38 -1.83
N LEU B 114 1.47 -15.78 -1.96
CA LEU B 114 0.66 -15.44 -0.78
C LEU B 114 0.08 -16.68 -0.11
N ALA B 115 -0.35 -17.64 -0.91
CA ALA B 115 -0.97 -18.85 -0.38
C ALA B 115 0.08 -19.58 0.46
N ASP B 116 1.29 -19.69 -0.07
CA ASP B 116 2.37 -20.36 0.67
C ASP B 116 2.61 -19.64 1.98
N TYR B 117 2.59 -18.32 1.95
CA TYR B 117 2.95 -17.52 3.14
C TYR B 117 1.83 -17.64 4.18
N VAL B 118 0.58 -17.57 3.72
CA VAL B 118 -0.55 -17.60 4.67
C VAL B 118 -0.72 -18.99 5.28
N ALA B 119 -0.68 -20.01 4.45
CA ALA B 119 -1.14 -21.32 4.87
C ALA B 119 -0.02 -22.36 4.87
N GLY B 120 1.15 -21.99 4.34
CA GLY B 120 2.22 -22.95 4.20
C GLY B 120 2.37 -23.69 2.87
N SER B 121 1.27 -23.86 2.13
CA SER B 121 1.32 -24.53 0.83
C SER B 121 0.05 -24.19 0.13
N GLN B 122 0.00 -24.43 -1.18
CA GLN B 122 -1.22 -24.21 -1.96
C GLN B 122 -2.34 -25.15 -1.50
N GLU B 123 -2.01 -26.40 -1.25
CA GLU B 123 -2.96 -27.35 -0.61
C GLU B 123 -3.63 -26.89 0.67
N SER B 124 -2.87 -26.40 1.63
CA SER B 124 -3.49 -25.93 2.86
C SER B 124 -4.37 -24.71 2.60
N PHE B 125 -3.91 -23.81 1.72
CA PHE B 125 -4.72 -22.59 1.43
C PHE B 125 -6.03 -22.94 0.75
N ILE B 126 -5.97 -23.88 -0.17
CA ILE B 126 -7.20 -24.31 -0.89
C ILE B 126 -8.19 -24.92 0.09
N GLY B 127 -7.67 -25.57 1.13
CA GLY B 127 -8.47 -25.97 2.29
C GLY B 127 -9.22 -24.84 2.98
N LEU B 128 -8.55 -23.72 3.22
CA LEU B 128 -9.19 -22.57 3.82
C LEU B 128 -10.23 -22.01 2.85
N MET B 129 -9.90 -21.98 1.55
CA MET B 129 -10.85 -21.52 0.53
C MET B 129 -12.14 -22.32 0.59
N ASN B 130 -12.01 -23.62 0.66
CA ASN B 130 -13.19 -24.48 0.63
C ASN B 130 -13.92 -24.49 1.97
N GLY B 131 -13.18 -24.31 3.06
CA GLY B 131 -13.81 -24.10 4.38
C GLY B 131 -14.68 -22.86 4.44
N TYR B 132 -14.20 -21.76 3.88
CA TYR B 132 -15.02 -20.57 3.88
C TYR B 132 -16.19 -20.75 2.91
N ALA B 133 -15.96 -21.48 1.82
CA ALA B 133 -17.05 -21.72 0.87
C ALA B 133 -18.19 -22.43 1.61
N LYS B 134 -17.85 -23.43 2.43
CA LYS B 134 -18.91 -24.12 3.22
C LYS B 134 -19.54 -23.16 4.23
N LYS B 135 -18.71 -22.42 4.94
CA LYS B 135 -19.20 -21.49 5.93
C LYS B 135 -20.13 -20.44 5.35
N LEU B 136 -19.81 -19.94 4.16
CA LEU B 136 -20.61 -18.89 3.54
C LEU B 136 -21.81 -19.46 2.76
N GLY B 137 -21.99 -20.77 2.82
CA GLY B 137 -23.13 -21.37 2.14
C GLY B 137 -23.01 -21.36 0.62
N LEU B 138 -21.77 -21.48 0.12
CA LEU B 138 -21.56 -21.63 -1.31
C LEU B 138 -21.70 -23.10 -1.69
N THR B 139 -22.96 -23.54 -1.80
CA THR B 139 -23.23 -24.98 -1.86
C THR B 139 -22.84 -25.64 -3.18
N ASN B 140 -22.69 -24.82 -4.22
CA ASN B 140 -22.33 -25.36 -5.52
C ASN B 140 -20.92 -24.93 -5.97
N THR B 141 -20.05 -24.66 -5.00
CA THR B 141 -18.71 -24.14 -5.29
C THR B 141 -17.61 -25.06 -4.71
N THR B 142 -16.64 -25.40 -5.54
CA THR B 142 -15.44 -26.14 -5.11
C THR B 142 -14.21 -25.52 -5.76
N PHE B 143 -13.23 -25.15 -4.94
CA PHE B 143 -11.94 -24.64 -5.46
C PHE B 143 -10.87 -25.73 -5.47
N GLN B 144 -10.10 -25.79 -6.56
CA GLN B 144 -8.98 -26.75 -6.68
C GLN B 144 -7.64 -26.05 -6.87
N THR B 145 -7.66 -24.72 -6.89
CA THR B 145 -6.44 -23.94 -7.15
C THR B 145 -6.52 -22.65 -6.37
N VAL B 146 -5.36 -22.02 -6.16
CA VAL B 146 -5.33 -20.74 -5.46
C VAL B 146 -5.59 -19.55 -6.41
N HIS B 147 -5.65 -19.82 -7.72
CA HIS B 147 -5.63 -18.75 -8.75
C HIS B 147 -6.75 -18.91 -9.77
N GLY B 148 -7.38 -20.08 -9.78
CA GLY B 148 -8.51 -20.29 -10.67
C GLY B 148 -8.10 -20.69 -12.07
N LEU B 149 -6.82 -21.02 -12.26
CA LEU B 149 -6.38 -21.50 -13.57
C LEU B 149 -6.96 -22.88 -13.78
N ASP B 150 -6.80 -23.41 -15.00
CA ASP B 150 -7.61 -24.52 -15.45
C ASP B 150 -7.39 -25.72 -14.54
N ALA B 151 -8.48 -26.34 -14.10
CA ALA B 151 -8.41 -27.50 -13.21
C ALA B 151 -9.71 -28.30 -13.24
N PRO B 152 -9.61 -29.64 -13.14
CA PRO B 152 -10.78 -30.52 -12.98
C PRO B 152 -11.52 -30.30 -11.68
N GLY B 153 -12.85 -30.36 -11.74
CA GLY B 153 -13.67 -30.36 -10.52
C GLY B 153 -13.55 -29.04 -9.78
N GLN B 154 -13.24 -27.99 -10.52
CA GLN B 154 -13.30 -26.65 -9.97
C GLN B 154 -14.46 -25.92 -10.67
N PHE B 155 -15.40 -25.39 -9.90
CA PHE B 155 -16.59 -24.71 -10.44
C PHE B 155 -17.18 -23.80 -9.39
N SER B 156 -18.01 -22.85 -9.82
CA SER B 156 -18.91 -22.13 -8.90
C SER B 156 -20.17 -21.79 -9.70
N THR B 157 -20.97 -20.86 -9.19
CA THR B 157 -22.23 -20.51 -9.87
C THR B 157 -22.43 -19.04 -9.73
N ALA B 158 -23.31 -18.48 -10.55
CA ALA B 158 -23.59 -17.06 -10.43
C ALA B 158 -24.04 -16.70 -9.01
N ARG B 159 -24.99 -17.46 -8.46
CA ARG B 159 -25.49 -17.24 -7.11
C ARG B 159 -24.35 -17.32 -6.08
N ASP B 160 -23.48 -18.31 -6.18
CA ASP B 160 -22.43 -18.43 -5.17
C ASP B 160 -21.41 -17.31 -5.26
N MET B 161 -21.08 -16.89 -6.47
CA MET B 161 -20.19 -15.74 -6.68
C MET B 161 -20.81 -14.45 -6.14
N ALA B 162 -22.12 -14.31 -6.21
CA ALA B 162 -22.73 -13.14 -5.60
C ALA B 162 -22.65 -13.19 -4.06
N LEU B 163 -22.97 -14.35 -3.49
CA LEU B 163 -22.87 -14.54 -2.05
C LEU B 163 -21.44 -14.31 -1.58
N LEU B 164 -20.49 -14.81 -2.35
CA LEU B 164 -19.09 -14.62 -2.02
C LEU B 164 -18.71 -13.15 -2.10
N GLY B 165 -19.17 -12.46 -3.15
CA GLY B 165 -18.87 -11.05 -3.27
C GLY B 165 -19.47 -10.25 -2.14
N LYS B 166 -20.71 -10.56 -1.78
CA LYS B 166 -21.33 -9.89 -0.64
C LYS B 166 -20.47 -10.09 0.62
N ALA B 167 -20.03 -11.31 0.83
CA ALA B 167 -19.16 -11.61 2.01
C ALA B 167 -17.83 -10.87 2.01
N LEU B 168 -17.19 -10.75 0.85
CA LEU B 168 -15.98 -9.96 0.77
C LEU B 168 -16.21 -8.50 1.21
N ILE B 169 -17.21 -7.88 0.61
CA ILE B 169 -17.58 -6.53 0.92
C ILE B 169 -17.88 -6.33 2.40
N HIS B 170 -18.63 -7.25 2.98
CA HIS B 170 -19.12 -7.11 4.35
C HIS B 170 -18.02 -7.42 5.37
N ASP B 171 -17.31 -8.52 5.15
CA ASP B 171 -16.46 -9.15 6.17
C ASP B 171 -15.02 -8.61 6.13
N VAL B 172 -14.51 -8.31 4.94
CA VAL B 172 -13.16 -7.78 4.87
C VAL B 172 -13.13 -6.48 4.04
N PRO B 173 -13.74 -5.42 4.55
CA PRO B 173 -13.90 -4.20 3.75
C PRO B 173 -12.58 -3.58 3.31
N GLU B 174 -11.50 -3.77 4.06
CA GLU B 174 -10.22 -3.20 3.63
C GLU B 174 -9.72 -3.92 2.39
N GLU B 175 -10.08 -5.18 2.28
CA GLU B 175 -9.63 -5.97 1.15
C GLU B 175 -10.52 -5.59 -0.03
N TYR B 176 -11.83 -5.40 0.20
CA TYR B 176 -12.70 -4.99 -0.90
C TYR B 176 -12.27 -3.64 -1.44
N ALA B 177 -11.84 -2.73 -0.55
CA ALA B 177 -11.48 -1.35 -0.96
C ALA B 177 -10.38 -1.30 -2.02
N ILE B 178 -9.53 -2.33 -2.06
CA ILE B 178 -8.48 -2.39 -3.06
C ILE B 178 -9.02 -2.74 -4.48
N HIS B 179 -10.21 -3.33 -4.55
CA HIS B 179 -10.76 -3.82 -5.83
C HIS B 179 -11.21 -2.65 -6.75
N LYS B 180 -11.22 -1.44 -6.19
CA LYS B 180 -11.58 -0.16 -6.89
C LYS B 180 -10.36 0.36 -7.73
N GLU B 181 -9.16 -0.13 -7.40
CA GLU B 181 -7.91 0.52 -7.85
C GLU B 181 -7.65 0.19 -9.30
N LYS B 182 -7.47 1.24 -10.11
CA LYS B 182 -7.41 1.06 -11.57
C LYS B 182 -6.05 0.58 -12.07
N GLU B 183 -5.00 0.82 -11.30
CA GLU B 183 -3.64 0.57 -11.78
C GLU B 183 -2.79 0.00 -10.66
N PHE B 184 -1.84 -0.83 -11.04
CA PHE B 184 -0.84 -1.23 -10.08
C PHE B 184 0.48 -1.29 -10.79
N THR B 185 1.49 -0.61 -10.24
CA THR B 185 2.84 -0.70 -10.83
C THR B 185 3.75 -1.48 -9.92
N PHE B 186 4.43 -2.47 -10.49
CA PHE B 186 5.40 -3.29 -9.77
C PHE B 186 6.59 -3.55 -10.66
N ASN B 187 7.78 -3.33 -10.12
CA ASN B 187 9.01 -3.48 -10.89
C ASN B 187 8.88 -2.87 -12.29
N LYS B 188 8.41 -1.64 -12.31
CA LYS B 188 8.50 -0.78 -13.49
C LYS B 188 7.46 -1.11 -14.55
N ILE B 189 6.62 -2.11 -14.28
CA ILE B 189 5.52 -2.42 -15.20
C ILE B 189 4.15 -2.04 -14.58
N ARG B 190 3.43 -1.10 -15.19
CA ARG B 190 2.12 -0.75 -14.69
C ARG B 190 1.14 -1.65 -15.41
N GLN B 191 0.22 -2.24 -14.65
CA GLN B 191 -0.81 -3.06 -15.24
C GLN B 191 -2.15 -2.57 -14.76
N PRO B 192 -3.10 -2.51 -15.68
CA PRO B 192 -4.40 -1.92 -15.39
C PRO B 192 -5.31 -2.98 -14.74
N ASN B 193 -6.23 -2.54 -13.89
CA ASN B 193 -7.41 -3.36 -13.56
C ASN B 193 -8.23 -3.66 -14.83
N ARG B 194 -8.48 -4.94 -15.12
CA ARG B 194 -9.25 -5.32 -16.31
C ARG B 194 -10.75 -5.03 -16.20
N ASN B 195 -11.21 -4.62 -15.01
CA ASN B 195 -12.63 -4.28 -14.83
C ASN B 195 -12.97 -2.93 -15.45
N ARG B 196 -13.36 -2.94 -16.72
CA ARG B 196 -13.71 -1.71 -17.43
C ARG B 196 -14.81 -0.88 -16.77
N LEU B 197 -15.69 -1.52 -15.99
CA LEU B 197 -16.76 -0.75 -15.36
C LEU B 197 -16.25 0.25 -14.33
N LEU B 198 -15.02 0.06 -13.87
CA LEU B 198 -14.47 1.06 -12.96
C LEU B 198 -14.37 2.45 -13.63
N TRP B 199 -14.36 2.46 -14.96
CA TRP B 199 -14.19 3.72 -15.68
C TRP B 199 -15.55 4.32 -16.09
N SER B 200 -16.63 3.62 -15.76
CA SER B 200 -17.96 4.02 -16.23
C SER B 200 -18.36 5.37 -15.63
N SER B 201 -18.91 6.26 -16.46
CA SER B 201 -19.45 7.51 -15.95
C SER B 201 -20.91 7.33 -15.55
N ASN B 202 -21.54 6.29 -16.12
CA ASN B 202 -22.93 5.99 -15.83
C ASN B 202 -23.24 5.34 -14.48
N LEU B 203 -22.34 4.49 -13.99
CA LEU B 203 -22.53 3.84 -12.69
C LEU B 203 -21.34 4.19 -11.82
N ASN B 204 -21.54 4.22 -10.51
CA ASN B 204 -20.45 4.18 -9.57
C ASN B 204 -20.08 2.73 -9.23
N VAL B 205 -19.25 2.09 -10.05
CA VAL B 205 -18.90 0.68 -9.88
C VAL B 205 -17.59 0.67 -9.11
N ASP B 206 -17.50 -0.12 -8.04
CA ASP B 206 -16.25 -0.17 -7.29
C ASP B 206 -15.65 -1.56 -7.10
N GLY B 207 -16.07 -2.49 -7.93
CA GLY B 207 -15.52 -3.82 -7.90
C GLY B 207 -16.24 -4.63 -8.96
N MET B 208 -15.83 -5.89 -9.09
CA MET B 208 -14.84 -6.48 -8.17
C MET B 208 -13.82 -7.39 -8.84
N LYS B 209 -14.25 -8.21 -9.79
CA LYS B 209 -13.30 -9.10 -10.48
C LYS B 209 -13.77 -9.61 -11.83
N THR B 210 -12.85 -9.60 -12.78
CA THR B 210 -13.02 -10.27 -14.08
C THR B 210 -12.39 -11.66 -14.13
N GLY B 211 -12.90 -12.49 -15.03
CA GLY B 211 -12.14 -13.65 -15.50
C GLY B 211 -12.55 -14.19 -16.85
N THR B 212 -11.65 -14.96 -17.48
CA THR B 212 -11.94 -15.64 -18.75
C THR B 212 -11.62 -17.12 -18.73
N THR B 213 -12.65 -17.94 -19.00
CA THR B 213 -12.50 -19.41 -18.98
C THR B 213 -11.71 -19.86 -20.21
N ALA B 214 -11.05 -21.02 -20.09
CA ALA B 214 -10.38 -21.63 -21.23
C ALA B 214 -11.33 -21.88 -22.39
N GLY B 215 -12.62 -21.99 -22.09
CA GLY B 215 -13.64 -22.16 -23.12
C GLY B 215 -14.12 -20.83 -23.69
N ALA B 216 -13.34 -19.77 -23.44
CA ALA B 216 -13.61 -18.45 -24.00
C ALA B 216 -14.92 -17.87 -23.49
N GLY B 217 -15.29 -18.24 -22.26
CA GLY B 217 -16.36 -17.56 -21.55
C GLY B 217 -15.76 -16.42 -20.74
N TYR B 218 -16.36 -15.24 -20.85
CA TYR B 218 -15.90 -14.05 -20.14
C TYR B 218 -16.79 -13.81 -18.91
N ASN B 219 -16.17 -13.70 -17.73
CA ASN B 219 -16.94 -13.58 -16.45
C ASN B 219 -16.76 -12.19 -15.83
N LEU B 220 -17.75 -11.75 -15.05
CA LEU B 220 -17.55 -10.53 -14.26
C LEU B 220 -18.41 -10.57 -13.00
N VAL B 221 -17.80 -10.29 -11.86
CA VAL B 221 -18.54 -9.85 -10.66
C VAL B 221 -18.35 -8.38 -10.49
N ALA B 222 -19.45 -7.64 -10.49
CA ALA B 222 -19.40 -6.21 -10.36
C ALA B 222 -20.23 -5.78 -9.15
N SER B 223 -19.84 -4.67 -8.55
CA SER B 223 -20.67 -4.03 -7.54
C SER B 223 -20.73 -2.52 -7.72
N ALA B 224 -21.89 -1.96 -7.43
CA ALA B 224 -22.13 -0.53 -7.67
C ALA B 224 -22.97 0.02 -6.54
N THR B 225 -22.86 1.33 -6.31
CA THR B 225 -23.66 1.99 -5.30
C THR B 225 -24.43 3.13 -5.94
N GLN B 226 -25.57 3.40 -5.32
CA GLN B 226 -26.34 4.60 -5.60
C GLN B 226 -27.02 5.01 -4.31
N GLY B 227 -26.61 6.17 -3.78
CA GLY B 227 -27.01 6.55 -2.43
C GLY B 227 -26.59 5.46 -1.47
N ASP B 228 -27.51 5.02 -0.62
CA ASP B 228 -27.20 3.99 0.37
C ASP B 228 -27.55 2.59 -0.14
N MET B 229 -27.80 2.47 -1.43
CA MET B 229 -28.11 1.16 -2.01
C MET B 229 -26.85 0.56 -2.70
N ARG B 230 -26.61 -0.72 -2.52
CA ARG B 230 -25.54 -1.41 -3.23
C ARG B 230 -26.07 -2.65 -3.90
N LEU B 231 -25.75 -2.80 -5.21
CA LEU B 231 -26.11 -3.99 -5.94
C LEU B 231 -24.84 -4.78 -6.26
N ILE B 232 -24.98 -6.10 -6.38
CA ILE B 232 -23.96 -6.98 -6.89
C ILE B 232 -24.48 -7.72 -8.13
N SER B 233 -23.72 -7.68 -9.23
CA SER B 233 -24.11 -8.46 -10.42
C SER B 233 -23.05 -9.49 -10.74
N VAL B 234 -23.48 -10.61 -11.30
CA VAL B 234 -22.51 -11.60 -11.76
C VAL B 234 -22.96 -12.00 -13.17
N VAL B 235 -21.99 -12.03 -14.07
CA VAL B 235 -22.28 -12.53 -15.42
C VAL B 235 -21.24 -13.56 -15.73
N LEU B 236 -21.68 -14.76 -16.11
CA LEU B 236 -20.74 -15.86 -16.37
C LEU B 236 -20.91 -16.34 -17.82
N GLY B 237 -19.80 -16.62 -18.48
CA GLY B 237 -19.84 -17.15 -19.85
C GLY B 237 -20.40 -16.21 -20.91
N ALA B 238 -20.11 -14.92 -20.80
CA ALA B 238 -20.47 -14.01 -21.90
C ALA B 238 -19.53 -14.33 -23.09
N LYS B 239 -19.96 -14.07 -24.31
CA LYS B 239 -19.24 -14.57 -25.50
C LYS B 239 -18.03 -13.68 -25.80
N THR B 240 -18.15 -12.41 -25.46
CA THR B 240 -17.06 -11.46 -25.67
C THR B 240 -16.82 -10.55 -24.47
N ASP B 241 -15.65 -9.95 -24.46
CA ASP B 241 -15.30 -8.91 -23.49
C ASP B 241 -16.33 -7.77 -23.41
N ARG B 242 -16.69 -7.23 -24.58
CA ARG B 242 -17.65 -6.14 -24.63
C ARG B 242 -18.98 -6.55 -23.99
N ILE B 243 -19.47 -7.74 -24.31
CA ILE B 243 -20.80 -8.16 -23.87
C ILE B 243 -20.82 -8.37 -22.35
N ARG B 244 -19.75 -8.95 -21.83
CA ARG B 244 -19.64 -9.06 -20.37
C ARG B 244 -19.80 -7.73 -19.62
N PHE B 245 -19.20 -6.65 -20.11
CA PHE B 245 -19.37 -5.37 -19.45
C PHE B 245 -20.73 -4.76 -19.73
N ASN B 246 -21.17 -4.82 -20.97
CA ASN B 246 -22.45 -4.22 -21.32
C ASN B 246 -23.61 -4.91 -20.59
N GLU B 247 -23.61 -6.24 -20.55
CA GLU B 247 -24.73 -6.93 -19.90
C GLU B 247 -24.72 -6.61 -18.40
N SER B 248 -23.52 -6.42 -17.83
CA SER B 248 -23.39 -6.16 -16.41
C SER B 248 -23.91 -4.77 -16.11
N GLU B 249 -23.54 -3.83 -16.96
CA GLU B 249 -23.94 -2.44 -16.82
C GLU B 249 -25.46 -2.35 -16.95
N LYS B 250 -26.02 -3.15 -17.87
CA LYS B 250 -27.45 -3.21 -18.08
C LYS B 250 -28.21 -3.68 -16.83
N LEU B 251 -27.71 -4.73 -16.20
CA LEU B 251 -28.37 -5.31 -15.04
C LEU B 251 -28.36 -4.33 -13.87
N LEU B 252 -27.20 -3.74 -13.62
CA LEU B 252 -27.06 -2.81 -12.49
C LEU B 252 -27.99 -1.59 -12.68
N THR B 253 -27.95 -1.02 -13.88
CA THR B 253 -28.83 0.11 -14.21
C THR B 253 -30.29 -0.23 -14.00
N TRP B 254 -30.70 -1.42 -14.42
CA TRP B 254 -32.07 -1.87 -14.26
C TRP B 254 -32.46 -2.01 -12.78
N GLY B 255 -31.55 -2.58 -11.98
CA GLY B 255 -31.82 -2.77 -10.56
C GLY B 255 -32.03 -1.46 -9.81
N PHE B 256 -31.19 -0.47 -10.07
CA PHE B 256 -31.28 0.83 -9.42
C PHE B 256 -32.55 1.55 -9.88
N ARG B 257 -32.90 1.38 -11.15
CA ARG B 257 -34.08 2.09 -11.66
C ARG B 257 -35.39 1.56 -11.02
N PHE B 258 -35.51 0.25 -10.89
CA PHE B 258 -36.77 -0.36 -10.50
C PHE B 258 -36.90 -0.75 -9.04
N PHE B 259 -35.81 -0.68 -8.28
CA PHE B 259 -35.81 -1.14 -6.90
C PHE B 259 -35.10 -0.18 -5.97
N GLU B 260 -35.54 -0.17 -4.71
CA GLU B 260 -34.83 0.58 -3.67
C GLU B 260 -34.78 -0.26 -2.39
N THR B 261 -33.81 0.04 -1.52
CA THR B 261 -33.61 -0.78 -0.34
C THR B 261 -33.72 0.13 0.87
N VAL B 262 -34.39 -0.36 1.90
CA VAL B 262 -34.49 0.37 3.15
C VAL B 262 -34.30 -0.57 4.31
N THR B 263 -34.02 0.02 5.46
CA THR B 263 -33.72 -0.74 6.65
C THR B 263 -34.59 -0.26 7.81
N PRO B 264 -35.83 -0.76 7.88
CA PRO B 264 -36.81 -0.35 8.90
C PRO B 264 -36.39 -0.77 10.31
N ILE B 265 -35.56 -1.81 10.40
CA ILE B 265 -35.07 -2.30 11.68
C ILE B 265 -33.55 -2.46 11.66
N LYS B 266 -32.87 -1.55 12.31
CA LYS B 266 -31.42 -1.44 12.16
C LYS B 266 -30.72 -2.50 12.99
N PRO B 267 -29.49 -2.89 12.60
CA PRO B 267 -28.78 -3.90 13.39
C PRO B 267 -28.62 -3.31 14.78
N ASP B 268 -28.67 -4.14 15.80
CA ASP B 268 -28.55 -3.60 17.15
C ASP B 268 -29.87 -3.09 17.71
N ALA B 269 -30.84 -2.78 16.86
CA ALA B 269 -32.01 -2.01 17.31
C ALA B 269 -33.03 -2.98 17.91
N THR B 270 -33.80 -2.51 18.89
CA THR B 270 -34.95 -3.29 19.36
C THR B 270 -36.14 -3.01 18.44
N PHE B 271 -36.81 -4.07 18.01
CA PHE B 271 -38.12 -3.97 17.34
C PHE B 271 -39.21 -4.05 18.41
N VAL B 272 -39.24 -5.15 19.16
CA VAL B 272 -40.26 -5.29 20.19
C VAL B 272 -39.69 -5.79 21.49
N THR B 273 -40.36 -5.44 22.58
CA THR B 273 -39.99 -5.98 23.89
C THR B 273 -41.09 -6.96 24.31
N GLN B 274 -40.71 -8.12 24.84
CA GLN B 274 -41.69 -9.14 25.26
C GLN B 274 -41.39 -9.59 26.68
N ARG B 275 -42.43 -10.00 27.41
CA ARG B 275 -42.29 -10.56 28.75
C ARG B 275 -41.52 -11.90 28.64
N VAL B 276 -40.73 -12.25 29.66
CA VAL B 276 -40.10 -13.57 29.68
C VAL B 276 -40.45 -14.28 30.99
N TRP B 277 -40.73 -15.58 30.89
CA TRP B 277 -41.13 -16.37 32.04
C TRP B 277 -39.91 -17.07 32.64
N PHE B 278 -39.79 -17.00 33.96
CA PHE B 278 -38.89 -17.89 34.74
C PHE B 278 -37.44 -17.53 34.52
N GLY B 279 -37.19 -16.26 34.17
CA GLY B 279 -35.83 -15.80 33.88
C GLY B 279 -35.31 -14.88 34.95
N ASP B 280 -34.05 -14.49 34.81
CA ASP B 280 -33.47 -13.53 35.73
C ASP B 280 -33.72 -12.09 35.26
N LYS B 281 -34.40 -11.92 34.13
CA LYS B 281 -35.01 -10.64 33.78
C LYS B 281 -36.45 -10.84 33.39
N SER B 282 -37.29 -9.81 33.53
CA SER B 282 -38.73 -10.03 33.29
C SER B 282 -39.18 -9.69 31.86
N GLU B 283 -38.29 -9.04 31.10
CA GLU B 283 -38.56 -8.63 29.73
C GLU B 283 -37.33 -8.87 28.86
N VAL B 284 -37.54 -9.05 27.57
CA VAL B 284 -36.43 -9.18 26.64
C VAL B 284 -36.63 -8.33 25.37
N ASN B 285 -35.55 -7.74 24.87
CA ASN B 285 -35.59 -7.10 23.55
C ASN B 285 -35.43 -8.05 22.38
N LEU B 286 -36.24 -7.85 21.35
CA LEU B 286 -36.21 -8.71 20.18
C LEU B 286 -35.99 -7.82 18.98
N GLY B 287 -35.27 -8.31 17.98
CA GLY B 287 -34.90 -7.46 16.85
C GLY B 287 -34.69 -8.22 15.55
N ALA B 288 -34.09 -7.56 14.56
CA ALA B 288 -33.78 -8.20 13.27
C ALA B 288 -32.30 -8.60 13.11
N GLY B 289 -31.43 -8.09 13.98
CA GLY B 289 -29.97 -8.15 13.77
C GLY B 289 -29.64 -7.62 12.38
N GLU B 290 -28.94 -8.43 11.59
CA GLU B 290 -28.36 -7.95 10.32
C GLU B 290 -29.38 -8.05 9.19
N ALA B 291 -30.52 -8.67 9.47
CA ALA B 291 -31.40 -9.17 8.44
C ALA B 291 -32.60 -8.22 8.29
N GLY B 292 -32.43 -6.97 8.67
CA GLY B 292 -33.59 -6.08 8.81
C GLY B 292 -33.76 -5.18 7.61
N SER B 293 -32.94 -5.38 6.55
CA SER B 293 -33.10 -4.65 5.28
C SER B 293 -34.07 -5.33 4.31
N VAL B 294 -34.77 -4.53 3.52
CA VAL B 294 -35.73 -5.06 2.58
C VAL B 294 -35.65 -4.26 1.28
N THR B 295 -35.77 -4.97 0.16
CA THR B 295 -35.74 -4.32 -1.13
C THR B 295 -37.10 -4.39 -1.77
N ILE B 296 -37.56 -3.24 -2.27
CA ILE B 296 -38.93 -3.11 -2.77
C ILE B 296 -38.92 -2.33 -4.08
N PRO B 297 -40.02 -2.43 -4.86
CA PRO B 297 -40.10 -1.61 -6.06
C PRO B 297 -39.94 -0.14 -5.71
N ARG B 298 -39.14 0.59 -6.49
CA ARG B 298 -38.85 1.99 -6.21
C ARG B 298 -40.18 2.74 -6.27
N GLY B 299 -40.46 3.55 -5.24
CA GLY B 299 -41.74 4.26 -5.15
C GLY B 299 -42.73 3.67 -4.17
N GLN B 300 -42.45 2.49 -3.64
CA GLN B 300 -43.43 1.84 -2.81
C GLN B 300 -43.10 1.90 -1.35
N LEU B 301 -42.04 2.62 -1.00
CA LEU B 301 -41.70 2.77 0.40
C LEU B 301 -42.92 3.26 1.21
N LYS B 302 -43.71 4.17 0.65
CA LYS B 302 -44.83 4.75 1.40
C LYS B 302 -45.88 3.72 1.78
N ASN B 303 -45.86 2.57 1.10
CA ASN B 303 -46.87 1.52 1.27
C ASN B 303 -46.31 0.35 2.06
N LEU B 304 -45.02 0.40 2.36
CA LEU B 304 -44.45 -0.69 3.15
C LEU B 304 -45.01 -0.83 4.56
N LYS B 305 -45.42 -2.05 4.89
CA LYS B 305 -45.87 -2.37 6.24
C LYS B 305 -44.98 -3.45 6.83
N ALA B 306 -44.96 -3.51 8.16
CA ALA B 306 -44.15 -4.49 8.87
C ALA B 306 -44.92 -5.07 10.06
N SER B 307 -44.68 -6.35 10.33
CA SER B 307 -45.35 -7.05 11.41
C SER B 307 -44.37 -8.02 12.01
N TYR B 308 -44.71 -8.52 13.19
CA TYR B 308 -43.97 -9.60 13.82
C TYR B 308 -44.95 -10.69 14.20
N THR B 309 -44.46 -11.91 14.19
CA THR B 309 -45.20 -13.07 14.62
C THR B 309 -44.32 -13.89 15.56
N LEU B 310 -44.80 -14.17 16.75
CA LEU B 310 -44.08 -15.02 17.69
C LEU B 310 -44.38 -16.51 17.46
N THR B 311 -43.34 -17.33 17.42
CA THR B 311 -43.54 -18.78 17.27
C THR B 311 -44.42 -19.34 18.38
N GLU B 312 -44.13 -18.96 19.61
CA GLU B 312 -44.90 -19.43 20.77
C GLU B 312 -45.75 -18.34 21.42
N PRO B 313 -46.71 -18.75 22.26
CA PRO B 313 -47.57 -17.76 22.91
C PRO B 313 -46.84 -17.01 24.04
N GLN B 314 -45.80 -17.63 24.61
CA GLN B 314 -45.02 -17.01 25.71
C GLN B 314 -43.55 -17.19 25.33
N LEU B 315 -42.66 -16.43 25.95
CA LEU B 315 -41.21 -16.69 25.86
C LEU B 315 -40.83 -17.23 27.22
N THR B 316 -40.05 -18.30 27.26
CA THR B 316 -39.59 -18.81 28.56
C THR B 316 -38.05 -18.91 28.56
N ALA B 317 -37.43 -18.50 29.65
CA ALA B 317 -35.97 -18.57 29.73
C ALA B 317 -35.49 -20.03 29.70
N PRO B 318 -34.19 -20.25 29.40
CA PRO B 318 -33.23 -19.20 29.09
C PRO B 318 -33.32 -18.82 27.61
N LEU B 319 -32.93 -17.58 27.33
CA LEU B 319 -32.84 -17.09 25.97
C LEU B 319 -31.39 -16.66 25.72
N LYS B 320 -30.89 -16.99 24.54
CA LYS B 320 -29.55 -16.55 24.11
C LYS B 320 -29.65 -15.50 23.00
N LYS B 321 -28.88 -14.43 23.12
CA LYS B 321 -28.62 -13.54 21.98
C LYS B 321 -28.53 -14.28 20.63
N GLY B 322 -29.36 -13.90 19.66
CA GLY B 322 -29.37 -14.56 18.35
C GLY B 322 -30.44 -15.61 18.19
N GLN B 323 -31.03 -16.04 19.31
CA GLN B 323 -32.03 -17.08 19.27
C GLN B 323 -33.25 -16.63 18.47
N VAL B 324 -33.72 -17.47 17.55
CA VAL B 324 -34.92 -17.17 16.77
C VAL B 324 -36.22 -17.54 17.52
N VAL B 325 -37.10 -16.56 17.70
CA VAL B 325 -38.30 -16.78 18.51
C VAL B 325 -39.55 -16.38 17.72
N GLY B 326 -39.37 -16.13 16.42
CA GLY B 326 -40.47 -15.77 15.54
C GLY B 326 -40.02 -15.19 14.22
N THR B 327 -40.92 -14.48 13.54
CA THR B 327 -40.58 -13.90 12.26
C THR B 327 -40.94 -12.41 12.21
N ILE B 328 -40.20 -11.68 11.40
CA ILE B 328 -40.57 -10.33 10.98
C ILE B 328 -41.08 -10.40 9.55
N ASP B 329 -42.17 -9.72 9.26
CA ASP B 329 -42.80 -9.88 7.96
C ASP B 329 -43.01 -8.50 7.37
N PHE B 330 -42.57 -8.31 6.12
CA PHE B 330 -42.81 -7.05 5.41
C PHE B 330 -43.88 -7.31 4.36
N GLN B 331 -44.80 -6.36 4.25
CA GLN B 331 -45.88 -6.48 3.29
C GLN B 331 -45.99 -5.24 2.43
N LEU B 332 -46.54 -5.41 1.23
CA LEU B 332 -46.67 -4.33 0.28
C LEU B 332 -47.96 -4.55 -0.50
N ASN B 333 -48.82 -3.55 -0.50
CA ASN B 333 -50.15 -3.72 -1.03
C ASN B 333 -50.72 -4.98 -0.38
N GLY B 334 -51.21 -5.93 -1.13
CA GLY B 334 -51.72 -7.10 -0.43
C GLY B 334 -50.81 -8.02 0.38
N LYS B 335 -49.64 -8.33 -0.15
CA LYS B 335 -48.97 -9.58 0.18
C LYS B 335 -47.61 -9.46 0.83
N SER B 336 -47.24 -10.52 1.51
CA SER B 336 -45.93 -10.61 2.16
C SER B 336 -44.81 -10.71 1.16
N ILE B 337 -43.87 -9.78 1.22
CA ILE B 337 -42.80 -9.72 0.23
C ILE B 337 -41.46 -10.14 0.81
N GLU B 338 -41.37 -10.23 2.13
CA GLU B 338 -40.11 -10.68 2.74
C GLU B 338 -40.37 -11.14 4.16
N GLN B 339 -39.81 -12.28 4.53
CA GLN B 339 -39.88 -12.74 5.91
C GLN B 339 -38.45 -12.87 6.45
N ARG B 340 -38.22 -12.37 7.66
CA ARG B 340 -36.94 -12.53 8.39
C ARG B 340 -37.12 -13.14 9.79
N PRO B 341 -36.04 -13.70 10.34
CA PRO B 341 -36.08 -14.16 11.72
C PRO B 341 -36.27 -13.01 12.72
N LEU B 342 -37.07 -13.28 13.75
CA LEU B 342 -37.17 -12.34 14.87
C LEU B 342 -36.26 -12.89 15.96
N ILE B 343 -35.21 -12.14 16.31
CA ILE B 343 -34.19 -12.67 17.21
C ILE B 343 -34.04 -11.95 18.53
N VAL B 344 -33.64 -12.73 19.53
CA VAL B 344 -33.39 -12.23 20.85
C VAL B 344 -32.16 -11.36 20.80
N MET B 345 -32.24 -10.19 21.43
CA MET B 345 -31.13 -9.25 21.35
C MET B 345 -30.19 -9.29 22.56
N GLU B 346 -30.63 -9.95 23.64
CA GLU B 346 -29.87 -9.94 24.91
C GLU B 346 -30.09 -11.27 25.59
N ASN B 347 -29.10 -11.76 26.31
CA ASN B 347 -29.27 -13.00 27.07
C ASN B 347 -30.19 -12.82 28.25
N VAL B 348 -31.02 -13.83 28.49
CA VAL B 348 -31.77 -13.93 29.73
C VAL B 348 -31.55 -15.34 30.31
N GLU B 349 -30.84 -15.43 31.43
CA GLU B 349 -30.60 -16.73 32.07
C GLU B 349 -31.89 -17.22 32.76
N GLU B 350 -31.99 -18.53 32.97
CA GLU B 350 -32.94 -19.09 33.96
C GLU B 350 -32.87 -18.39 35.32
N GLY B 351 -34.03 -18.18 35.95
CA GLY B 351 -34.09 -17.60 37.28
C GLY B 351 -33.53 -18.57 38.31
N GLY B 352 -33.22 -18.07 39.49
CA GLY B 352 -32.99 -18.93 40.65
C GLY B 352 -31.65 -19.66 40.68
N VAL C 6 18.90 -5.64 -9.58
CA VAL C 6 18.28 -5.14 -8.31
C VAL C 6 17.08 -4.23 -8.55
N GLU C 7 15.96 -4.56 -7.90
CA GLU C 7 14.73 -3.82 -8.11
C GLU C 7 14.38 -2.93 -6.91
N ALA C 8 13.99 -1.69 -7.21
CA ALA C 8 13.94 -0.64 -6.21
C ALA C 8 12.75 -0.85 -5.27
N PRO C 9 13.00 -0.90 -3.95
CA PRO C 9 11.97 -1.38 -3.03
C PRO C 9 10.78 -0.45 -3.16
N SER C 10 9.59 -0.89 -2.76
CA SER C 10 8.45 0.01 -2.72
C SER C 10 8.28 0.50 -1.30
N VAL C 11 7.79 1.72 -1.14
CA VAL C 11 7.57 2.23 0.21
C VAL C 11 6.31 3.05 0.39
N ASP C 12 5.74 2.94 1.58
CA ASP C 12 4.39 3.43 1.84
C ASP C 12 4.49 4.78 2.55
N ALA C 13 4.84 5.81 1.78
CA ALA C 13 5.06 7.12 2.36
C ALA C 13 4.96 8.20 1.30
N ARG C 14 4.72 9.43 1.74
CA ARG C 14 4.61 10.55 0.83
C ARG C 14 5.92 10.83 0.12
N ALA C 15 7.04 10.63 0.83
CA ALA C 15 8.34 10.80 0.20
C ALA C 15 9.42 10.05 0.96
N TRP C 16 10.48 9.65 0.26
CA TRP C 16 11.61 8.99 0.89
C TRP C 16 12.89 9.10 0.07
N ILE C 17 14.02 8.80 0.71
CA ILE C 17 15.31 8.66 0.04
C ILE C 17 16.22 7.74 0.83
N LEU C 18 17.12 7.07 0.12
CA LEU C 18 18.15 6.25 0.72
C LEU C 18 19.44 6.70 0.08
N MET C 19 20.45 7.02 0.89
CA MET C 19 21.66 7.66 0.37
C MET C 19 22.89 7.08 1.06
N ASP C 20 23.90 6.75 0.28
CA ASP C 20 25.16 6.30 0.87
C ASP C 20 25.91 7.55 1.42
N TYR C 21 26.43 7.42 2.64
CA TYR C 21 27.13 8.52 3.36
C TYR C 21 28.41 8.97 2.65
N ALA C 22 29.24 7.98 2.33
CA ALA C 22 30.58 8.22 1.77
C ALA C 22 30.57 8.68 0.31
N SER C 23 29.63 8.17 -0.48
CA SER C 23 29.64 8.39 -1.92
C SER C 23 28.64 9.49 -2.26
N GLY C 24 27.66 9.68 -1.39
CA GLY C 24 26.50 10.50 -1.74
C GLY C 24 25.54 9.84 -2.73
N LYS C 25 25.82 8.61 -3.13
CA LYS C 25 24.93 7.92 -4.08
C LYS C 25 23.49 7.77 -3.56
N VAL C 26 22.52 8.31 -4.31
CA VAL C 26 21.10 8.04 -4.07
C VAL C 26 20.65 6.66 -4.57
N LEU C 27 20.35 5.74 -3.64
CA LEU C 27 20.15 4.32 -3.97
C LEU C 27 18.67 4.00 -4.21
N ALA C 28 17.78 4.86 -3.73
CA ALA C 28 16.35 4.71 -3.96
C ALA C 28 15.69 6.01 -3.56
N GLU C 29 14.54 6.32 -4.13
CA GLU C 29 13.93 7.62 -3.88
C GLU C 29 12.51 7.76 -4.38
N GLY C 30 11.68 8.41 -3.59
CA GLY C 30 10.32 8.71 -4.02
C GLY C 30 9.93 10.14 -3.72
N ASN C 31 9.72 10.92 -4.79
CA ASN C 31 9.37 12.32 -4.65
C ASN C 31 10.36 13.09 -3.78
N ALA C 32 11.65 12.84 -3.99
CA ALA C 32 12.66 13.25 -3.02
C ALA C 32 12.66 14.76 -2.87
N ASP C 33 11.85 15.45 -3.68
CA ASP C 33 12.00 16.88 -3.86
C ASP C 33 10.72 17.66 -3.59
N GLU C 34 9.63 16.93 -3.33
CA GLU C 34 8.44 17.51 -2.70
C GLU C 34 8.79 18.29 -1.42
N LYS C 35 8.46 19.58 -1.40
CA LYS C 35 8.48 20.35 -0.16
C LYS C 35 7.36 19.94 0.78
N LEU C 36 7.73 19.37 1.93
CA LEU C 36 6.82 19.25 3.05
C LEU C 36 7.29 20.14 4.20
N ASP C 37 6.48 20.25 5.25
CA ASP C 37 6.95 20.80 6.52
C ASP C 37 7.72 19.74 7.27
N PRO C 38 8.99 20.04 7.60
CA PRO C 38 9.88 19.08 8.24
C PRO C 38 9.44 18.80 9.67
N ALA C 39 8.69 19.73 10.25
CA ALA C 39 8.29 19.64 11.65
C ALA C 39 9.49 19.39 12.56
N SER C 40 9.35 18.41 13.45
CA SER C 40 10.34 18.17 14.49
C SER C 40 11.72 17.75 13.90
N LEU C 41 11.75 17.49 12.60
CA LEU C 41 13.00 17.20 11.88
C LEU C 41 13.88 18.46 11.79
N THR C 42 13.25 19.62 11.87
CA THR C 42 13.94 20.88 12.06
C THR C 42 15.07 20.78 13.12
N LYS C 43 14.86 19.94 14.13
CA LYS C 43 15.80 19.85 15.26
C LYS C 43 17.16 19.26 14.87
N ILE C 44 17.23 18.63 13.71
CA ILE C 44 18.54 18.21 13.21
C ILE C 44 19.42 19.46 12.92
N MET C 45 18.82 20.50 12.39
CA MET C 45 19.54 21.73 12.08
C MET C 45 19.84 22.49 13.35
N THR C 46 18.90 22.48 14.29
CA THR C 46 19.11 23.12 15.58
C THR C 46 20.35 22.50 16.19
N SER C 47 20.44 21.19 16.10
CA SER C 47 21.58 20.49 16.66
C SER C 47 22.86 20.73 15.87
N TYR C 48 22.74 20.80 14.55
CA TYR C 48 23.84 21.23 13.70
C TYR C 48 24.47 22.55 14.16
N VAL C 49 23.63 23.56 14.37
CA VAL C 49 24.12 24.88 14.77
C VAL C 49 24.77 24.82 16.16
N VAL C 50 24.05 24.28 17.14
CA VAL C 50 24.60 24.08 18.49
C VAL C 50 25.93 23.33 18.46
N GLY C 51 25.97 22.27 17.69
CA GLY C 51 27.22 21.53 17.46
C GLY C 51 28.38 22.38 16.94
N GLN C 52 28.08 23.35 16.08
CA GLN C 52 29.19 24.15 15.50
C GLN C 52 29.73 25.10 16.58
N ALA C 53 28.82 25.57 17.43
CA ALA C 53 29.17 26.52 18.47
C ALA C 53 30.06 25.83 19.52
N LEU C 54 29.84 24.53 19.71
CA LEU C 54 30.64 23.74 20.64
C LEU C 54 31.97 23.39 20.05
N LYS C 55 32.01 23.09 18.76
CA LYS C 55 33.23 22.69 18.10
C LYS C 55 34.18 23.90 18.09
N ALA C 56 33.59 25.09 17.97
CA ALA C 56 34.37 26.33 17.86
C ALA C 56 34.73 26.89 19.24
N ASP C 57 34.33 26.18 20.29
CA ASP C 57 34.46 26.63 21.67
C ASP C 57 33.77 27.93 22.04
N LYS C 58 32.69 28.29 21.37
CA LYS C 58 31.98 29.51 21.75
C LYS C 58 31.06 29.27 22.93
N ILE C 59 30.61 28.02 23.05
CA ILE C 59 29.89 27.60 24.23
C ILE C 59 30.56 26.34 24.75
N LYS C 60 30.21 25.95 25.96
CA LYS C 60 30.75 24.72 26.51
C LYS C 60 29.61 23.93 27.11
N LEU C 61 29.81 22.63 27.18
CA LEU C 61 28.79 21.72 27.68
C LEU C 61 28.44 22.09 29.13
N THR C 62 29.43 22.67 29.83
CA THR C 62 29.25 23.04 31.23
C THR C 62 28.58 24.39 31.49
N ASP C 63 28.43 25.21 30.45
CA ASP C 63 27.76 26.52 30.60
C ASP C 63 26.36 26.39 31.16
N MET C 64 26.02 27.23 32.14
CA MET C 64 24.65 27.30 32.61
C MET C 64 23.81 28.30 31.83
N VAL C 65 22.56 27.96 31.55
CA VAL C 65 21.70 28.77 30.69
C VAL C 65 20.43 29.14 31.45
N THR C 66 20.01 30.40 31.34
CA THR C 66 18.79 30.84 32.00
C THR C 66 17.59 30.73 31.06
N VAL C 67 16.59 29.97 31.49
CA VAL C 67 15.40 29.77 30.70
C VAL C 67 14.56 31.04 30.77
N GLY C 68 14.34 31.68 29.62
CA GLY C 68 13.61 32.94 29.56
C GLY C 68 12.10 32.75 29.61
N LYS C 69 11.38 33.87 29.61
CA LYS C 69 9.91 33.83 29.50
C LYS C 69 9.46 33.12 28.23
N ASP C 70 10.19 33.33 27.14
CA ASP C 70 9.78 32.86 25.81
C ASP C 70 9.83 31.34 25.69
N ALA C 71 10.42 30.70 26.69
CA ALA C 71 10.60 29.25 26.68
C ALA C 71 9.64 28.56 27.64
N TRP C 72 8.34 28.64 27.34
CA TRP C 72 7.39 27.60 27.77
C TRP C 72 5.94 27.90 27.38
N VAL C 84 8.58 18.83 24.73
CA VAL C 84 8.68 19.53 26.01
C VAL C 84 9.34 18.66 27.09
N MET C 85 10.66 18.75 27.21
CA MET C 85 11.33 18.43 28.47
C MET C 85 11.01 19.48 29.54
N PHE C 86 10.05 19.16 30.40
CA PHE C 86 9.35 20.15 31.22
C PHE C 86 10.30 21.23 31.75
N LEU C 87 10.04 22.48 31.37
CA LEU C 87 10.90 23.60 31.75
C LEU C 87 10.10 24.87 32.01
N LYS C 88 10.62 25.72 32.90
CA LYS C 88 9.94 26.93 33.35
C LYS C 88 10.97 28.08 33.35
N PRO C 89 10.50 29.34 33.29
CA PRO C 89 11.44 30.47 33.33
C PRO C 89 12.14 30.57 34.67
N GLY C 90 13.31 31.18 34.69
CA GLY C 90 14.09 31.33 35.92
C GLY C 90 15.01 30.15 36.17
N ASP C 91 14.52 28.95 35.88
CA ASP C 91 15.34 27.74 35.98
C ASP C 91 16.71 27.94 35.33
N GLN C 92 17.70 27.19 35.81
CA GLN C 92 19.04 27.21 35.23
C GLN C 92 19.48 25.82 34.81
N VAL C 93 19.76 25.64 33.52
CA VAL C 93 20.07 24.33 32.98
C VAL C 93 21.37 24.35 32.17
N SER C 94 22.18 23.32 32.33
CA SER C 94 23.41 23.22 31.57
C SER C 94 23.13 23.10 30.06
N VAL C 95 24.05 23.64 29.26
CA VAL C 95 24.15 23.30 27.85
C VAL C 95 24.06 21.80 27.56
N ALA C 96 24.94 21.02 28.18
CA ALA C 96 24.91 19.57 28.01
C ALA C 96 23.49 18.97 28.16
N ASP C 97 22.75 19.41 29.18
CA ASP C 97 21.41 18.87 29.43
C ASP C 97 20.44 19.38 28.38
N LEU C 98 20.60 20.65 28.02
CA LEU C 98 19.71 21.31 27.07
C LEU C 98 19.89 20.63 25.71
N ASN C 99 21.16 20.36 25.37
CA ASN C 99 21.55 19.67 24.12
C ASN C 99 20.91 18.26 24.06
N LYS C 100 20.99 17.51 25.16
CA LYS C 100 20.32 16.22 25.25
C LYS C 100 18.81 16.32 25.16
N GLY C 101 18.28 17.42 25.66
CA GLY C 101 16.85 17.68 25.59
C GLY C 101 16.36 17.88 24.17
N VAL C 102 17.15 18.60 23.38
CA VAL C 102 16.88 18.75 21.96
C VAL C 102 17.00 17.41 21.24
N ILE C 103 18.04 16.64 21.55
CA ILE C 103 18.54 15.59 20.67
C ILE C 103 17.85 14.27 21.01
N ILE C 104 17.83 13.93 22.30
CA ILE C 104 17.16 12.73 22.77
C ILE C 104 15.64 12.89 22.89
N GLN C 105 15.20 14.00 23.49
CA GLN C 105 13.80 14.14 23.89
C GLN C 105 13.03 14.93 22.87
N SER C 106 13.76 15.62 22.00
CA SER C 106 13.16 16.64 21.15
C SER C 106 12.24 17.56 21.96
N GLY C 107 12.78 18.19 22.99
CA GLY C 107 12.04 19.22 23.74
C GLY C 107 12.04 20.56 23.04
N ASN C 108 10.86 21.17 22.92
CA ASN C 108 10.74 22.48 22.27
C ASN C 108 11.26 23.62 23.15
N ASP C 109 11.03 23.52 24.46
CA ASP C 109 11.56 24.49 25.40
C ASP C 109 13.09 24.54 25.36
N ALA C 110 13.73 23.36 25.39
CA ALA C 110 15.18 23.28 25.27
C ALA C 110 15.74 23.95 24.01
N CYS C 111 15.12 23.69 22.85
CA CYS C 111 15.49 24.38 21.60
C CYS C 111 15.52 25.89 21.81
N ILE C 112 14.45 26.43 22.40
CA ILE C 112 14.32 27.86 22.53
C ILE C 112 15.41 28.39 23.46
N ALA C 113 15.64 27.68 24.56
CA ALA C 113 16.58 28.12 25.59
C ALA C 113 17.98 28.16 25.00
N LEU C 114 18.31 27.12 24.23
CA LEU C 114 19.61 26.95 23.61
C LEU C 114 19.80 27.95 22.48
N ALA C 115 18.74 28.22 21.72
CA ALA C 115 18.81 29.19 20.61
C ALA C 115 19.07 30.61 21.09
N ASP C 116 18.37 30.99 22.15
CA ASP C 116 18.66 32.23 22.85
C ASP C 116 20.10 32.25 23.38
N TYR C 117 20.56 31.15 23.96
CA TYR C 117 21.92 31.14 24.49
C TYR C 117 22.97 31.33 23.40
N VAL C 118 22.87 30.54 22.33
CA VAL C 118 23.86 30.56 21.25
C VAL C 118 23.86 31.83 20.39
N ALA C 119 22.66 32.30 20.03
CA ALA C 119 22.54 33.41 19.09
C ALA C 119 21.87 34.64 19.69
N GLY C 120 21.46 34.55 20.95
CA GLY C 120 20.79 35.67 21.61
C GLY C 120 19.29 35.82 21.37
N SER C 121 18.78 35.21 20.30
CA SER C 121 17.35 35.25 20.00
C SER C 121 16.93 34.21 18.96
N GLN C 122 15.75 33.63 19.16
CA GLN C 122 15.21 32.71 18.16
C GLN C 122 15.34 33.25 16.74
N GLU C 123 14.91 34.48 16.54
CA GLU C 123 15.00 35.11 15.22
C GLU C 123 16.40 34.97 14.61
N SER C 124 17.42 35.24 15.41
CA SER C 124 18.78 35.30 14.87
C SER C 124 19.39 33.89 14.73
N PHE C 125 19.09 33.01 15.68
CA PHE C 125 19.40 31.58 15.54
C PHE C 125 18.76 30.99 14.27
N ILE C 126 17.49 31.26 14.01
CA ILE C 126 16.90 30.71 12.80
C ILE C 126 17.56 31.30 11.56
N GLY C 127 17.92 32.58 11.65
CA GLY C 127 18.87 33.19 10.71
C GLY C 127 20.07 32.30 10.41
N LEU C 128 20.71 31.76 11.45
CA LEU C 128 21.88 30.89 11.28
C LEU C 128 21.46 29.56 10.63
N MET C 129 20.31 29.05 11.05
CA MET C 129 19.78 27.80 10.50
C MET C 129 19.61 27.95 8.99
N ASN C 130 18.93 29.03 8.56
CA ASN C 130 18.73 29.20 7.13
C ASN C 130 20.05 29.49 6.44
N GLY C 131 20.97 30.13 7.16
CA GLY C 131 22.31 30.39 6.63
C GLY C 131 23.03 29.10 6.29
N TYR C 132 22.99 28.14 7.21
CA TYR C 132 23.62 26.84 6.94
C TYR C 132 22.86 26.03 5.87
N ALA C 133 21.54 26.17 5.81
CA ALA C 133 20.76 25.50 4.75
C ALA C 133 21.25 25.91 3.36
N LYS C 134 21.49 27.20 3.18
CA LYS C 134 22.07 27.66 1.91
C LYS C 134 23.49 27.12 1.72
N LYS C 135 24.31 27.26 2.76
CA LYS C 135 25.71 26.89 2.71
C LYS C 135 25.90 25.41 2.38
N LEU C 136 24.96 24.58 2.83
CA LEU C 136 25.06 23.13 2.68
C LEU C 136 24.33 22.63 1.43
N GLY C 137 23.58 23.52 0.77
CA GLY C 137 22.96 23.18 -0.51
C GLY C 137 21.59 22.57 -0.32
N LEU C 138 20.89 22.98 0.74
CA LEU C 138 19.52 22.55 0.96
C LEU C 138 18.56 23.49 0.23
N THR C 139 18.53 23.38 -1.09
CA THR C 139 18.00 24.43 -1.95
C THR C 139 16.50 24.61 -1.74
N ASN C 140 15.86 23.58 -1.19
CA ASN C 140 14.41 23.57 -1.03
C ASN C 140 13.97 23.66 0.43
N THR C 141 14.87 24.16 1.27
CA THR C 141 14.73 24.11 2.72
C THR C 141 14.62 25.51 3.33
N THR C 142 13.56 25.74 4.11
CA THR C 142 13.44 27.01 4.81
C THR C 142 12.86 26.77 6.18
N PHE C 143 13.56 27.26 7.20
CA PHE C 143 13.14 27.08 8.56
C PHE C 143 12.47 28.35 9.05
N GLN C 144 11.51 28.19 9.94
CA GLN C 144 10.76 29.34 10.47
C GLN C 144 10.77 29.27 11.99
N THR C 145 11.26 28.15 12.51
CA THR C 145 11.25 27.92 13.95
C THR C 145 12.56 27.24 14.34
N VAL C 146 12.81 27.15 15.64
CA VAL C 146 13.99 26.44 16.15
C VAL C 146 13.61 25.08 16.71
N HIS C 147 12.33 24.76 16.68
CA HIS C 147 11.86 23.47 17.17
C HIS C 147 11.17 22.67 16.07
N GLY C 148 10.73 23.37 15.02
CA GLY C 148 10.17 22.70 13.86
C GLY C 148 8.66 22.58 13.91
N LEU C 149 8.07 22.89 15.05
CA LEU C 149 6.65 23.16 15.11
C LEU C 149 6.19 23.86 13.83
N ASP C 150 5.12 23.34 13.24
CA ASP C 150 4.63 23.85 11.96
C ASP C 150 4.60 25.37 11.93
N ALA C 151 4.83 25.95 10.76
CA ALA C 151 4.67 27.39 10.60
C ALA C 151 4.70 27.82 9.14
N PRO C 152 4.07 28.96 8.85
CA PRO C 152 3.48 29.26 7.54
C PRO C 152 4.50 29.38 6.41
N GLY C 153 5.78 29.21 6.71
CA GLY C 153 6.79 29.40 5.67
C GLY C 153 7.82 28.30 5.56
N GLN C 154 7.54 27.18 6.20
CA GLN C 154 8.56 26.24 6.65
C GLN C 154 8.50 24.90 5.92
N PHE C 155 9.39 24.70 4.96
CA PHE C 155 9.46 23.44 4.24
C PHE C 155 10.89 22.89 4.24
N SER C 156 11.01 21.57 4.12
CA SER C 156 12.19 20.94 3.56
C SER C 156 11.76 19.82 2.61
N THR C 157 12.71 19.00 2.19
CA THR C 157 12.39 17.85 1.34
C THR C 157 13.20 16.65 1.77
N ALA C 158 12.79 15.47 1.30
CA ALA C 158 13.47 14.25 1.68
C ALA C 158 14.96 14.27 1.29
N ARG C 159 15.26 14.78 0.11
CA ARG C 159 16.64 14.93 -0.34
C ARG C 159 17.43 15.90 0.56
N ASP C 160 16.80 17.02 0.90
CA ASP C 160 17.48 18.06 1.67
C ASP C 160 17.77 17.54 3.09
N MET C 161 16.89 16.66 3.58
CA MET C 161 17.05 16.13 4.94
C MET C 161 18.16 15.09 4.99
N ALA C 162 18.35 14.34 3.92
CA ALA C 162 19.46 13.36 3.89
C ALA C 162 20.80 14.09 3.75
N LEU C 163 20.76 15.26 3.11
CA LEU C 163 22.01 15.98 2.91
C LEU C 163 22.38 16.61 4.25
N LEU C 164 21.37 17.12 4.95
CA LEU C 164 21.58 17.71 6.28
C LEU C 164 22.09 16.66 7.26
N GLY C 165 21.55 15.45 7.18
CA GLY C 165 22.02 14.35 8.03
C GLY C 165 23.47 13.99 7.76
N LYS C 166 23.84 13.99 6.49
CA LYS C 166 25.21 13.67 6.11
C LYS C 166 26.17 14.72 6.73
N ALA C 167 25.74 15.97 6.70
CA ALA C 167 26.56 17.09 7.20
C ALA C 167 26.73 17.04 8.72
N LEU C 168 25.68 16.65 9.42
CA LEU C 168 25.75 16.53 10.88
C LEU C 168 26.73 15.45 11.25
N ILE C 169 26.67 14.31 10.54
CA ILE C 169 27.54 13.19 10.87
C ILE C 169 28.99 13.56 10.57
N HIS C 170 29.19 14.27 9.48
CA HIS C 170 30.53 14.56 9.00
C HIS C 170 31.12 15.76 9.76
N ASP C 171 30.34 16.82 9.88
CA ASP C 171 30.87 18.13 10.31
C ASP C 171 30.97 18.19 11.84
N VAL C 172 29.97 17.65 12.56
CA VAL C 172 29.98 17.73 14.02
C VAL C 172 29.81 16.38 14.70
N PRO C 173 30.79 15.49 14.52
CA PRO C 173 30.68 14.11 14.96
C PRO C 173 30.37 13.94 16.44
N GLU C 174 30.84 14.84 17.30
CA GLU C 174 30.50 14.72 18.72
C GLU C 174 29.04 15.02 19.01
N GLU C 175 28.46 15.92 18.21
CA GLU C 175 27.04 16.25 18.34
C GLU C 175 26.21 15.10 17.76
N TYR C 176 26.65 14.54 16.63
CA TYR C 176 25.99 13.33 16.11
C TYR C 176 26.06 12.16 17.10
N ALA C 177 27.21 11.99 17.77
CA ALA C 177 27.36 10.87 18.68
C ALA C 177 26.28 10.84 19.76
N ILE C 178 25.70 11.99 20.06
CA ILE C 178 24.71 12.06 21.10
C ILE C 178 23.40 11.41 20.63
N HIS C 179 23.27 11.23 19.32
CA HIS C 179 21.97 10.93 18.74
C HIS C 179 21.55 9.48 18.96
N LYS C 180 22.51 8.62 19.28
CA LYS C 180 22.20 7.23 19.50
C LYS C 180 21.88 6.92 20.96
N GLU C 181 21.96 7.93 21.83
CA GLU C 181 21.83 7.66 23.27
C GLU C 181 20.37 7.35 23.58
N LYS C 182 20.13 6.25 24.30
CA LYS C 182 18.82 5.60 24.36
C LYS C 182 17.92 6.24 25.43
N GLU C 183 18.55 6.79 26.45
CA GLU C 183 17.84 7.43 27.55
C GLU C 183 18.62 8.61 28.10
N PHE C 184 17.89 9.68 28.42
CA PHE C 184 18.45 10.87 29.03
C PHE C 184 17.78 11.18 30.40
N THR C 185 18.42 10.78 31.49
CA THR C 185 17.91 11.10 32.83
C THR C 185 17.89 12.61 33.09
N PHE C 186 16.71 13.20 33.23
CA PHE C 186 16.59 14.57 33.75
C PHE C 186 15.71 14.68 35.00
N ASN C 187 16.36 15.01 36.12
CA ASN C 187 15.80 14.81 37.46
C ASN C 187 15.57 13.35 37.83
N GLN C 191 14.75 8.70 30.66
CA GLN C 191 13.97 9.33 29.59
C GLN C 191 14.48 8.86 28.22
N PRO C 192 13.58 8.22 27.42
CA PRO C 192 14.00 7.34 26.33
C PRO C 192 14.10 8.10 24.99
N ASN C 193 15.11 7.77 24.18
CA ASN C 193 15.15 8.31 22.80
C ASN C 193 13.92 7.86 22.01
N ARG C 194 13.27 8.78 21.30
CA ARG C 194 12.06 8.46 20.56
C ARG C 194 12.36 7.69 19.27
N ASN C 195 13.64 7.49 18.99
CA ASN C 195 14.01 6.73 17.79
C ASN C 195 14.08 5.23 18.07
N ARG C 196 12.95 4.55 17.83
CA ARG C 196 12.82 3.14 18.17
CA ARG C 196 12.82 3.15 18.16
C ARG C 196 13.80 2.28 17.38
N LEU C 197 14.20 2.73 16.19
CA LEU C 197 15.20 1.96 15.41
C LEU C 197 16.53 1.79 16.13
N LEU C 198 16.84 2.67 17.09
CA LEU C 198 18.04 2.43 17.89
C LEU C 198 18.09 1.05 18.51
N TRP C 199 16.93 0.43 18.70
CA TRP C 199 16.88 -0.84 19.42
C TRP C 199 16.89 -2.04 18.46
N SER C 200 16.88 -1.76 17.16
CA SER C 200 16.82 -2.82 16.15
C SER C 200 17.90 -3.86 16.37
N SER C 201 17.48 -5.13 16.32
CA SER C 201 18.41 -6.27 16.30
C SER C 201 18.94 -6.55 14.90
N ASN C 202 18.18 -6.15 13.90
CA ASN C 202 18.51 -6.43 12.50
C ASN C 202 19.55 -5.47 11.88
N LEU C 203 19.71 -4.28 12.46
CA LEU C 203 20.61 -3.24 11.94
C LEU C 203 21.38 -2.55 13.07
N ASN C 204 22.59 -2.06 12.77
CA ASN C 204 23.24 -1.09 13.66
C ASN C 204 22.83 0.36 13.37
N VAL C 205 21.75 0.82 14.00
CA VAL C 205 21.23 2.17 13.74
C VAL C 205 21.73 3.13 14.82
N ASP C 206 22.23 4.30 14.42
CA ASP C 206 22.73 5.26 15.41
C ASP C 206 22.23 6.69 15.29
N GLY C 207 21.17 6.90 14.50
CA GLY C 207 20.55 8.23 14.41
C GLY C 207 19.30 8.11 13.58
N MET C 208 18.52 9.18 13.44
CA MET C 208 18.91 10.53 13.83
C MET C 208 17.77 11.18 14.60
N LYS C 209 16.61 11.28 13.95
CA LYS C 209 15.54 12.15 14.42
C LYS C 209 14.18 11.72 13.87
N THR C 210 13.17 11.76 14.74
CA THR C 210 11.82 11.42 14.37
C THR C 210 11.03 12.71 14.25
N GLY C 211 9.98 12.70 13.45
CA GLY C 211 9.05 13.83 13.40
C GLY C 211 7.64 13.44 13.03
N THR C 212 6.67 14.23 13.47
CA THR C 212 5.29 14.14 13.00
C THR C 212 4.81 15.50 12.51
N THR C 213 4.53 15.59 11.21
CA THR C 213 3.83 16.76 10.67
C THR C 213 2.30 16.60 10.77
N GLY C 217 1.70 13.36 7.83
CA GLY C 217 2.30 12.03 7.99
C GLY C 217 3.19 11.87 9.22
N TYR C 218 3.94 10.76 9.26
CA TYR C 218 5.01 10.56 10.22
C TYR C 218 6.37 10.52 9.47
N ASN C 219 7.43 10.95 10.16
CA ASN C 219 8.71 11.23 9.51
C ASN C 219 9.86 10.58 10.26
N LEU C 220 10.90 10.21 9.52
CA LEU C 220 12.11 9.74 10.15
C LEU C 220 13.36 9.97 9.30
N VAL C 221 14.40 10.55 9.91
CA VAL C 221 15.75 10.44 9.39
C VAL C 221 16.57 9.46 10.20
N ALA C 222 17.08 8.44 9.53
CA ALA C 222 17.82 7.41 10.21
C ALA C 222 19.14 7.22 9.54
N SER C 223 20.10 6.65 10.27
CA SER C 223 21.34 6.26 9.65
C SER C 223 21.83 5.04 10.35
N ALA C 224 22.47 4.17 9.58
CA ALA C 224 22.95 2.90 10.07
C ALA C 224 24.27 2.55 9.43
N THR C 225 24.99 1.63 10.07
CA THR C 225 26.28 1.22 9.54
C THR C 225 26.37 -0.29 9.42
N GLN C 226 27.18 -0.73 8.46
CA GLN C 226 27.56 -2.14 8.33
C GLN C 226 28.98 -2.21 7.78
N GLY C 227 29.85 -2.94 8.48
CA GLY C 227 31.29 -2.75 8.33
C GLY C 227 31.64 -1.28 8.20
N ASP C 228 32.16 -0.90 7.04
CA ASP C 228 32.61 0.48 6.83
C ASP C 228 31.62 1.28 6.00
N MET C 229 30.44 0.70 5.77
CA MET C 229 29.41 1.36 4.98
C MET C 229 28.44 2.05 5.92
N ARG C 230 27.97 3.23 5.54
CA ARG C 230 26.94 3.93 6.28
C ARG C 230 25.88 4.43 5.31
N LEU C 231 24.62 4.18 5.67
CA LEU C 231 23.48 4.63 4.88
C LEU C 231 22.68 5.63 5.66
N ILE C 232 22.05 6.53 4.93
CA ILE C 232 21.12 7.49 5.50
C ILE C 232 19.78 7.32 4.80
N SER C 233 18.72 7.17 5.59
CA SER C 233 17.36 7.08 5.03
C SER C 233 16.47 8.19 5.50
N VAL C 234 15.60 8.67 4.61
CA VAL C 234 14.62 9.65 5.04
C VAL C 234 13.24 9.14 4.60
N VAL C 235 12.32 9.01 5.54
CA VAL C 235 10.93 8.75 5.17
C VAL C 235 10.03 9.86 5.72
N LEU C 236 9.34 10.54 4.81
CA LEU C 236 8.40 11.58 5.19
C LEU C 236 6.98 11.11 4.90
N GLY C 237 6.12 11.25 5.90
CA GLY C 237 4.67 11.21 5.66
C GLY C 237 4.15 9.80 5.62
N ALA C 238 4.86 8.88 6.26
CA ALA C 238 4.28 7.59 6.61
C ALA C 238 2.98 7.81 7.38
N LYS C 239 2.11 6.79 7.39
CA LYS C 239 0.75 6.96 7.92
C LYS C 239 0.61 6.62 9.40
N THR C 240 1.47 5.74 9.90
CA THR C 240 1.50 5.45 11.34
C THR C 240 2.90 5.49 11.94
N ASP C 241 2.98 5.70 13.25
CA ASP C 241 4.20 5.46 14.01
C ASP C 241 4.94 4.23 13.48
N ARG C 242 4.27 3.07 13.45
CA ARG C 242 4.94 1.79 13.20
C ARG C 242 5.54 1.73 11.79
N ILE C 243 4.86 2.34 10.84
CA ILE C 243 5.20 2.18 9.43
C ILE C 243 6.33 3.14 9.08
N ARG C 244 6.18 4.40 9.49
CA ARG C 244 7.32 5.34 9.57
C ARG C 244 8.63 4.57 9.83
N PHE C 245 8.66 3.80 10.91
CA PHE C 245 9.81 2.97 11.25
C PHE C 245 10.04 1.78 10.34
N ASN C 246 8.95 1.15 9.91
CA ASN C 246 9.04 -0.04 9.06
C ASN C 246 9.64 0.26 7.69
N GLU C 247 9.17 1.32 7.05
CA GLU C 247 9.68 1.57 5.71
C GLU C 247 11.18 1.93 5.85
N SER C 248 11.56 2.59 6.95
CA SER C 248 12.96 3.00 7.12
C SER C 248 13.85 1.81 7.30
N GLU C 249 13.44 0.88 8.15
CA GLU C 249 14.23 -0.34 8.32
C GLU C 249 14.28 -1.08 7.01
N LYS C 250 13.19 -1.04 6.25
CA LYS C 250 13.14 -1.73 4.98
C LYS C 250 14.20 -1.19 4.01
N LEU C 251 14.27 0.15 3.90
CA LEU C 251 15.20 0.77 2.96
C LEU C 251 16.63 0.46 3.37
N LEU C 252 16.94 0.66 4.63
CA LEU C 252 18.28 0.40 5.14
C LEU C 252 18.73 -1.03 4.92
N THR C 253 17.83 -1.98 5.16
CA THR C 253 18.18 -3.37 5.01
C THR C 253 18.50 -3.74 3.55
N TRP C 254 17.69 -3.24 2.65
CA TRP C 254 17.77 -3.54 1.23
C TRP C 254 19.04 -2.88 0.71
N GLY C 255 19.29 -1.66 1.17
CA GLY C 255 20.56 -0.97 0.87
C GLY C 255 21.79 -1.79 1.13
N PHE C 256 21.92 -2.30 2.36
CA PHE C 256 23.11 -3.03 2.78
C PHE C 256 23.19 -4.37 2.06
N ARG C 257 22.04 -4.85 1.61
CA ARG C 257 21.94 -6.20 1.10
C ARG C 257 22.41 -6.21 -0.35
N PHE C 258 22.02 -5.18 -1.11
CA PHE C 258 22.28 -5.16 -2.54
C PHE C 258 23.38 -4.20 -2.99
N PHE C 259 23.91 -3.40 -2.08
CA PHE C 259 24.94 -2.44 -2.43
C PHE C 259 26.14 -2.50 -1.52
N GLU C 260 27.29 -2.04 -2.03
CA GLU C 260 28.45 -1.88 -1.18
C GLU C 260 29.24 -0.67 -1.63
N THR C 261 29.99 -0.06 -0.71
CA THR C 261 30.76 1.13 -1.01
C THR C 261 32.24 0.80 -0.98
N VAL C 262 32.96 1.17 -2.04
CA VAL C 262 34.34 0.72 -2.27
C VAL C 262 35.21 1.87 -2.75
N THR C 263 36.53 1.70 -2.66
CA THR C 263 37.50 2.78 -2.91
C THR C 263 38.58 2.30 -3.82
N PRO C 264 38.30 2.26 -5.12
CA PRO C 264 39.33 1.74 -6.02
C PRO C 264 40.55 2.68 -6.04
N ILE C 265 40.30 3.98 -5.96
CA ILE C 265 41.37 4.98 -5.88
C ILE C 265 41.39 5.66 -4.51
N LYS C 266 42.45 5.40 -3.76
CA LYS C 266 42.57 5.86 -2.38
C LYS C 266 42.69 7.39 -2.30
N PRO C 267 42.17 8.00 -1.22
CA PRO C 267 42.64 9.34 -0.89
C PRO C 267 44.15 9.29 -0.75
N ASP C 268 44.85 10.28 -1.32
CA ASP C 268 46.29 10.33 -1.17
C ASP C 268 46.98 9.70 -2.35
N ALA C 269 46.26 8.86 -3.09
CA ALA C 269 46.89 8.04 -4.11
C ALA C 269 47.03 8.82 -5.41
N THR C 270 48.13 8.60 -6.11
CA THR C 270 48.20 8.98 -7.52
C THR C 270 47.49 7.98 -8.41
N PHE C 271 46.54 8.48 -9.19
CA PHE C 271 45.94 7.72 -10.24
C PHE C 271 46.79 7.86 -11.49
N VAL C 272 47.11 9.10 -11.86
CA VAL C 272 47.82 9.35 -13.11
C VAL C 272 48.80 10.49 -12.92
N THR C 273 49.88 10.45 -13.67
CA THR C 273 50.85 11.52 -13.63
C THR C 273 50.84 12.17 -15.01
N GLN C 274 50.77 13.50 -15.05
CA GLN C 274 50.80 14.22 -16.33
C GLN C 274 52.01 15.17 -16.44
N ARG C 275 52.47 15.38 -17.67
CA ARG C 275 53.38 16.48 -17.99
C ARG C 275 52.69 17.82 -17.74
N VAL C 276 53.38 18.74 -17.09
CA VAL C 276 52.93 20.13 -17.03
C VAL C 276 53.94 21.10 -17.63
N TRP C 277 53.43 22.13 -18.31
CA TRP C 277 54.27 23.08 -19.07
C TRP C 277 54.58 24.32 -18.25
N PHE C 278 55.82 24.78 -18.33
CA PHE C 278 56.23 26.10 -17.83
C PHE C 278 56.00 26.17 -16.34
N GLY C 279 56.16 25.05 -15.65
CA GLY C 279 56.06 25.01 -14.20
C GLY C 279 57.38 24.74 -13.49
N ASP C 280 57.38 24.86 -12.16
CA ASP C 280 58.51 24.47 -11.33
C ASP C 280 58.66 22.95 -11.20
N LYS C 281 57.70 22.22 -11.76
CA LYS C 281 57.78 20.77 -11.83
C LYS C 281 57.44 20.30 -13.23
N SER C 282 58.03 19.18 -13.63
CA SER C 282 57.90 18.69 -14.98
C SER C 282 56.63 17.86 -15.16
N GLU C 283 56.07 17.39 -14.05
CA GLU C 283 54.89 16.52 -14.07
C GLU C 283 54.05 16.77 -12.83
N VAL C 284 52.75 16.48 -12.91
CA VAL C 284 51.88 16.48 -11.72
C VAL C 284 51.20 15.14 -11.49
N ASN C 285 51.06 14.81 -10.21
CA ASN C 285 50.14 13.76 -9.75
C ASN C 285 48.67 14.19 -9.72
N LEU C 286 47.83 13.41 -10.38
CA LEU C 286 46.40 13.58 -10.36
C LEU C 286 45.75 12.38 -9.66
N GLY C 287 44.62 12.62 -9.01
CA GLY C 287 43.95 11.54 -8.28
C GLY C 287 42.47 11.84 -8.12
N ALA C 288 41.86 11.10 -7.22
CA ALA C 288 40.43 11.21 -6.96
C ALA C 288 40.15 12.08 -5.72
N GLY C 289 41.13 12.19 -4.84
CA GLY C 289 40.90 12.81 -3.52
C GLY C 289 39.95 12.05 -2.60
N GLU C 290 39.17 12.80 -1.82
CA GLU C 290 38.23 12.23 -0.86
C GLU C 290 37.03 11.58 -1.52
N ALA C 291 36.84 11.86 -2.81
CA ALA C 291 35.55 11.59 -3.45
C ALA C 291 35.71 10.31 -4.26
N GLY C 292 36.76 9.55 -3.96
CA GLY C 292 37.09 8.37 -4.73
C GLY C 292 36.30 7.15 -4.29
N SER C 293 35.22 7.38 -3.55
CA SER C 293 34.31 6.31 -3.16
C SER C 293 33.14 6.16 -4.10
N VAL C 294 32.80 4.92 -4.39
CA VAL C 294 31.74 4.62 -5.34
C VAL C 294 30.86 3.53 -4.74
N THR C 295 29.55 3.69 -4.90
CA THR C 295 28.61 2.70 -4.42
C THR C 295 28.12 1.83 -5.58
N ILE C 296 28.43 0.55 -5.51
CA ILE C 296 28.15 -0.36 -6.59
C ILE C 296 27.32 -1.54 -6.09
N PRO C 297 26.67 -2.27 -7.00
CA PRO C 297 25.93 -3.46 -6.64
C PRO C 297 26.82 -4.43 -5.91
N ARG C 298 26.30 -5.01 -4.83
CA ARG C 298 27.14 -5.76 -3.92
C ARG C 298 27.67 -6.95 -4.69
N GLY C 299 28.96 -7.26 -4.53
CA GLY C 299 29.60 -8.35 -5.26
C GLY C 299 30.19 -8.00 -6.63
N GLN C 300 30.01 -6.77 -7.09
CA GLN C 300 30.40 -6.44 -8.47
C GLN C 300 31.73 -5.69 -8.59
N LEU C 301 32.50 -5.62 -7.50
CA LEU C 301 33.78 -4.90 -7.55
C LEU C 301 34.67 -5.47 -8.65
N LYS C 302 34.61 -6.79 -8.84
CA LYS C 302 35.49 -7.50 -9.76
C LYS C 302 35.24 -7.22 -11.26
N ASN C 303 34.07 -6.70 -11.60
CA ASN C 303 33.75 -6.22 -12.94
C ASN C 303 33.85 -4.70 -13.06
N LEU C 304 34.22 -4.04 -11.96
CA LEU C 304 34.35 -2.59 -11.98
C LEU C 304 35.51 -2.12 -12.86
N LYS C 305 35.21 -1.20 -13.78
CA LYS C 305 36.24 -0.58 -14.60
C LYS C 305 36.33 0.89 -14.23
N ALA C 306 37.52 1.45 -14.42
CA ALA C 306 37.75 2.87 -14.14
C ALA C 306 38.49 3.44 -15.34
N SER C 307 38.04 4.59 -15.83
CA SER C 307 38.78 5.31 -16.87
C SER C 307 38.98 6.76 -16.47
N TYR C 308 39.85 7.46 -17.19
CA TYR C 308 39.94 8.89 -16.98
C TYR C 308 39.97 9.64 -18.29
N THR C 309 39.67 10.94 -18.20
CA THR C 309 39.74 11.82 -19.35
C THR C 309 40.38 13.10 -18.85
N LEU C 310 41.27 13.67 -19.65
CA LEU C 310 41.81 15.00 -19.38
C LEU C 310 41.03 16.03 -20.19
N THR C 311 40.51 17.06 -19.51
CA THR C 311 39.81 18.11 -20.23
C THR C 311 40.82 18.97 -21.00
N GLU C 312 41.93 19.30 -20.35
CA GLU C 312 43.00 20.06 -20.99
C GLU C 312 44.02 19.17 -21.72
N PRO C 313 43.92 19.14 -23.06
CA PRO C 313 44.90 18.64 -24.03
C PRO C 313 46.36 18.73 -23.62
N GLN C 314 46.71 19.75 -22.84
CA GLN C 314 47.90 19.67 -21.99
C GLN C 314 47.72 20.57 -20.79
N LEU C 315 48.54 20.35 -19.77
CA LEU C 315 48.45 21.09 -18.53
C LEU C 315 49.48 22.20 -18.58
N THR C 316 49.06 23.43 -18.29
CA THR C 316 49.98 24.54 -18.05
C THR C 316 49.93 25.05 -16.61
N ALA C 317 51.08 25.38 -16.06
CA ALA C 317 51.15 25.96 -14.73
C ALA C 317 50.53 27.36 -14.73
N PRO C 318 50.19 27.89 -13.54
CA PRO C 318 50.25 27.23 -12.23
C PRO C 318 49.06 26.29 -11.97
N LEU C 319 49.30 25.33 -11.10
CA LEU C 319 48.31 24.31 -10.73
C LEU C 319 48.13 24.30 -9.22
N LYS C 320 46.89 24.36 -8.74
CA LYS C 320 46.63 24.22 -7.30
C LYS C 320 46.12 22.82 -6.92
N LYS C 321 46.67 22.28 -5.83
CA LYS C 321 46.02 21.24 -5.04
C LYS C 321 44.50 21.33 -5.10
N GLY C 322 43.87 20.28 -5.59
CA GLY C 322 42.40 20.24 -5.65
C GLY C 322 41.77 20.73 -6.95
N GLN C 323 42.56 21.38 -7.80
CA GLN C 323 42.08 21.85 -9.09
C GLN C 323 41.57 20.68 -9.92
N VAL C 324 40.43 20.85 -10.56
CA VAL C 324 39.84 19.80 -11.39
C VAL C 324 40.38 19.91 -12.82
N VAL C 325 40.96 18.82 -13.31
CA VAL C 325 41.58 18.83 -14.63
C VAL C 325 41.05 17.73 -15.57
N GLY C 326 40.07 16.99 -15.10
CA GLY C 326 39.38 16.04 -15.97
C GLY C 326 38.38 15.23 -15.20
N THR C 327 38.15 13.99 -15.64
CA THR C 327 37.03 13.19 -15.18
C THR C 327 37.56 11.76 -14.94
N ILE C 328 37.11 11.15 -13.84
CA ILE C 328 37.26 9.71 -13.63
C ILE C 328 35.90 9.10 -13.76
N ASP C 329 35.78 8.10 -14.64
CA ASP C 329 34.50 7.42 -14.83
C ASP C 329 34.60 5.95 -14.39
N PHE C 330 33.65 5.52 -13.58
CA PHE C 330 33.58 4.13 -13.15
C PHE C 330 32.43 3.44 -13.86
N GLN C 331 32.73 2.26 -14.42
CA GLN C 331 31.80 1.56 -15.29
C GLN C 331 31.61 0.14 -14.79
N LEU C 332 30.43 -0.39 -15.06
CA LEU C 332 30.09 -1.75 -14.68
C LEU C 332 29.23 -2.29 -15.82
N ASN C 333 29.59 -3.46 -16.34
CA ASN C 333 28.78 -4.15 -17.35
C ASN C 333 28.21 -3.17 -18.36
N GLY C 334 29.08 -2.29 -18.85
CA GLY C 334 28.88 -1.62 -20.13
C GLY C 334 28.59 -0.15 -19.90
N LYS C 335 28.27 0.20 -18.66
CA LYS C 335 27.50 1.40 -18.38
C LYS C 335 28.23 2.25 -17.33
N SER C 336 28.19 3.57 -17.47
CA SER C 336 28.69 4.44 -16.42
C SER C 336 27.82 4.41 -15.17
N ILE C 337 28.42 4.22 -14.02
CA ILE C 337 27.65 4.22 -12.79
C ILE C 337 27.99 5.39 -11.84
N GLU C 338 29.03 6.14 -12.19
CA GLU C 338 29.61 7.11 -11.26
C GLU C 338 30.75 7.86 -11.91
N GLN C 339 30.65 9.18 -11.93
CA GLN C 339 31.69 10.04 -12.46
C GLN C 339 32.26 10.90 -11.33
N ARG C 340 33.58 11.00 -11.25
CA ARG C 340 34.24 11.85 -10.28
C ARG C 340 35.12 12.85 -11.01
N PRO C 341 35.48 13.94 -10.31
CA PRO C 341 36.57 14.81 -10.77
C PRO C 341 37.94 14.17 -10.65
N LEU C 342 38.74 14.32 -11.72
CA LEU C 342 40.18 14.12 -11.64
C LEU C 342 40.84 15.39 -11.14
N ILE C 343 41.49 15.31 -10.00
CA ILE C 343 42.08 16.51 -9.40
C ILE C 343 43.58 16.48 -9.26
N VAL C 344 44.16 17.67 -9.25
CA VAL C 344 45.56 17.87 -8.92
C VAL C 344 45.88 17.57 -7.46
N MET C 345 46.97 16.85 -7.21
CA MET C 345 47.26 16.35 -5.87
C MET C 345 48.40 17.13 -5.19
N GLU C 346 49.20 17.83 -6.00
CA GLU C 346 50.25 18.70 -5.48
C GLU C 346 50.22 20.04 -6.22
N ASN C 347 50.53 21.12 -5.50
CA ASN C 347 50.79 22.43 -6.11
C ASN C 347 51.93 22.42 -7.12
N VAL C 348 51.74 23.09 -8.25
CA VAL C 348 52.88 23.50 -9.05
C VAL C 348 52.80 24.97 -9.46
N GLU C 349 53.79 25.73 -9.03
CA GLU C 349 53.89 27.15 -9.37
C GLU C 349 54.46 27.30 -10.77
N GLU C 350 54.24 28.46 -11.38
CA GLU C 350 55.03 28.84 -12.54
C GLU C 350 56.51 28.72 -12.21
N GLY C 351 57.28 28.28 -13.19
CA GLY C 351 58.72 28.17 -13.06
C GLY C 351 59.37 29.52 -13.28
N GLY C 352 60.69 29.51 -13.44
CA GLY C 352 61.45 30.75 -13.41
C GLY C 352 61.77 31.15 -11.98
N GLU D 3 0.98 -19.44 44.00
CA GLU D 3 1.16 -20.61 43.10
C GLU D 3 2.56 -21.20 43.29
N GLN D 4 2.63 -22.43 43.78
CA GLN D 4 3.85 -22.94 44.38
C GLN D 4 4.41 -24.10 43.56
N THR D 5 3.56 -24.72 42.76
CA THR D 5 3.96 -25.92 42.03
C THR D 5 5.00 -25.59 40.97
N VAL D 6 4.66 -24.68 40.06
CA VAL D 6 5.56 -24.29 38.97
C VAL D 6 6.38 -23.06 39.36
N GLU D 7 7.70 -23.19 39.30
CA GLU D 7 8.61 -22.10 39.67
C GLU D 7 8.34 -20.85 38.81
N ALA D 8 8.09 -19.72 39.45
CA ALA D 8 7.74 -18.53 38.68
C ALA D 8 9.00 -17.77 38.28
N PRO D 9 8.89 -16.93 37.25
CA PRO D 9 10.05 -16.31 36.64
C PRO D 9 10.60 -15.21 37.55
N SER D 10 11.88 -14.87 37.39
CA SER D 10 12.39 -13.59 37.88
C SER D 10 11.84 -12.52 36.99
N VAL D 11 11.49 -11.39 37.59
CA VAL D 11 11.20 -10.23 36.81
C VAL D 11 12.04 -9.03 37.23
N ASP D 12 12.41 -8.21 36.26
CA ASP D 12 13.36 -7.13 36.47
C ASP D 12 12.55 -5.86 36.72
N ALA D 13 11.96 -5.77 37.91
CA ALA D 13 11.11 -4.64 38.26
C ALA D 13 10.96 -4.60 39.76
N ARG D 14 10.51 -3.46 40.27
CA ARG D 14 10.33 -3.30 41.72
C ARG D 14 9.20 -4.19 42.27
N ALA D 15 8.10 -4.29 41.53
CA ALA D 15 7.00 -5.14 41.97
C ALA D 15 6.24 -5.63 40.76
N TRP D 16 5.54 -6.76 40.92
CA TRP D 16 4.72 -7.28 39.83
C TRP D 16 3.71 -8.31 40.34
N ILE D 17 2.73 -8.59 39.51
CA ILE D 17 1.83 -9.70 39.79
C ILE D 17 1.27 -10.19 38.48
N LEU D 18 0.95 -11.47 38.43
CA LEU D 18 0.25 -12.02 37.28
C LEU D 18 -0.95 -12.82 37.83
N MET D 19 -2.15 -12.50 37.37
CA MET D 19 -3.36 -13.05 37.97
C MET D 19 -4.30 -13.53 36.88
N ASP D 20 -4.94 -14.68 37.11
CA ASP D 20 -5.98 -15.15 36.20
C ASP D 20 -7.30 -14.44 36.48
N TYR D 21 -7.94 -14.02 35.42
CA TYR D 21 -9.15 -13.20 35.51
C TYR D 21 -10.32 -14.03 36.03
N ALA D 22 -10.44 -15.26 35.54
CA ALA D 22 -11.66 -16.07 35.83
C ALA D 22 -11.61 -16.61 37.26
N SER D 23 -10.42 -17.00 37.72
CA SER D 23 -10.29 -17.71 38.97
C SER D 23 -9.75 -16.78 40.06
N GLY D 24 -9.04 -15.72 39.65
CA GLY D 24 -8.37 -14.81 40.58
C GLY D 24 -7.07 -15.38 41.10
N LYS D 25 -6.69 -16.53 40.58
CA LYS D 25 -5.46 -17.16 41.07
C LYS D 25 -4.24 -16.26 40.74
N VAL D 26 -3.36 -16.04 41.72
CA VAL D 26 -2.09 -15.32 41.49
C VAL D 26 -1.05 -16.36 41.11
N LEU D 27 -0.55 -16.26 39.87
CA LEU D 27 0.41 -17.21 39.36
C LEU D 27 1.85 -16.80 39.65
N ALA D 28 2.07 -15.50 39.84
CA ALA D 28 3.41 -15.01 40.17
C ALA D 28 3.31 -13.65 40.82
N GLU D 29 4.26 -13.33 41.69
CA GLU D 29 4.24 -12.04 42.32
C GLU D 29 5.59 -11.73 42.94
N GLY D 30 5.88 -10.44 43.05
CA GLY D 30 6.96 -9.94 43.89
C GLY D 30 6.63 -8.56 44.41
N ASN D 31 6.81 -8.38 45.71
CA ASN D 31 6.44 -7.14 46.39
C ASN D 31 5.06 -6.63 46.01
N ALA D 32 4.09 -7.54 45.89
CA ALA D 32 2.83 -7.17 45.29
C ALA D 32 1.96 -6.30 46.22
N ASP D 33 2.39 -6.18 47.48
CA ASP D 33 1.63 -5.39 48.46
C ASP D 33 2.38 -4.15 48.96
N GLU D 34 3.60 -3.96 48.46
CA GLU D 34 4.33 -2.71 48.62
C GLU D 34 3.59 -1.52 48.01
N LYS D 35 3.37 -0.49 48.82
CA LYS D 35 2.70 0.71 48.34
C LYS D 35 3.64 1.57 47.48
N LEU D 36 3.08 2.11 46.41
CA LEU D 36 3.83 2.94 45.47
C LEU D 36 2.82 3.90 44.87
N ASP D 37 3.21 5.16 44.64
CA ASP D 37 2.37 6.06 43.87
C ASP D 37 2.13 5.47 42.49
N PRO D 38 0.86 5.20 42.15
CA PRO D 38 0.54 4.53 40.90
C PRO D 38 0.66 5.50 39.72
N ALA D 39 0.79 6.79 40.05
CA ALA D 39 0.89 7.81 39.02
C ALA D 39 -0.26 7.64 38.05
N SER D 40 0.07 7.58 36.76
CA SER D 40 -0.91 7.69 35.71
C SER D 40 -1.87 6.47 35.67
N LEU D 41 -1.52 5.42 36.41
CA LEU D 41 -2.36 4.20 36.48
C LEU D 41 -3.67 4.51 37.20
N THR D 42 -3.65 5.59 37.97
CA THR D 42 -4.87 6.18 38.52
C THR D 42 -6.00 6.27 37.53
N LYS D 43 -5.69 6.51 36.26
CA LYS D 43 -6.72 6.73 35.26
C LYS D 43 -7.53 5.47 34.95
N ILE D 44 -7.06 4.30 35.36
CA ILE D 44 -7.87 3.09 35.31
C ILE D 44 -9.13 3.26 36.17
N MET D 45 -8.93 3.80 37.37
CA MET D 45 -10.04 4.06 38.27
C MET D 45 -10.84 5.25 37.77
N THR D 46 -10.17 6.26 37.23
CA THR D 46 -10.93 7.34 36.60
C THR D 46 -11.90 6.78 35.58
N SER D 47 -11.41 5.87 34.74
CA SER D 47 -12.25 5.28 33.71
C SER D 47 -13.35 4.40 34.31
N TYR D 48 -13.01 3.71 35.40
CA TYR D 48 -13.96 2.83 36.08
C TYR D 48 -15.17 3.65 36.48
N VAL D 49 -14.90 4.79 37.11
CA VAL D 49 -15.98 5.63 37.61
C VAL D 49 -16.81 6.19 36.46
N VAL D 50 -16.16 6.79 35.45
CA VAL D 50 -16.95 7.30 34.33
C VAL D 50 -17.73 6.18 33.64
N GLY D 51 -17.14 4.99 33.58
CA GLY D 51 -17.85 3.89 32.97
C GLY D 51 -19.06 3.40 33.75
N GLN D 52 -19.02 3.51 35.08
CA GLN D 52 -20.21 3.25 35.89
C GLN D 52 -21.30 4.30 35.65
N ALA D 53 -20.91 5.57 35.62
CA ALA D 53 -21.83 6.64 35.20
C ALA D 53 -22.53 6.28 33.89
N LEU D 54 -21.75 5.97 32.86
CA LEU D 54 -22.29 5.56 31.58
C LEU D 54 -23.23 4.37 31.68
N LYS D 55 -22.80 3.32 32.36
CA LYS D 55 -23.60 2.11 32.43
C LYS D 55 -24.91 2.36 33.17
N ALA D 56 -24.87 3.29 34.11
CA ALA D 56 -26.01 3.54 34.99
C ALA D 56 -26.85 4.67 34.44
N ASP D 57 -26.35 5.31 33.37
CA ASP D 57 -27.20 6.14 32.53
C ASP D 57 -27.34 7.55 33.09
N LYS D 58 -26.46 7.91 34.01
CA LYS D 58 -26.43 9.25 34.57
C LYS D 58 -25.70 10.22 33.63
N ILE D 59 -25.13 9.67 32.56
CA ILE D 59 -24.54 10.46 31.48
C ILE D 59 -24.50 9.64 30.21
N LYS D 60 -24.48 10.33 29.07
CA LYS D 60 -24.48 9.66 27.77
C LYS D 60 -23.18 10.00 27.04
N LEU D 61 -22.81 9.15 26.10
CA LEU D 61 -21.67 9.41 25.22
C LEU D 61 -21.85 10.74 24.48
N THR D 62 -23.09 10.99 24.06
CA THR D 62 -23.40 12.11 23.19
C THR D 62 -23.50 13.46 23.91
N ASP D 63 -23.85 13.42 25.19
CA ASP D 63 -23.80 14.62 26.03
C ASP D 63 -22.59 15.49 25.66
N MET D 64 -22.78 16.81 25.70
CA MET D 64 -21.67 17.76 25.55
C MET D 64 -21.32 18.44 26.87
N VAL D 65 -20.03 18.61 27.13
CA VAL D 65 -19.60 19.10 28.42
C VAL D 65 -18.89 20.45 28.35
N THR D 66 -19.55 21.49 28.84
CA THR D 66 -18.91 22.78 29.04
C THR D 66 -17.54 22.56 29.69
N VAL D 67 -16.48 22.76 28.93
CA VAL D 67 -15.14 22.59 29.46
C VAL D 67 -14.88 23.56 30.60
N GLY D 68 -14.86 23.03 31.82
CA GLY D 68 -14.54 23.82 33.00
C GLY D 68 -13.26 24.60 32.81
N LYS D 69 -12.91 25.43 33.79
CA LYS D 69 -11.90 26.45 33.60
C LYS D 69 -10.50 25.99 34.03
N ASP D 70 -10.44 24.82 34.65
CA ASP D 70 -9.17 24.17 34.97
C ASP D 70 -8.83 23.05 33.99
N ALA D 71 -9.79 22.72 33.13
CA ALA D 71 -9.53 21.89 31.96
C ALA D 71 -8.17 22.22 31.33
N PRO D 89 -10.71 26.49 28.28
CA PRO D 89 -11.72 27.00 29.19
C PRO D 89 -12.91 27.63 28.47
N GLY D 90 -14.00 26.88 28.35
CA GLY D 90 -15.21 27.39 27.71
C GLY D 90 -15.56 26.62 26.46
N ASP D 91 -14.60 25.87 25.95
CA ASP D 91 -14.83 24.94 24.84
C ASP D 91 -15.91 23.89 25.14
N GLN D 92 -16.43 23.25 24.08
CA GLN D 92 -17.47 22.23 24.24
C GLN D 92 -17.05 20.88 23.64
N VAL D 93 -17.36 19.78 24.35
CA VAL D 93 -16.91 18.44 23.93
C VAL D 93 -17.86 17.30 24.34
N SER D 94 -18.05 16.36 23.41
CA SER D 94 -18.36 14.96 23.70
C SER D 94 -17.81 14.43 25.03
N VAL D 95 -18.68 13.79 25.82
CA VAL D 95 -18.22 12.78 26.76
C VAL D 95 -17.44 11.70 26.02
N ALA D 96 -18.09 11.04 25.06
CA ALA D 96 -17.41 10.04 24.25
C ALA D 96 -16.01 10.50 23.92
N ASP D 97 -15.89 11.77 23.54
CA ASP D 97 -14.61 12.35 23.15
C ASP D 97 -13.63 12.51 24.31
N LEU D 98 -14.10 13.03 25.44
CA LEU D 98 -13.22 13.22 26.58
C LEU D 98 -12.90 11.85 27.22
N ASN D 99 -13.85 10.94 27.10
CA ASN D 99 -13.62 9.55 27.55
C ASN D 99 -12.38 8.96 26.90
N LYS D 100 -12.34 9.08 25.57
CA LYS D 100 -11.24 8.54 24.79
C LYS D 100 -9.93 9.24 25.11
N GLY D 101 -10.01 10.53 25.41
CA GLY D 101 -8.83 11.27 25.85
C GLY D 101 -8.20 10.76 27.12
N VAL D 102 -9.01 10.35 28.09
CA VAL D 102 -8.43 9.77 29.30
C VAL D 102 -7.94 8.35 29.03
N ILE D 103 -8.72 7.60 28.25
CA ILE D 103 -8.45 6.17 28.01
C ILE D 103 -7.26 5.96 27.06
N ILE D 104 -7.36 6.52 25.86
CA ILE D 104 -6.37 6.25 24.82
C ILE D 104 -5.14 7.11 25.01
N GLN D 105 -5.37 8.39 25.32
CA GLN D 105 -4.31 9.37 25.28
C GLN D 105 -3.70 9.55 26.66
N SER D 106 -4.47 9.22 27.70
CA SER D 106 -4.07 9.51 29.07
C SER D 106 -3.93 11.02 29.26
N GLY D 107 -4.90 11.77 28.74
CA GLY D 107 -4.91 13.21 28.91
C GLY D 107 -5.42 13.66 30.27
N ASN D 108 -4.62 14.44 30.99
CA ASN D 108 -5.05 14.98 32.27
C ASN D 108 -6.13 16.06 32.19
N ASP D 109 -6.18 16.77 31.06
CA ASP D 109 -7.21 17.79 30.87
C ASP D 109 -8.60 17.16 30.75
N ALA D 110 -8.69 16.11 29.95
CA ALA D 110 -9.90 15.31 29.83
C ALA D 110 -10.37 14.71 31.15
N CYS D 111 -9.43 14.16 31.92
CA CYS D 111 -9.74 13.65 33.26
C CYS D 111 -10.44 14.74 34.07
N ILE D 112 -9.69 15.79 34.39
CA ILE D 112 -10.21 16.91 35.17
C ILE D 112 -11.56 17.38 34.61
N ALA D 113 -11.63 17.58 33.30
CA ALA D 113 -12.88 17.98 32.65
C ALA D 113 -14.02 17.05 32.98
N LEU D 114 -13.77 15.74 32.81
CA LEU D 114 -14.84 14.75 32.88
C LEU D 114 -15.23 14.52 34.35
N ALA D 115 -14.23 14.52 35.21
CA ALA D 115 -14.46 14.42 36.64
C ALA D 115 -15.47 15.47 37.10
N ASP D 116 -15.18 16.74 36.80
CA ASP D 116 -16.08 17.86 37.09
C ASP D 116 -17.48 17.57 36.57
N TYR D 117 -17.55 17.00 35.36
CA TYR D 117 -18.85 16.76 34.74
C TYR D 117 -19.70 15.70 35.42
N VAL D 118 -19.09 14.62 35.89
CA VAL D 118 -19.88 13.52 36.44
C VAL D 118 -20.19 13.73 37.92
N ALA D 119 -19.22 14.32 38.63
CA ALA D 119 -19.26 14.39 40.08
C ALA D 119 -19.40 15.83 40.59
N GLY D 120 -19.13 16.80 39.71
CA GLY D 120 -19.35 18.20 40.03
C GLY D 120 -18.11 18.89 40.59
N SER D 121 -17.01 18.15 40.65
CA SER D 121 -15.74 18.72 41.08
C SER D 121 -14.71 17.62 41.23
N GLN D 122 -13.44 17.95 41.03
CA GLN D 122 -12.36 17.00 41.23
C GLN D 122 -12.45 16.33 42.60
N GLU D 123 -12.55 17.16 43.65
CA GLU D 123 -12.51 16.67 45.03
C GLU D 123 -13.49 15.54 45.27
N SER D 124 -14.69 15.67 44.70
CA SER D 124 -15.77 14.75 45.00
C SER D 124 -15.81 13.58 44.01
N PHE D 125 -15.24 13.78 42.82
CA PHE D 125 -14.92 12.64 41.96
C PHE D 125 -13.92 11.73 42.66
N ILE D 126 -12.93 12.33 43.32
CA ILE D 126 -11.96 11.57 44.11
C ILE D 126 -12.63 10.79 45.25
N GLY D 127 -13.71 11.33 45.80
CA GLY D 127 -14.62 10.56 46.64
C GLY D 127 -15.11 9.25 46.03
N LEU D 128 -15.62 9.33 44.80
CA LEU D 128 -16.13 8.18 44.09
C LEU D 128 -15.04 7.12 43.88
N MET D 129 -13.81 7.57 43.63
CA MET D 129 -12.70 6.69 43.31
C MET D 129 -12.30 5.88 44.54
N ASN D 130 -12.28 6.51 45.70
CA ASN D 130 -11.92 5.82 46.92
C ASN D 130 -13.04 4.97 47.47
N GLY D 131 -14.29 5.30 47.13
CA GLY D 131 -15.41 4.48 47.55
C GLY D 131 -15.43 3.15 46.82
N TYR D 132 -15.18 3.20 45.52
CA TYR D 132 -15.06 1.96 44.76
C TYR D 132 -13.80 1.20 45.16
N ALA D 133 -12.71 1.92 45.45
CA ALA D 133 -11.54 1.30 46.01
C ALA D 133 -11.96 0.43 47.18
N LYS D 134 -12.67 1.02 48.15
CA LYS D 134 -13.20 0.19 49.25
C LYS D 134 -14.09 -0.97 48.83
N LYS D 135 -15.13 -0.71 48.03
CA LYS D 135 -16.06 -1.74 47.61
C LYS D 135 -15.36 -2.93 46.92
N LEU D 136 -14.26 -2.63 46.24
CA LEU D 136 -13.55 -3.62 45.42
C LEU D 136 -12.47 -4.33 46.21
N GLY D 137 -12.25 -3.91 47.44
CA GLY D 137 -11.27 -4.60 48.28
C GLY D 137 -9.86 -4.13 47.99
N LEU D 138 -9.72 -2.95 47.42
CA LEU D 138 -8.40 -2.38 47.22
C LEU D 138 -7.85 -1.84 48.54
N THR D 139 -7.45 -2.75 49.43
CA THR D 139 -7.20 -2.40 50.83
C THR D 139 -5.95 -1.52 51.03
N ASN D 140 -5.02 -1.58 50.09
CA ASN D 140 -3.87 -0.69 50.15
C ASN D 140 -3.87 0.47 49.19
N THR D 141 -5.04 0.85 48.71
CA THR D 141 -5.11 1.87 47.69
C THR D 141 -5.83 3.08 48.22
N THR D 142 -5.28 4.26 47.93
CA THR D 142 -6.04 5.49 48.02
C THR D 142 -5.57 6.55 47.02
N PHE D 143 -6.54 7.17 46.34
CA PHE D 143 -6.29 8.08 45.25
C PHE D 143 -6.44 9.52 45.74
N GLN D 144 -5.55 10.40 45.28
CA GLN D 144 -5.53 11.78 45.75
C GLN D 144 -5.86 12.74 44.61
N THR D 145 -5.87 12.21 43.40
CA THR D 145 -5.99 13.03 42.19
C THR D 145 -6.92 12.34 41.21
N VAL D 146 -7.44 13.10 40.25
CA VAL D 146 -8.30 12.52 39.22
C VAL D 146 -7.48 12.03 38.00
N HIS D 147 -6.18 12.30 38.01
CA HIS D 147 -5.33 12.03 36.83
C HIS D 147 -4.02 11.31 37.17
N GLY D 148 -3.72 11.22 38.47
CA GLY D 148 -2.56 10.46 38.93
C GLY D 148 -1.23 11.19 38.82
N LEU D 149 -1.28 12.52 38.80
CA LEU D 149 -0.09 13.31 39.15
C LEU D 149 0.48 12.84 40.48
N ASP D 150 1.70 12.30 40.45
CA ASP D 150 2.50 12.14 41.66
C ASP D 150 2.02 13.15 42.71
N ALA D 151 1.60 12.65 43.86
CA ALA D 151 0.95 13.50 44.85
C ALA D 151 0.98 12.82 46.22
N PRO D 152 0.78 13.60 47.28
CA PRO D 152 0.95 13.11 48.66
C PRO D 152 -0.19 12.17 49.09
N GLY D 153 0.18 11.08 49.76
CA GLY D 153 -0.81 10.10 50.22
C GLY D 153 -1.47 9.32 49.09
N GLN D 154 -0.96 9.46 47.88
CA GLN D 154 -1.45 8.66 46.76
C GLN D 154 -0.74 7.32 46.70
N PHE D 155 -1.50 6.24 46.89
CA PHE D 155 -0.91 4.91 46.93
C PHE D 155 -1.76 3.85 46.23
N SER D 156 -1.07 2.90 45.59
CA SER D 156 -1.63 1.57 45.33
C SER D 156 -0.55 0.48 45.39
N THR D 157 -0.89 -0.72 44.93
CA THR D 157 0.04 -1.83 44.95
C THR D 157 -0.19 -2.66 43.71
N ALA D 158 0.74 -3.56 43.39
CA ALA D 158 0.57 -4.37 42.21
C ALA D 158 -0.68 -5.25 42.37
N ARG D 159 -0.91 -5.78 43.56
CA ARG D 159 -2.11 -6.61 43.76
C ARG D 159 -3.40 -5.85 43.56
N ASP D 160 -3.49 -4.65 44.14
CA ASP D 160 -4.71 -3.84 44.01
C ASP D 160 -4.96 -3.42 42.58
N MET D 161 -3.89 -3.12 41.86
CA MET D 161 -4.03 -2.70 40.46
C MET D 161 -4.54 -3.85 39.63
N ALA D 162 -4.13 -5.07 39.97
CA ALA D 162 -4.68 -6.20 39.23
C ALA D 162 -6.14 -6.41 39.56
N LEU D 163 -6.52 -6.20 40.82
CA LEU D 163 -7.92 -6.43 41.18
C LEU D 163 -8.77 -5.37 40.53
N LEU D 164 -8.22 -4.16 40.50
CA LEU D 164 -8.91 -3.07 39.85
C LEU D 164 -9.05 -3.32 38.34
N GLY D 165 -7.98 -3.77 37.69
CA GLY D 165 -8.08 -4.15 36.26
C GLY D 165 -9.14 -5.20 36.00
N LYS D 166 -9.20 -6.21 36.87
CA LYS D 166 -10.18 -7.25 36.74
C LYS D 166 -11.59 -6.68 36.88
N ALA D 167 -11.80 -5.79 37.84
CA ALA D 167 -13.13 -5.16 38.00
C ALA D 167 -13.49 -4.32 36.77
N LEU D 168 -12.50 -3.64 36.20
CA LEU D 168 -12.77 -2.77 35.06
C LEU D 168 -13.25 -3.66 33.92
N ILE D 169 -12.52 -4.73 33.68
CA ILE D 169 -12.88 -5.68 32.64
C ILE D 169 -14.26 -6.30 32.86
N HIS D 170 -14.56 -6.65 34.11
CA HIS D 170 -15.80 -7.37 34.44
C HIS D 170 -17.03 -6.45 34.53
N ASP D 171 -16.86 -5.30 35.17
CA ASP D 171 -18.03 -4.50 35.63
C ASP D 171 -18.48 -3.49 34.55
N VAL D 172 -17.50 -2.88 33.90
CA VAL D 172 -17.77 -1.91 32.82
C VAL D 172 -17.10 -2.30 31.49
N PRO D 173 -17.60 -3.35 30.86
CA PRO D 173 -16.88 -3.90 29.70
C PRO D 173 -16.83 -2.96 28.51
N GLU D 174 -17.89 -2.19 28.31
CA GLU D 174 -17.92 -1.23 27.20
C GLU D 174 -16.84 -0.18 27.38
N GLU D 175 -16.59 0.23 28.61
CA GLU D 175 -15.45 1.09 28.94
C GLU D 175 -14.11 0.37 28.75
N TYR D 176 -14.03 -0.87 29.21
CA TYR D 176 -12.78 -1.59 29.02
C TYR D 176 -12.43 -1.65 27.53
N ALA D 177 -13.43 -1.93 26.72
CA ALA D 177 -13.26 -2.18 25.28
C ALA D 177 -12.58 -1.03 24.54
N ILE D 178 -12.67 0.18 25.09
CA ILE D 178 -12.00 1.34 24.49
C ILE D 178 -10.47 1.28 24.69
N HIS D 179 -10.04 0.57 25.73
CA HIS D 179 -8.63 0.58 26.12
C HIS D 179 -7.72 -0.10 25.07
N LYS D 180 -8.31 -0.81 24.12
CA LYS D 180 -7.50 -1.44 23.05
C LYS D 180 -7.41 -0.62 21.75
N GLU D 181 -8.18 0.46 21.68
CA GLU D 181 -8.19 1.28 20.48
C GLU D 181 -6.83 1.95 20.30
N LYS D 182 -6.24 1.80 19.12
CA LYS D 182 -4.84 2.15 18.91
C LYS D 182 -4.64 3.65 18.69
N GLU D 183 -5.69 4.33 18.25
CA GLU D 183 -5.58 5.74 17.85
C GLU D 183 -6.80 6.52 18.27
N PHE D 184 -6.58 7.74 18.76
CA PHE D 184 -7.66 8.72 18.91
C PHE D 184 -7.38 10.03 18.14
N THR D 185 -8.34 10.43 17.31
CA THR D 185 -8.21 11.65 16.52
C THR D 185 -9.07 12.78 17.08
N PHE D 186 -8.43 13.73 17.75
CA PHE D 186 -9.13 14.90 18.27
C PHE D 186 -8.61 16.20 17.66
N ASN D 187 -9.52 16.93 17.02
CA ASN D 187 -9.18 18.19 16.38
C ASN D 187 -8.07 17.96 15.39
N LYS D 188 -8.40 17.23 14.35
CA LYS D 188 -7.39 16.90 13.34
C LYS D 188 -5.99 16.77 13.95
N ILE D 189 -5.91 16.22 15.16
CA ILE D 189 -4.64 15.82 15.70
C ILE D 189 -4.75 14.35 16.17
N ARG D 190 -3.85 13.52 15.68
CA ARG D 190 -3.95 12.07 15.89
C ARG D 190 -3.02 11.63 17.01
N GLN D 191 -3.58 10.93 17.99
CA GLN D 191 -2.85 10.54 19.19
C GLN D 191 -2.85 9.03 19.35
N PRO D 192 -1.65 8.44 19.54
CA PRO D 192 -1.55 7.00 19.68
C PRO D 192 -1.91 6.59 21.10
N ASN D 193 -2.48 5.41 21.26
CA ASN D 193 -2.39 4.69 22.52
C ASN D 193 -0.93 4.41 22.88
N ARG D 194 -0.52 4.82 24.07
CA ARG D 194 0.85 4.61 24.50
C ARG D 194 1.15 3.17 24.94
N ASN D 195 0.12 2.33 24.98
CA ASN D 195 0.32 0.94 25.35
C ASN D 195 0.83 0.14 24.15
N ARG D 196 2.15 -0.04 24.11
CA ARG D 196 2.81 -0.58 22.92
C ARG D 196 2.51 -2.07 22.79
N LEU D 197 2.05 -2.68 23.88
CA LEU D 197 1.74 -4.10 23.80
C LEU D 197 0.53 -4.38 22.91
N LEU D 198 -0.31 -3.37 22.68
CA LEU D 198 -1.45 -3.55 21.82
C LEU D 198 -1.03 -3.99 20.42
N TRP D 199 0.20 -3.69 20.04
CA TRP D 199 0.70 -4.04 18.72
C TRP D 199 1.42 -5.39 18.74
N SER D 200 1.55 -6.00 19.91
CA SER D 200 2.26 -7.28 19.98
C SER D 200 1.61 -8.31 19.04
N SER D 201 2.46 -9.07 18.33
CA SER D 201 2.04 -10.27 17.61
C SER D 201 2.13 -11.58 18.42
N ASN D 202 2.89 -11.58 19.51
CA ASN D 202 3.08 -12.78 20.37
C ASN D 202 1.96 -12.97 21.41
N LEU D 203 1.26 -11.88 21.73
CA LEU D 203 0.12 -11.92 22.66
C LEU D 203 -1.02 -11.18 22.03
N ASN D 204 -2.25 -11.59 22.32
N ASN D 204 -2.23 -11.49 22.48
CA ASN D 204 -3.40 -10.72 22.13
CA ASN D 204 -3.43 -10.74 22.13
C ASN D 204 -3.60 -9.89 23.37
C ASN D 204 -3.83 -9.75 23.22
N VAL D 205 -3.07 -8.66 23.35
CA VAL D 205 -3.20 -7.75 24.49
C VAL D 205 -4.28 -6.75 24.15
N ASP D 206 -5.22 -6.56 25.07
CA ASP D 206 -6.27 -5.58 24.87
C ASP D 206 -6.37 -4.49 25.93
N GLY D 207 -5.34 -4.33 26.74
CA GLY D 207 -5.37 -3.32 27.81
C GLY D 207 -4.04 -3.33 28.51
N MET D 208 -3.80 -2.35 29.40
CA MET D 208 -4.83 -1.44 29.88
C MET D 208 -4.28 -0.01 30.02
N LYS D 209 -3.15 0.14 30.70
CA LYS D 209 -2.67 1.48 31.02
C LYS D 209 -1.19 1.53 31.34
N THR D 210 -0.51 2.53 30.79
CA THR D 210 0.90 2.73 31.14
C THR D 210 1.02 3.92 32.09
N GLY D 211 2.10 3.95 32.86
CA GLY D 211 2.46 5.15 33.61
C GLY D 211 3.92 5.17 33.96
N THR D 212 4.40 6.32 34.43
CA THR D 212 5.62 6.31 35.21
C THR D 212 5.45 7.10 36.49
N THR D 213 6.32 6.84 37.45
CA THR D 213 6.17 7.41 38.78
C THR D 213 7.54 7.83 39.34
N ALA D 214 7.69 9.12 39.63
CA ALA D 214 9.01 9.73 39.74
C ALA D 214 9.89 8.98 40.75
N GLY D 215 11.15 8.74 40.38
CA GLY D 215 12.09 8.03 41.24
C GLY D 215 11.71 6.58 41.52
N ALA D 216 10.75 6.07 40.75
CA ALA D 216 10.32 4.67 40.88
C ALA D 216 10.48 3.92 39.57
N GLY D 217 9.99 4.50 38.48
CA GLY D 217 10.33 4.04 37.16
C GLY D 217 9.08 3.84 36.33
N TYR D 218 9.02 2.76 35.56
CA TYR D 218 7.97 2.63 34.56
C TYR D 218 7.02 1.47 34.91
N ASN D 219 5.74 1.68 34.66
CA ASN D 219 4.68 0.78 35.15
C ASN D 219 3.83 0.36 33.96
N LEU D 220 3.22 -0.82 34.05
CA LEU D 220 2.20 -1.22 33.08
C LEU D 220 1.17 -2.13 33.76
N VAL D 221 -0.10 -1.82 33.54
CA VAL D 221 -1.15 -2.82 33.69
C VAL D 221 -1.61 -3.31 32.33
N ALA D 222 -1.52 -4.62 32.16
CA ALA D 222 -1.77 -5.24 30.90
C ALA D 222 -2.68 -6.46 31.07
N SER D 223 -3.41 -6.78 30.02
CA SER D 223 -4.22 -7.97 30.01
C SER D 223 -4.27 -8.54 28.62
N ALA D 224 -4.27 -9.86 28.55
CA ALA D 224 -4.11 -10.55 27.28
C ALA D 224 -5.00 -11.78 27.36
N THR D 225 -5.42 -12.28 26.21
CA THR D 225 -6.36 -13.40 26.20
C THR D 225 -5.90 -14.52 25.30
N GLN D 226 -6.31 -15.73 25.62
CA GLN D 226 -6.22 -16.85 24.68
C GLN D 226 -7.54 -17.58 24.80
N GLY D 227 -8.42 -17.38 23.82
CA GLY D 227 -9.78 -17.89 23.93
C GLY D 227 -10.41 -17.39 25.22
N ASP D 228 -11.02 -18.33 25.95
CA ASP D 228 -11.77 -18.03 27.20
C ASP D 228 -10.85 -17.67 28.39
N MET D 229 -9.56 -17.90 28.25
CA MET D 229 -8.62 -17.58 29.33
C MET D 229 -8.01 -16.18 29.23
N ARG D 230 -8.03 -15.44 30.34
CA ARG D 230 -7.52 -14.07 30.40
C ARG D 230 -6.58 -13.94 31.58
N LEU D 231 -5.40 -13.37 31.35
CA LEU D 231 -4.49 -13.08 32.42
C LEU D 231 -4.34 -11.58 32.54
N ILE D 232 -4.03 -11.13 33.75
CA ILE D 232 -3.75 -9.72 34.01
C ILE D 232 -2.37 -9.62 34.62
N SER D 233 -1.50 -8.78 34.04
CA SER D 233 -0.20 -8.50 34.65
C SER D 233 -0.09 -7.05 35.12
N VAL D 234 0.67 -6.87 36.19
CA VAL D 234 1.05 -5.53 36.62
C VAL D 234 2.54 -5.56 36.80
N VAL D 235 3.20 -4.57 36.20
CA VAL D 235 4.62 -4.39 36.42
C VAL D 235 4.81 -2.92 36.82
N LEU D 236 5.53 -2.73 37.91
CA LEU D 236 5.63 -1.44 38.58
C LEU D 236 7.13 -1.14 38.73
N GLY D 237 7.53 0.07 38.37
CA GLY D 237 8.89 0.51 38.65
C GLY D 237 9.92 -0.32 37.91
N ALA D 238 9.71 -0.52 36.61
CA ALA D 238 10.77 -0.94 35.72
C ALA D 238 11.70 0.22 35.40
N LYS D 239 12.95 -0.11 35.11
CA LYS D 239 14.01 0.88 34.97
C LYS D 239 13.91 1.68 33.68
N THR D 240 13.35 1.09 32.63
CA THR D 240 13.16 1.76 31.35
C THR D 240 11.80 1.47 30.72
N ASP D 241 11.37 2.33 29.81
CA ASP D 241 10.24 2.06 28.92
C ASP D 241 10.26 0.62 28.38
N ARG D 242 11.42 0.16 27.93
CA ARG D 242 11.53 -1.09 27.20
CA ARG D 242 11.51 -1.10 27.19
C ARG D 242 11.37 -2.29 28.14
N ILE D 243 11.95 -2.18 29.32
CA ILE D 243 11.92 -3.26 30.28
C ILE D 243 10.50 -3.39 30.83
N ARG D 244 9.84 -2.24 30.99
CA ARG D 244 8.43 -2.17 31.38
C ARG D 244 7.59 -3.05 30.46
N PHE D 245 7.77 -2.89 29.15
CA PHE D 245 6.96 -3.65 28.21
C PHE D 245 7.45 -5.10 28.12
N ASN D 246 8.76 -5.28 28.03
CA ASN D 246 9.29 -6.63 27.88
C ASN D 246 8.96 -7.54 29.06
N GLU D 247 9.08 -7.04 30.29
CA GLU D 247 8.91 -7.92 31.46
C GLU D 247 7.42 -8.32 31.56
N SER D 248 6.55 -7.41 31.15
CA SER D 248 5.11 -7.67 31.15
C SER D 248 4.82 -8.78 30.12
N GLU D 249 5.39 -8.66 28.92
CA GLU D 249 5.22 -9.68 27.90
C GLU D 249 5.69 -11.03 28.36
N LYS D 250 6.83 -11.07 29.03
CA LYS D 250 7.42 -12.32 29.44
C LYS D 250 6.54 -13.04 30.50
N LEU D 251 6.05 -12.27 31.49
CA LEU D 251 5.08 -12.77 32.47
C LEU D 251 3.83 -13.40 31.83
N LEU D 252 3.17 -12.63 30.98
CA LEU D 252 1.95 -13.08 30.31
C LEU D 252 2.25 -14.32 29.47
N THR D 253 3.40 -14.31 28.80
CA THR D 253 3.80 -15.46 28.00
C THR D 253 4.00 -16.72 28.84
N TRP D 254 4.69 -16.59 29.96
CA TRP D 254 4.88 -17.64 30.94
C TRP D 254 3.55 -18.25 31.42
N GLY D 255 2.62 -17.38 31.81
CA GLY D 255 1.31 -17.84 32.26
C GLY D 255 0.64 -18.76 31.25
N PHE D 256 0.55 -18.31 30.00
CA PHE D 256 -0.20 -19.06 28.97
C PHE D 256 0.58 -20.30 28.56
N ARG D 257 1.90 -20.25 28.70
CA ARG D 257 2.72 -21.42 28.32
C ARG D 257 2.48 -22.62 29.27
N PHE D 258 2.28 -22.35 30.56
CA PHE D 258 2.35 -23.36 31.60
C PHE D 258 1.02 -23.66 32.33
N PHE D 259 0.02 -22.80 32.15
CA PHE D 259 -1.21 -22.92 32.97
C PHE D 259 -2.47 -22.96 32.11
N GLU D 260 -3.54 -23.53 32.66
CA GLU D 260 -4.84 -23.49 31.98
C GLU D 260 -5.86 -23.09 33.04
N THR D 261 -6.97 -22.52 32.62
CA THR D 261 -8.02 -22.24 33.60
C THR D 261 -9.24 -23.09 33.24
N VAL D 262 -9.72 -23.86 34.19
CA VAL D 262 -10.75 -24.86 33.90
C VAL D 262 -11.85 -24.73 34.93
N THR D 263 -12.99 -25.37 34.68
CA THR D 263 -14.13 -25.20 35.58
C THR D 263 -14.69 -26.57 35.99
N PRO D 264 -14.08 -27.18 37.00
CA PRO D 264 -14.46 -28.52 37.45
C PRO D 264 -15.78 -28.50 38.21
N ILE D 265 -16.21 -27.32 38.68
CA ILE D 265 -17.58 -27.15 39.21
C ILE D 265 -18.28 -26.00 38.52
N LYS D 266 -19.24 -26.33 37.65
CA LYS D 266 -19.90 -25.33 36.83
C LYS D 266 -20.86 -24.48 37.65
N PRO D 267 -21.18 -23.28 37.14
CA PRO D 267 -21.85 -22.22 37.87
C PRO D 267 -23.20 -22.62 38.43
N ASP D 268 -23.84 -23.61 37.83
CA ASP D 268 -25.19 -24.00 38.23
C ASP D 268 -25.20 -25.38 38.91
N ALA D 269 -24.01 -25.97 39.02
CA ALA D 269 -23.86 -27.39 39.31
C ALA D 269 -23.90 -27.69 40.80
N THR D 270 -24.38 -28.88 41.11
CA THR D 270 -24.37 -29.35 42.48
C THR D 270 -23.09 -30.11 42.71
N PHE D 271 -22.30 -29.66 43.67
CA PHE D 271 -21.05 -30.36 44.02
C PHE D 271 -21.34 -31.49 45.01
N VAL D 272 -22.23 -31.22 45.97
CA VAL D 272 -22.54 -32.19 46.99
C VAL D 272 -23.88 -31.77 47.58
N THR D 273 -24.69 -32.71 48.00
CA THR D 273 -25.86 -32.36 48.81
C THR D 273 -25.61 -32.60 50.30
N GLN D 274 -26.33 -31.86 51.14
CA GLN D 274 -26.29 -32.11 52.58
C GLN D 274 -27.71 -32.12 53.12
N ARG D 275 -27.94 -32.89 54.16
CA ARG D 275 -29.18 -32.83 54.92
C ARG D 275 -29.44 -31.43 55.45
N VAL D 276 -30.72 -31.06 55.55
CA VAL D 276 -31.10 -29.88 56.30
C VAL D 276 -32.25 -30.22 57.26
N TRP D 277 -32.17 -29.67 58.47
CA TRP D 277 -33.16 -29.92 59.52
C TRP D 277 -34.24 -28.84 59.43
N PHE D 278 -35.50 -29.26 59.59
CA PHE D 278 -36.60 -28.32 59.85
C PHE D 278 -36.93 -27.44 58.67
N GLY D 279 -36.73 -27.95 57.45
CA GLY D 279 -36.89 -27.16 56.24
C GLY D 279 -38.00 -27.74 55.38
N ASP D 280 -38.36 -27.03 54.31
CA ASP D 280 -39.39 -27.56 53.40
C ASP D 280 -38.78 -28.49 52.35
N LYS D 281 -37.47 -28.70 52.46
CA LYS D 281 -36.76 -29.73 51.68
C LYS D 281 -35.90 -30.45 52.70
N SER D 282 -35.62 -31.72 52.46
CA SER D 282 -34.87 -32.50 53.43
C SER D 282 -33.37 -32.49 53.17
N GLU D 283 -32.98 -32.08 51.96
CA GLU D 283 -31.58 -31.99 51.59
C GLU D 283 -31.45 -30.71 50.83
N VAL D 284 -30.23 -30.21 50.73
CA VAL D 284 -29.94 -29.01 49.96
C VAL D 284 -28.72 -29.22 49.04
N ASN D 285 -28.83 -28.71 47.82
CA ASN D 285 -27.71 -28.69 46.86
C ASN D 285 -26.71 -27.59 47.21
N LEU D 286 -25.46 -28.00 47.32
CA LEU D 286 -24.35 -27.07 47.58
C LEU D 286 -23.36 -27.11 46.41
N GLY D 287 -22.69 -25.99 46.14
CA GLY D 287 -21.77 -25.91 45.01
C GLY D 287 -20.84 -24.71 45.15
N ALA D 288 -20.26 -24.28 44.03
CA ALA D 288 -19.26 -23.20 44.02
C ALA D 288 -19.83 -21.92 43.40
N GLY D 289 -20.94 -22.05 42.67
CA GLY D 289 -21.53 -20.91 41.99
C GLY D 289 -20.59 -20.43 40.93
N GLU D 290 -20.41 -19.11 40.85
CA GLU D 290 -19.55 -18.49 39.85
C GLU D 290 -18.06 -18.62 40.15
N ALA D 291 -17.69 -19.14 41.31
CA ALA D 291 -16.28 -19.21 41.69
C ALA D 291 -15.69 -20.63 41.63
N GLY D 292 -16.19 -21.44 40.73
CA GLY D 292 -15.67 -22.78 40.54
C GLY D 292 -14.55 -22.91 39.55
N SER D 293 -14.05 -21.78 39.05
CA SER D 293 -12.86 -21.81 38.18
C SER D 293 -11.57 -21.89 38.94
N VAL D 294 -10.65 -22.67 38.36
CA VAL D 294 -9.39 -23.02 38.98
C VAL D 294 -8.34 -22.83 37.87
N THR D 295 -7.21 -22.23 38.21
CA THR D 295 -6.06 -22.15 37.31
C THR D 295 -5.00 -23.12 37.82
N ILE D 296 -4.64 -24.07 36.96
CA ILE D 296 -3.72 -25.16 37.33
C ILE D 296 -2.67 -25.31 36.20
N PRO D 297 -1.59 -26.04 36.49
CA PRO D 297 -0.69 -26.34 35.39
C PRO D 297 -1.35 -27.18 34.32
N ARG D 298 -0.89 -27.02 33.09
CA ARG D 298 -1.61 -27.57 31.94
C ARG D 298 -1.73 -29.09 32.03
N GLY D 299 -2.91 -29.60 31.70
CA GLY D 299 -3.17 -31.02 31.64
C GLY D 299 -3.33 -31.68 33.00
N GLN D 300 -3.44 -30.88 34.07
CA GLN D 300 -3.49 -31.45 35.42
C GLN D 300 -4.90 -31.74 35.95
N LEU D 301 -5.93 -31.38 35.19
CA LEU D 301 -7.30 -31.46 35.71
C LEU D 301 -7.61 -32.88 36.17
N LYS D 302 -7.25 -33.87 35.37
CA LYS D 302 -7.55 -35.25 35.73
C LYS D 302 -6.95 -35.63 37.07
N ASN D 303 -5.97 -34.87 37.55
CA ASN D 303 -5.29 -35.21 38.83
C ASN D 303 -5.78 -34.39 40.02
N LEU D 304 -6.60 -33.40 39.75
CA LEU D 304 -7.08 -32.48 40.78
C LEU D 304 -8.04 -33.22 41.70
N LYS D 305 -7.90 -33.01 43.00
CA LYS D 305 -8.76 -33.68 43.99
C LYS D 305 -9.53 -32.63 44.79
N ALA D 306 -10.85 -32.74 44.79
CA ALA D 306 -11.65 -31.75 45.47
C ALA D 306 -12.14 -32.29 46.82
N SER D 307 -12.29 -31.42 47.81
CA SER D 307 -12.81 -31.84 49.11
C SER D 307 -13.48 -30.63 49.71
N TYR D 308 -14.20 -30.81 50.82
CA TYR D 308 -14.84 -29.66 51.44
C TYR D 308 -14.93 -29.76 52.95
N THR D 309 -15.04 -28.60 53.61
CA THR D 309 -15.43 -28.57 55.01
C THR D 309 -16.71 -27.75 55.18
N LEU D 310 -17.42 -27.99 56.28
CA LEU D 310 -18.62 -27.22 56.63
C LEU D 310 -18.40 -26.35 57.86
N THR D 311 -18.83 -25.09 57.79
CA THR D 311 -18.56 -24.14 58.85
C THR D 311 -19.46 -24.26 60.07
N GLU D 312 -20.57 -24.99 59.94
CA GLU D 312 -21.28 -25.55 61.09
C GLU D 312 -21.52 -27.04 60.94
N PRO D 313 -21.84 -27.72 62.05
CA PRO D 313 -21.96 -29.18 62.05
C PRO D 313 -23.29 -29.72 61.50
N GLN D 314 -24.30 -28.86 61.40
CA GLN D 314 -25.61 -29.28 60.86
C GLN D 314 -26.18 -28.06 60.17
N LEU D 315 -26.94 -28.27 59.11
CA LEU D 315 -27.64 -27.16 58.48
C LEU D 315 -29.07 -27.16 58.96
N THR D 316 -29.57 -25.97 59.26
CA THR D 316 -30.96 -25.77 59.67
C THR D 316 -31.61 -24.68 58.82
N ALA D 317 -32.88 -24.88 58.48
CA ALA D 317 -33.62 -23.93 57.66
C ALA D 317 -33.87 -22.64 58.47
N PRO D 318 -34.05 -21.50 57.77
CA PRO D 318 -34.07 -21.40 56.31
C PRO D 318 -32.67 -21.25 55.73
N LEU D 319 -32.54 -21.58 54.46
CA LEU D 319 -31.28 -21.33 53.73
C LEU D 319 -31.54 -20.51 52.48
N LYS D 320 -30.61 -19.62 52.18
CA LYS D 320 -30.71 -18.69 51.08
C LYS D 320 -29.69 -19.08 50.03
N LYS D 321 -30.11 -19.07 48.78
CA LYS D 321 -29.17 -19.19 47.67
C LYS D 321 -27.97 -18.27 47.86
N GLY D 322 -26.78 -18.87 47.83
CA GLY D 322 -25.55 -18.11 47.86
C GLY D 322 -25.00 -17.99 49.27
N GLN D 323 -25.76 -18.47 50.24
CA GLN D 323 -25.29 -18.55 51.62
C GLN D 323 -24.04 -19.44 51.74
N VAL D 324 -23.01 -18.95 52.41
CA VAL D 324 -21.75 -19.69 52.54
C VAL D 324 -21.84 -20.60 53.72
N VAL D 325 -21.52 -21.88 53.51
CA VAL D 325 -21.71 -22.87 54.54
C VAL D 325 -20.51 -23.79 54.70
N GLY D 326 -19.43 -23.44 54.04
CA GLY D 326 -18.22 -24.27 54.13
C GLY D 326 -17.21 -23.73 53.15
N THR D 327 -16.17 -24.52 52.88
CA THR D 327 -15.19 -24.19 51.84
C THR D 327 -14.76 -25.40 51.02
N ILE D 328 -14.51 -25.20 49.72
CA ILE D 328 -14.02 -26.28 48.86
C ILE D 328 -12.52 -26.12 48.72
N ASP D 329 -11.81 -27.24 48.83
CA ASP D 329 -10.36 -27.26 48.64
C ASP D 329 -10.02 -28.07 47.40
N PHE D 330 -9.16 -27.54 46.55
CA PHE D 330 -8.65 -28.31 45.43
C PHE D 330 -7.16 -28.60 45.66
N GLN D 331 -6.79 -29.87 45.56
CA GLN D 331 -5.40 -30.27 45.78
C GLN D 331 -4.78 -30.94 44.56
N LEU D 332 -3.47 -30.77 44.36
CA LEU D 332 -2.81 -31.45 43.27
C LEU D 332 -1.53 -32.05 43.88
N ASN D 333 -1.37 -33.36 43.73
CA ASN D 333 -0.23 -34.06 44.35
C ASN D 333 -0.02 -33.60 45.80
N GLY D 334 -1.11 -33.59 46.55
CA GLY D 334 -1.10 -33.18 47.96
C GLY D 334 -0.95 -31.71 48.30
N LYS D 335 -0.89 -30.85 47.29
CA LYS D 335 -0.81 -29.43 47.59
C LYS D 335 -2.14 -28.70 47.32
N SER D 336 -2.60 -27.92 48.28
CA SER D 336 -3.78 -27.08 48.05
C SER D 336 -3.45 -25.96 47.07
N ILE D 337 -4.06 -26.00 45.88
CA ILE D 337 -3.86 -24.92 44.93
C ILE D 337 -4.93 -23.85 44.88
N GLU D 338 -6.15 -24.17 45.33
CA GLU D 338 -7.21 -23.15 45.55
C GLU D 338 -8.22 -23.54 46.63
N GLN D 339 -8.85 -22.54 47.27
CA GLN D 339 -10.04 -22.82 48.08
C GLN D 339 -11.14 -21.81 47.84
N ARG D 340 -12.37 -22.31 47.73
CA ARG D 340 -13.50 -21.43 47.40
C ARG D 340 -14.65 -21.67 48.38
N PRO D 341 -15.53 -20.66 48.57
CA PRO D 341 -16.69 -20.92 49.41
C PRO D 341 -17.54 -22.08 48.83
N LEU D 342 -18.00 -22.95 49.71
CA LEU D 342 -19.10 -23.83 49.43
C LEU D 342 -20.39 -23.07 49.73
N ILE D 343 -21.22 -22.90 48.71
CA ILE D 343 -22.39 -22.04 48.88
C ILE D 343 -23.68 -22.78 48.61
N VAL D 344 -24.76 -22.22 49.14
CA VAL D 344 -26.05 -22.82 48.97
C VAL D 344 -26.52 -22.53 47.55
N MET D 345 -26.99 -23.56 46.84
CA MET D 345 -27.35 -23.42 45.46
C MET D 345 -28.85 -23.21 45.23
N GLU D 346 -29.65 -23.29 46.30
CA GLU D 346 -31.13 -23.14 46.14
C GLU D 346 -31.73 -22.72 47.48
N ASN D 347 -32.87 -22.02 47.47
N ASN D 347 -32.91 -22.10 47.41
CA ASN D 347 -33.50 -21.68 48.73
CA ASN D 347 -33.74 -21.78 48.56
C ASN D 347 -34.14 -22.89 49.39
C ASN D 347 -34.20 -22.99 49.38
N VAL D 348 -34.09 -22.91 50.71
CA VAL D 348 -34.80 -23.87 51.56
C VAL D 348 -35.57 -23.06 52.60
N GLU D 349 -36.90 -23.14 52.55
CA GLU D 349 -37.72 -22.37 53.49
C GLU D 349 -37.86 -23.11 54.83
N GLU D 350 -38.14 -22.38 55.91
CA GLU D 350 -38.61 -23.02 57.14
C GLU D 350 -39.76 -23.97 56.78
N GLY D 351 -39.69 -25.20 57.28
CA GLY D 351 -40.78 -26.17 57.11
C GLY D 351 -42.10 -25.53 57.50
N GLY D 352 -43.18 -25.85 56.79
CA GLY D 352 -44.53 -25.59 57.29
C GLY D 352 -45.52 -26.73 57.09
C8 AIX E . 10.78 -2.78 -18.07
C5 AIX E . 11.90 -3.95 -19.84
C6 AIX E . 7.35 -3.86 -21.38
N1 AIX E . 11.01 -3.62 -22.89
C2 AIX E . 6.98 -1.33 -21.78
N3 AIX E . 8.17 -2.80 -23.40
C4 AIX E . 12.64 -3.91 -21.13
C1 AIX E . 5.87 -4.11 -21.65
C3 AIX E . 11.80 -4.48 -22.25
C7 AIX E . 11.48 -2.77 -19.27
C9 AIX E . 10.53 -3.99 -17.43
C10 AIX E . 10.98 -5.18 -17.99
C11 AIX E . 11.66 -5.17 -19.21
C12 AIX E . 7.85 -2.55 -22.00
C13 AIX E . 8.67 -4.14 -23.69
C14 AIX E . 10.17 -4.10 -24.00
C15 AIX E . 10.38 -3.29 -25.25
C16 AIX E . 7.68 -3.91 -19.89
N2 AIX E . 13.87 -4.68 -21.02
O1 AIX E . 6.49 -0.76 -22.78
O2 AIX E . 6.81 -0.90 -20.62
O3 AIX E . 11.90 -5.68 -22.53
O4 AIX E . 10.94 -2.21 -25.30
S1 AIX E . 8.24 -5.10 -22.25
S SO4 F . -0.40 5.84 -11.87
O1 SO4 F . 0.42 4.63 -11.90
O2 SO4 F . -1.76 5.45 -12.23
O3 SO4 F . -0.33 6.42 -10.53
O4 SO4 F . 0.12 6.84 -12.82
S SO4 G . -9.75 -11.15 -17.76
O1 SO4 G . -8.68 -11.66 -18.60
O2 SO4 G . -11.00 -11.81 -18.12
O3 SO4 G . -9.37 -11.31 -16.33
O4 SO4 G . -9.95 -9.73 -18.07
S SO4 H . -49.56 3.76 -5.02
O1 SO4 H . -49.02 2.40 -5.06
O2 SO4 H . -51.02 3.66 -4.81
O3 SO4 H . -48.99 4.55 -3.92
O4 SO4 H . -49.25 4.43 -6.29
S SO4 I . -0.33 0.17 12.89
O1 SO4 I . 0.05 -1.18 13.24
O2 SO4 I . -1.75 0.24 12.56
O3 SO4 I . -0.06 1.07 14.01
O4 SO4 I . 0.47 0.59 11.73
S SO4 J . 7.58 12.17 16.97
O1 SO4 J . 7.79 10.81 17.48
O2 SO4 J . 7.34 12.11 15.53
O3 SO4 J . 6.43 12.78 17.63
O4 SO4 J . 8.77 12.99 17.25
S SO4 K . 17.01 -0.11 27.14
O1 SO4 K . 18.39 -0.56 26.97
O2 SO4 K . 16.22 -0.45 25.96
O3 SO4 K . 16.42 -0.75 28.32
O4 SO4 K . 17.00 1.35 27.28
C8 AIC L . -12.48 -31.47 40.91
C5 AIC L . -13.05 -33.75 41.43
C6 AIC L . -17.24 -35.14 45.32
N1 AIC L . -13.72 -36.18 43.54
C2 AIC L . -17.16 -36.18 47.56
N3 AIC L . -15.55 -36.63 45.81
C4 AIC L . -12.66 -35.18 41.62
C1 AIC L . -18.07 -34.19 46.16
C3 AIC L . -12.67 -35.52 43.07
C7 AIC L . -12.10 -32.79 41.08
C9 AIC L . -13.81 -31.09 41.08
C10 AIC L . -14.77 -32.04 41.42
C11 AIC L . -14.39 -33.37 41.59
C12 AIC L . -16.95 -36.43 46.10
C13 AIC L . -14.58 -35.57 45.79
C14 AIC L . -13.76 -36.58 44.94
C15 AIC L . -14.87 -37.56 45.22
C16 AIC L . -17.93 -35.48 43.99
N2 AIC L . -11.34 -35.49 41.09
O1 AIC L . -17.60 -37.11 48.26
O2 AIC L . -16.89 -35.04 48.01
O3 AIC L . -11.71 -35.19 43.77
O4 AIC L . -15.03 -38.73 44.95
S1 AIC L . -15.66 -34.42 44.98
#